data_8UT3
#
_entry.id   8UT3
#
_cell.length_a   1.00
_cell.length_b   1.00
_cell.length_c   1.00
_cell.angle_alpha   90.00
_cell.angle_beta   90.00
_cell.angle_gamma   90.00
#
_symmetry.space_group_name_H-M   'P 1'
#
loop_
_entity.id
_entity.type
_entity.pdbx_description
1 polymer 'UCA6 HC Fv'
2 polymer 'UCA6 LC Fv'
3 polymer Hemagglutinin
4 branched 2-acetamido-2-deoxy-beta-D-glucopyranose-(1-4)-2-acetamido-2-deoxy-beta-D-glucopyranose
5 non-polymer 2-acetamido-2-deoxy-beta-D-glucopyranose
#
loop_
_entity_poly.entity_id
_entity_poly.type
_entity_poly.pdbx_seq_one_letter_code
_entity_poly.pdbx_strand_id
1 'polypeptide(L)'
;QVQLVQSGAEVKKPGASVKVSCKASGYTFTSYGISWVRQAPGQGLEWMGWISAYNGNTNYAQKLQGRVTMTTDTSTSTAY
MELRSLRSDDTAVYYCARGLLQGVVILDSYYYTMDVWGQGTTVTVSS
;
F
2 'polypeptide(L)'
;EIVLTQSPGTLSLSPGERATLSCRASQSVSSSYLAWYQQKPGQAPRLLIYGASSRATGIPDRFSGSGSGTDFTLTISRLE
PEDFAVYYCQQYGSSPRWTFGQGTKLEIK
;
I
3 'polypeptide(L)'
;QKLPGNDNSTATLCLGHHAVPNGTIVKTITNDQIEVTNATELVQSSSTGEICDSPHQILDGKNCTLIDALLGDPQCDGFQ
NKKWDLFVERSKAYSNCYPYDVPDYASLRSLVASSGTLEFNNESFNWTGVTQNGTSSACIRRSKNSFFSRLNWLTHLNFK
YPALNVTMPNNEQFDKLYIWGVHHPGTDKDQIFLYAQASGRITVSTKRSQQTVSPNIGSRPRVRNIPSRISIYWTIVKPG
DILLINSTGNLIAPRGYFKIRSGKSSIMRSDAPIGKCNSECITPNGSIPNDKPFQNVNRITYGACPRYVKQNTLKLATGM
RNVPEKQTRGIFGAIAGFIENGWEGMVDGWYGFRHQNSEGRGQAADLKSTQAAIDQINGKLNRLIGKTNEKFHQIEKEFS
EVEGRIQDLEKYVEDTKIDLWSYNAELLVALENQHTIDLTDSEMNKLFEKTKKQLRENAEDMGNGCFKIYHKCDNACIGS
IRNGTYDHDVYRDEALNNRFQIKGGSGYIPEAPRDGQAYVRKDGEWVLLSTFLGSGLNDIFEAQKIEWHEGHHHHHH
;
B,A,C
#
# COMPACT_ATOMS: atom_id res chain seq x y z
N VAL A 2 35.30 -13.42 23.78
CA VAL A 2 35.11 -14.75 23.22
C VAL A 2 36.31 -15.11 22.33
N GLN A 3 36.82 -16.33 22.46
CA GLN A 3 38.02 -16.75 21.73
C GLN A 3 37.84 -18.10 21.02
N LEU A 4 38.36 -18.18 19.80
CA LEU A 4 38.50 -19.43 19.06
C LEU A 4 39.98 -19.65 18.83
N VAL A 5 40.49 -20.84 19.19
CA VAL A 5 41.91 -21.18 19.06
C VAL A 5 42.04 -22.38 18.14
N GLN A 6 42.78 -22.22 17.05
CA GLN A 6 42.99 -23.30 16.08
C GLN A 6 44.32 -24.00 16.33
N SER A 7 44.44 -25.20 15.76
CA SER A 7 45.67 -25.96 15.83
C SER A 7 46.78 -25.25 15.03
N GLY A 8 48.00 -25.77 15.15
CA GLY A 8 49.14 -25.17 14.50
C GLY A 8 49.25 -25.55 13.04
N ALA A 9 50.34 -25.10 12.43
CA ALA A 9 50.55 -25.32 11.01
C ALA A 9 50.81 -26.78 10.68
N GLU A 10 50.39 -27.18 9.48
CA GLU A 10 50.55 -28.53 8.99
C GLU A 10 51.17 -28.50 7.59
N VAL A 11 52.01 -29.49 7.31
CA VAL A 11 52.58 -29.71 5.99
C VAL A 11 52.22 -31.13 5.58
N LYS A 12 51.53 -31.28 4.45
CA LYS A 12 51.04 -32.55 3.97
C LYS A 12 51.49 -32.77 2.53
N LYS A 13 51.62 -34.01 2.19
CA LYS A 13 51.90 -34.49 0.85
C LYS A 13 50.60 -34.77 0.11
N PRO A 14 50.54 -34.62 -1.22
CA PRO A 14 49.31 -34.94 -1.94
C PRO A 14 48.82 -36.36 -1.66
N GLY A 15 47.51 -36.48 -1.49
CA GLY A 15 46.86 -37.73 -1.19
C GLY A 15 46.55 -37.93 0.29
N ALA A 16 47.22 -37.17 1.16
CA ALA A 16 46.99 -37.23 2.59
C ALA A 16 45.76 -36.41 2.96
N SER A 17 45.24 -36.66 4.16
CA SER A 17 44.18 -35.85 4.74
C SER A 17 44.72 -35.04 5.90
N VAL A 18 44.06 -33.91 6.18
CA VAL A 18 44.40 -33.06 7.33
C VAL A 18 43.16 -32.82 8.15
N LYS A 19 43.29 -32.92 9.48
CA LYS A 19 42.20 -32.66 10.41
C LYS A 19 42.57 -31.44 11.23
N VAL A 20 41.82 -30.35 11.06
CA VAL A 20 42.08 -29.08 11.71
C VAL A 20 41.08 -28.91 12.85
N SER A 21 41.58 -28.68 14.06
CA SER A 21 40.74 -28.47 15.22
C SER A 21 40.50 -26.98 15.47
N CYS A 22 39.41 -26.70 16.18
CA CYS A 22 39.03 -25.34 16.58
C CYS A 22 38.38 -25.42 17.95
N LYS A 23 39.08 -24.91 18.97
CA LYS A 23 38.62 -24.93 20.34
C LYS A 23 37.95 -23.61 20.67
N ALA A 24 36.76 -23.67 21.27
CA ALA A 24 36.00 -22.48 21.65
C ALA A 24 36.12 -22.21 23.14
N SER A 25 36.11 -20.92 23.49
CA SER A 25 36.10 -20.52 24.89
C SER A 25 35.36 -19.19 25.03
N GLY A 26 34.60 -19.06 26.12
CA GLY A 26 33.88 -17.84 26.42
C GLY A 26 32.42 -17.83 26.05
N TYR A 27 31.88 -18.91 25.49
CA TYR A 27 30.47 -18.95 25.13
C TYR A 27 30.07 -20.42 25.11
N THR A 28 28.79 -20.68 25.38
CA THR A 28 28.33 -22.06 25.34
C THR A 28 28.57 -22.59 23.93
N PHE A 29 29.37 -23.66 23.84
CA PHE A 29 29.75 -24.21 22.55
C PHE A 29 28.53 -24.66 21.75
N THR A 30 27.60 -25.35 22.39
CA THR A 30 26.46 -25.94 21.69
C THR A 30 25.38 -24.91 21.38
N SER A 31 25.59 -23.63 21.67
CA SER A 31 24.67 -22.57 21.35
C SER A 31 24.91 -21.95 19.96
N TYR A 32 25.96 -22.37 19.25
CA TYR A 32 26.28 -21.78 17.96
C TYR A 32 26.91 -22.85 17.07
N GLY A 33 26.85 -22.61 15.75
CA GLY A 33 27.56 -23.44 14.81
C GLY A 33 28.97 -22.93 14.55
N ILE A 34 29.77 -23.78 13.90
CA ILE A 34 31.14 -23.44 13.51
C ILE A 34 31.24 -23.53 11.99
N SER A 35 31.69 -22.43 11.37
CA SER A 35 31.88 -22.33 9.93
C SER A 35 33.36 -22.40 9.61
N TRP A 36 33.72 -23.06 8.52
CA TRP A 36 35.09 -23.13 8.03
C TRP A 36 35.20 -22.41 6.69
N VAL A 37 36.21 -21.55 6.59
CA VAL A 37 36.50 -20.68 5.45
C VAL A 37 37.95 -20.82 5.03
N ARG A 38 38.19 -20.93 3.72
CA ARG A 38 39.54 -21.10 3.17
C ARG A 38 40.01 -19.81 2.49
N GLN A 39 41.15 -19.28 2.95
CA GLN A 39 41.79 -18.11 2.37
C GLN A 39 43.02 -18.61 1.62
N ALA A 40 42.90 -18.73 0.31
CA ALA A 40 44.00 -19.20 -0.51
C ALA A 40 45.05 -18.10 -0.61
N PRO A 41 46.28 -18.44 -0.99
CA PRO A 41 47.25 -17.37 -1.31
C PRO A 41 46.66 -16.48 -2.39
N GLY A 42 46.66 -15.17 -2.12
CA GLY A 42 45.98 -14.30 -3.07
C GLY A 42 44.50 -14.66 -3.00
N GLN A 43 43.75 -14.35 -4.06
CA GLN A 43 42.35 -14.74 -4.13
C GLN A 43 41.52 -14.21 -2.97
N GLY A 44 40.24 -14.55 -2.91
CA GLY A 44 39.36 -14.12 -1.85
C GLY A 44 39.10 -15.23 -0.85
N LEU A 45 38.00 -15.10 -0.12
CA LEU A 45 37.62 -16.06 0.90
C LEU A 45 36.62 -17.05 0.33
N GLU A 46 37.00 -18.32 0.31
CA GLU A 46 36.12 -19.38 -0.15
C GLU A 46 35.53 -20.04 1.08
N TRP A 47 34.20 -20.04 1.18
CA TRP A 47 33.54 -20.71 2.28
C TRP A 47 33.56 -22.20 2.00
N MET A 48 33.91 -22.99 3.02
CA MET A 48 33.99 -24.44 2.85
C MET A 48 32.80 -25.15 3.47
N GLY A 49 32.30 -24.69 4.60
CA GLY A 49 31.23 -25.45 5.22
C GLY A 49 30.89 -24.95 6.60
N TRP A 50 29.86 -25.56 7.15
CA TRP A 50 29.36 -25.21 8.47
C TRP A 50 28.81 -26.46 9.13
N ILE A 51 29.04 -26.57 10.45
CA ILE A 51 28.49 -27.65 11.26
C ILE A 51 27.84 -27.07 12.51
N SER A 52 26.66 -27.60 12.85
CA SER A 52 25.94 -27.17 14.04
C SER A 52 26.43 -27.90 15.26
N ALA A 53 27.01 -27.17 16.21
CA ALA A 53 27.44 -27.79 17.46
C ALA A 53 26.21 -28.23 18.26
N TYR A 54 25.11 -27.50 18.09
CA TYR A 54 23.88 -27.77 18.83
C TYR A 54 23.33 -29.15 18.50
N ASN A 55 23.18 -29.47 17.21
CA ASN A 55 22.57 -30.74 16.78
C ASN A 55 23.38 -31.57 15.79
N GLY A 56 24.58 -31.13 15.40
CA GLY A 56 25.40 -31.93 14.50
C GLY A 56 25.12 -31.80 13.02
N ASN A 57 24.16 -30.97 12.61
CA ASN A 57 23.86 -30.81 11.19
C ASN A 57 25.02 -30.12 10.48
N THR A 58 25.24 -30.48 9.21
CA THR A 58 26.28 -29.89 8.38
C THR A 58 25.73 -29.37 7.06
N ASN A 59 26.54 -28.52 6.44
CA ASN A 59 26.31 -27.98 5.10
C ASN A 59 27.68 -27.78 4.48
N TYR A 60 27.87 -28.27 3.25
CA TYR A 60 29.15 -28.17 2.56
C TYR A 60 29.06 -27.42 1.25
N ALA A 61 30.17 -26.76 0.91
CA ALA A 61 30.30 -26.15 -0.40
C ALA A 61 30.29 -27.25 -1.45
N GLN A 62 29.65 -26.98 -2.58
CA GLN A 62 29.51 -28.03 -3.60
C GLN A 62 30.86 -28.51 -4.10
N LYS A 63 31.85 -27.63 -4.18
CA LYS A 63 33.18 -28.01 -4.66
C LYS A 63 33.85 -29.04 -3.74
N LEU A 64 33.48 -29.08 -2.46
CA LEU A 64 34.07 -29.97 -1.47
C LEU A 64 33.14 -31.07 -0.99
N GLN A 65 32.02 -31.32 -1.68
CA GLN A 65 31.12 -32.37 -1.20
C GLN A 65 31.81 -33.71 -1.42
N GLY A 66 31.67 -34.60 -0.43
CA GLY A 66 32.29 -35.90 -0.50
C GLY A 66 33.74 -35.92 -0.05
N ARG A 67 34.35 -34.76 0.24
CA ARG A 67 35.73 -34.66 0.65
C ARG A 67 35.94 -34.22 2.10
N VAL A 68 35.05 -33.41 2.66
CA VAL A 68 35.24 -32.83 3.99
C VAL A 68 34.22 -33.42 4.97
N THR A 69 34.71 -33.87 6.12
CA THR A 69 33.87 -34.36 7.21
C THR A 69 34.10 -33.49 8.43
N MET A 70 33.03 -32.92 8.98
CA MET A 70 33.05 -32.07 10.16
C MET A 70 32.44 -32.80 11.34
N THR A 71 32.99 -32.57 12.52
CA THR A 71 32.52 -33.20 13.75
C THR A 71 32.76 -32.24 14.91
N THR A 72 31.98 -32.41 15.97
CA THR A 72 32.14 -31.62 17.19
C THR A 72 32.27 -32.55 18.38
N ASP A 73 32.84 -32.01 19.44
CA ASP A 73 32.97 -32.67 20.73
C ASP A 73 32.56 -31.67 21.80
N THR A 74 31.36 -31.87 22.33
CA THR A 74 30.77 -30.96 23.30
C THR A 74 31.58 -30.90 24.59
N SER A 75 32.10 -32.05 25.03
CA SER A 75 32.80 -32.11 26.32
C SER A 75 34.06 -31.26 26.29
N THR A 76 34.78 -31.26 25.18
CA THR A 76 35.97 -30.43 25.02
C THR A 76 35.64 -29.06 24.45
N SER A 77 34.41 -28.88 23.93
CA SER A 77 34.01 -27.65 23.26
C SER A 77 34.92 -27.40 22.06
N THR A 78 35.15 -28.46 21.28
CA THR A 78 36.01 -28.39 20.11
C THR A 78 35.23 -28.83 18.87
N ALA A 79 35.68 -28.34 17.72
CA ALA A 79 35.18 -28.74 16.42
C ALA A 79 36.37 -29.21 15.59
N TYR A 80 36.12 -30.16 14.70
CA TYR A 80 37.15 -30.69 13.82
C TYR A 80 36.62 -30.68 12.40
N MET A 81 37.54 -30.45 11.46
CA MET A 81 37.27 -30.52 10.04
C MET A 81 38.36 -31.37 9.39
N GLU A 82 37.99 -32.51 8.83
CA GLU A 82 38.92 -33.40 8.13
C GLU A 82 38.72 -33.22 6.62
N LEU A 83 39.78 -32.79 5.94
CA LEU A 83 39.82 -32.59 4.50
C LEU A 83 40.64 -33.74 3.91
N ARG A 84 39.97 -34.59 3.12
CA ARG A 84 40.56 -35.78 2.54
C ARG A 84 41.14 -35.52 1.16
N SER A 85 42.07 -36.39 0.75
CA SER A 85 42.67 -36.39 -0.57
C SER A 85 43.23 -35.02 -0.96
N LEU A 86 44.10 -34.49 -0.10
CA LEU A 86 44.64 -33.15 -0.33
C LEU A 86 45.42 -33.09 -1.65
N ARG A 87 45.27 -31.97 -2.34
CA ARG A 87 45.96 -31.69 -3.59
C ARG A 87 46.70 -30.37 -3.37
N SER A 88 47.67 -30.06 -4.24
CA SER A 88 48.43 -28.82 -4.08
C SER A 88 47.58 -27.56 -4.17
N ASP A 89 46.41 -27.64 -4.79
CA ASP A 89 45.48 -26.53 -4.89
C ASP A 89 44.91 -26.13 -3.54
N ASP A 90 45.00 -27.00 -2.54
CA ASP A 90 44.41 -26.77 -1.22
C ASP A 90 45.32 -26.03 -0.25
N THR A 91 46.53 -25.62 -0.67
CA THR A 91 47.35 -24.82 0.24
C THR A 91 46.64 -23.51 0.51
N ALA A 92 46.42 -23.21 1.78
CA ALA A 92 45.66 -22.04 2.16
C ALA A 92 45.71 -21.89 3.67
N VAL A 93 45.24 -20.73 4.14
CA VAL A 93 45.02 -20.51 5.57
C VAL A 93 43.55 -20.82 5.85
N TYR A 94 43.32 -21.80 6.72
CA TYR A 94 41.98 -22.27 7.05
C TYR A 94 41.52 -21.64 8.36
N TYR A 95 40.39 -20.95 8.32
CA TYR A 95 39.84 -20.29 9.49
C TYR A 95 38.57 -21.00 9.94
N CYS A 96 38.36 -21.01 11.25
CA CYS A 96 37.11 -21.44 11.87
C CYS A 96 36.48 -20.19 12.45
N ALA A 97 35.15 -20.16 12.47
CA ALA A 97 34.45 -19.02 13.03
C ALA A 97 33.12 -19.42 13.63
N ARG A 98 32.65 -18.63 14.59
CA ARG A 98 31.33 -18.87 15.15
C ARG A 98 30.31 -18.59 14.06
N GLY A 99 29.35 -19.49 13.91
CA GLY A 99 28.34 -19.38 12.87
C GLY A 99 26.98 -18.92 13.36
N LEU A 100 25.96 -19.69 13.01
CA LEU A 100 24.58 -19.34 13.32
C LEU A 100 24.27 -19.59 14.78
N LEU A 101 23.35 -18.80 15.32
CA LEU A 101 22.79 -19.10 16.62
C LEU A 101 21.92 -20.35 16.50
N GLN A 102 21.99 -21.23 17.49
CA GLN A 102 21.22 -22.47 17.47
C GLN A 102 20.42 -22.60 18.76
N GLY A 103 19.21 -23.15 18.64
CA GLY A 103 18.35 -23.40 19.77
C GLY A 103 17.54 -22.20 20.22
N VAL A 104 17.74 -21.04 19.61
CA VAL A 104 17.07 -19.80 19.96
C VAL A 104 16.55 -19.17 18.69
N VAL A 105 15.37 -18.55 18.76
CA VAL A 105 14.81 -17.87 17.61
C VAL A 105 15.58 -16.58 17.39
N ILE A 106 16.02 -16.36 16.15
CA ILE A 106 16.83 -15.19 15.81
C ILE A 106 15.94 -14.07 15.29
N LEU A 107 15.93 -12.95 16.02
CA LEU A 107 15.21 -11.75 15.60
C LEU A 107 16.15 -10.69 15.05
N ASP A 108 17.37 -10.63 15.59
CA ASP A 108 18.38 -9.68 15.20
C ASP A 108 19.12 -10.20 13.97
N SER A 109 19.76 -9.29 13.25
CA SER A 109 20.54 -9.65 12.08
C SER A 109 21.98 -10.03 12.44
N TYR A 110 22.41 -9.73 13.68
CA TYR A 110 23.75 -10.05 14.12
C TYR A 110 24.06 -11.53 13.98
N TYR A 111 23.10 -12.39 14.31
CA TYR A 111 23.36 -13.82 14.42
C TYR A 111 23.37 -14.54 13.08
N TYR A 112 23.30 -13.81 11.96
CA TYR A 112 23.44 -14.38 10.63
C TYR A 112 24.83 -14.12 10.06
N THR A 113 25.73 -13.57 10.86
CA THR A 113 27.09 -13.24 10.46
C THR A 113 28.06 -14.08 11.29
N MET A 114 29.31 -14.05 10.86
CA MET A 114 30.41 -14.77 11.49
C MET A 114 31.26 -13.72 12.21
N ASP A 115 30.99 -13.53 13.51
CA ASP A 115 31.59 -12.44 14.27
C ASP A 115 32.83 -12.80 15.07
N VAL A 116 33.19 -14.07 15.15
CA VAL A 116 34.39 -14.52 15.86
C VAL A 116 35.16 -15.43 14.93
N TRP A 117 36.42 -15.11 14.68
CA TRP A 117 37.26 -15.89 13.78
C TRP A 117 38.47 -16.42 14.53
N GLY A 118 38.96 -17.57 14.08
CA GLY A 118 40.18 -18.15 14.62
C GLY A 118 41.40 -17.47 14.04
N GLN A 119 42.57 -18.05 14.34
CA GLN A 119 43.82 -17.40 13.94
C GLN A 119 44.20 -17.71 12.50
N GLY A 120 43.89 -18.92 12.01
CA GLY A 120 44.33 -19.36 10.71
C GLY A 120 45.47 -20.34 10.87
N THR A 121 45.35 -21.55 10.34
CA THR A 121 46.38 -22.56 10.58
C THR A 121 47.49 -22.59 9.53
N THR A 122 47.27 -22.05 8.33
CA THR A 122 48.31 -22.10 7.31
C THR A 122 48.69 -23.55 7.01
N VAL A 123 47.87 -24.25 6.22
CA VAL A 123 48.13 -25.64 5.85
C VAL A 123 48.77 -25.64 4.46
N THR A 124 49.93 -26.27 4.36
CA THR A 124 50.69 -26.36 3.12
C THR A 124 50.57 -27.78 2.58
N VAL A 125 50.23 -27.90 1.30
CA VAL A 125 50.09 -29.18 0.62
C VAL A 125 51.12 -29.21 -0.51
N SER A 126 51.99 -30.22 -0.49
CA SER A 126 53.10 -30.40 -1.43
C SER A 126 54.16 -29.33 -1.19
N ILE B 2 23.84 -17.97 -4.25
CA ILE B 2 24.03 -17.19 -5.46
C ILE B 2 25.52 -16.87 -5.62
N VAL B 3 25.83 -15.92 -6.50
CA VAL B 3 27.20 -15.44 -6.71
C VAL B 3 27.21 -13.94 -6.53
N LEU B 4 28.27 -13.43 -5.89
CA LEU B 4 28.46 -12.01 -5.66
C LEU B 4 29.59 -11.50 -6.55
N THR B 5 29.42 -10.28 -7.08
CA THR B 5 30.46 -9.61 -7.86
C THR B 5 30.96 -8.42 -7.05
N GLN B 6 32.26 -8.40 -6.78
CA GLN B 6 32.83 -7.35 -5.94
C GLN B 6 32.84 -6.00 -6.65
N SER B 7 33.10 -5.99 -7.95
CA SER B 7 33.27 -4.80 -8.78
C SER B 7 34.07 -3.69 -8.07
N PRO B 8 35.33 -3.95 -7.72
CA PRO B 8 36.10 -2.99 -6.90
C PRO B 8 36.15 -1.59 -7.49
N GLY B 9 35.78 -0.61 -6.67
CA GLY B 9 35.78 0.80 -7.07
C GLY B 9 36.63 1.71 -6.21
N THR B 10 37.35 1.16 -5.22
CA THR B 10 38.12 1.94 -4.26
C THR B 10 39.53 1.38 -4.10
N LEU B 11 40.13 0.93 -5.20
CA LEU B 11 41.43 0.28 -5.10
C LEU B 11 42.53 1.22 -4.61
N SER B 12 42.47 2.52 -4.94
CA SER B 12 43.50 3.47 -4.56
C SER B 12 42.89 4.74 -3.97
N LEU B 13 43.01 4.91 -2.66
CA LEU B 13 42.48 6.03 -1.90
C LEU B 13 43.57 6.50 -0.95
N SER B 14 43.31 7.57 -0.21
CA SER B 14 44.27 8.12 0.74
C SER B 14 43.53 8.64 1.98
N PRO B 15 44.24 8.84 3.09
CA PRO B 15 43.59 9.33 4.31
C PRO B 15 42.78 10.59 4.10
N GLY B 16 41.59 10.62 4.71
CA GLY B 16 40.68 11.75 4.59
C GLY B 16 39.65 11.62 3.50
N GLU B 17 39.81 10.66 2.59
CA GLU B 17 38.88 10.47 1.48
C GLU B 17 37.73 9.57 1.92
N ARG B 18 36.59 9.73 1.25
CA ARG B 18 35.42 8.90 1.50
C ARG B 18 35.43 7.70 0.58
N ALA B 19 35.26 6.51 1.16
CA ALA B 19 35.21 5.29 0.38
C ALA B 19 33.82 5.07 -0.20
N THR B 20 33.77 4.55 -1.42
CA THR B 20 32.54 4.22 -2.12
C THR B 20 32.53 2.72 -2.45
N LEU B 21 33.19 1.93 -1.61
CA LEU B 21 33.34 0.50 -1.81
C LEU B 21 31.97 -0.17 -1.75
N SER B 22 31.65 -0.99 -2.75
CA SER B 22 30.31 -1.56 -2.87
C SER B 22 30.36 -3.01 -3.35
N CYS B 23 29.19 -3.64 -3.32
CA CYS B 23 28.99 -5.03 -3.65
C CYS B 23 27.64 -5.18 -4.36
N ARG B 24 27.63 -5.96 -5.45
CA ARG B 24 26.44 -6.28 -6.19
C ARG B 24 26.20 -7.79 -6.19
N ALA B 25 24.99 -8.19 -5.80
CA ALA B 25 24.57 -9.58 -5.78
C ALA B 25 23.98 -9.96 -7.14
N SER B 26 24.17 -11.21 -7.54
CA SER B 26 23.55 -11.64 -8.79
C SER B 26 22.03 -11.70 -8.69
N GLN B 27 21.49 -11.79 -7.48
CA GLN B 27 20.06 -11.81 -7.20
C GLN B 27 19.83 -10.88 -6.03
N SER B 28 18.61 -10.35 -5.91
CA SER B 28 18.34 -9.51 -4.74
C SER B 28 18.34 -10.40 -3.50
N VAL B 29 18.75 -9.80 -2.38
CA VAL B 29 18.80 -10.49 -1.09
C VAL B 29 18.21 -9.61 0.01
N SER B 30 17.85 -10.27 1.10
CA SER B 30 17.42 -9.55 2.29
C SER B 30 18.60 -8.78 2.87
N SER B 31 18.33 -7.56 3.34
CA SER B 31 19.39 -6.74 3.90
C SER B 31 19.94 -7.34 5.20
N SER B 32 19.11 -8.10 5.92
CA SER B 32 19.53 -8.73 7.16
C SER B 32 20.57 -9.83 6.95
N TYR B 33 20.73 -10.34 5.72
CA TYR B 33 21.64 -11.44 5.43
C TYR B 33 22.96 -11.02 4.81
N LEU B 34 23.23 -9.72 4.71
CA LEU B 34 24.48 -9.23 4.14
C LEU B 34 25.33 -8.60 5.22
N ALA B 35 26.65 -8.73 5.08
CA ALA B 35 27.59 -8.17 6.05
C ALA B 35 28.89 -7.78 5.37
N TRP B 36 29.61 -6.85 6.01
CA TRP B 36 30.93 -6.41 5.57
C TRP B 36 31.99 -6.81 6.58
N TYR B 37 33.12 -7.30 6.06
CA TYR B 37 34.28 -7.72 6.85
C TYR B 37 35.56 -7.01 6.41
N GLN B 38 36.43 -6.76 7.38
CA GLN B 38 37.75 -6.15 7.16
C GLN B 38 38.82 -7.19 7.46
N GLN B 39 39.66 -7.50 6.49
CA GLN B 39 40.78 -8.42 6.66
C GLN B 39 42.08 -7.67 6.44
N LYS B 40 42.86 -7.50 7.52
CA LYS B 40 44.16 -6.87 7.47
C LYS B 40 45.20 -7.90 7.09
N PRO B 41 46.31 -7.52 6.46
CA PRO B 41 47.35 -8.52 6.14
C PRO B 41 47.84 -9.23 7.39
N GLY B 42 47.92 -10.56 7.31
CA GLY B 42 48.42 -11.37 8.40
C GLY B 42 47.44 -11.67 9.52
N GLN B 43 46.19 -11.21 9.40
CA GLN B 43 45.18 -11.40 10.45
C GLN B 43 43.91 -12.00 9.86
N ALA B 44 43.18 -12.70 10.73
CA ALA B 44 41.90 -13.26 10.34
C ALA B 44 40.87 -12.14 10.09
N PRO B 45 39.92 -12.34 9.18
CA PRO B 45 38.88 -11.33 8.98
C PRO B 45 38.11 -11.05 10.27
N ARG B 46 37.72 -9.79 10.45
CA ARG B 46 36.88 -9.36 11.55
C ARG B 46 35.61 -8.76 10.96
N LEU B 47 34.51 -8.96 11.65
CA LEU B 47 33.22 -8.41 11.24
C LEU B 47 33.14 -6.93 11.54
N LEU B 48 32.73 -6.13 10.55
CA LEU B 48 32.50 -4.70 10.71
C LEU B 48 31.02 -4.39 10.76
N ILE B 49 30.27 -4.76 9.71
CA ILE B 49 28.87 -4.39 9.58
C ILE B 49 28.03 -5.65 9.42
N TYR B 50 26.97 -5.78 10.22
CA TYR B 50 26.04 -6.88 10.09
C TYR B 50 24.74 -6.27 9.59
N GLY B 51 24.01 -7.03 8.79
CA GLY B 51 22.89 -6.40 8.14
C GLY B 51 23.49 -5.44 7.11
N ALA B 52 22.65 -4.53 6.60
CA ALA B 52 23.18 -3.58 5.63
C ALA B 52 23.86 -2.38 6.26
N SER B 53 23.46 -1.99 7.49
CA SER B 53 23.95 -0.75 8.09
C SER B 53 24.30 -0.80 9.57
N SER B 54 24.21 -1.94 10.25
CA SER B 54 24.41 -1.97 11.70
C SER B 54 25.86 -2.29 12.06
N ARG B 55 26.41 -1.51 12.99
CA ARG B 55 27.76 -1.73 13.48
C ARG B 55 27.74 -2.90 14.47
N ALA B 56 28.75 -3.76 14.37
CA ALA B 56 28.80 -4.95 15.23
C ALA B 56 29.43 -4.68 16.61
N THR B 57 30.74 -4.86 16.74
CA THR B 57 31.46 -4.67 17.98
C THR B 57 32.05 -3.28 17.97
N GLY B 58 32.93 -2.99 18.93
CA GLY B 58 33.53 -1.66 19.04
C GLY B 58 34.16 -1.32 17.71
N ILE B 59 33.82 -0.16 17.15
CA ILE B 59 34.27 0.22 15.84
C ILE B 59 34.23 1.74 15.73
N PRO B 60 35.11 2.39 14.98
CA PRO B 60 34.96 3.84 14.79
C PRO B 60 33.65 4.21 14.12
N ASP B 61 33.14 5.39 14.47
CA ASP B 61 31.88 5.89 13.97
C ASP B 61 31.88 6.07 12.45
N ARG B 62 33.07 6.18 11.85
CA ARG B 62 33.17 6.37 10.41
C ARG B 62 32.70 5.16 9.60
N PHE B 63 32.65 3.96 10.21
CA PHE B 63 32.26 2.75 9.50
C PHE B 63 30.74 2.58 9.54
N SER B 64 30.07 3.44 8.78
CA SER B 64 28.61 3.47 8.71
C SER B 64 28.21 3.23 7.26
N GLY B 65 27.67 2.04 6.99
CA GLY B 65 27.33 1.62 5.65
C GLY B 65 25.82 1.62 5.42
N SER B 66 25.45 1.28 4.21
CA SER B 66 24.02 1.24 3.87
C SER B 66 23.87 0.48 2.56
N GLY B 67 22.63 0.14 2.24
CA GLY B 67 22.34 -0.48 0.96
C GLY B 67 21.01 -1.19 1.01
N SER B 68 20.60 -1.68 -0.16
CA SER B 68 19.33 -2.39 -0.26
C SER B 68 19.29 -3.15 -1.58
N GLY B 69 18.31 -4.04 -1.68
CA GLY B 69 18.07 -4.70 -2.95
C GLY B 69 19.26 -5.51 -3.38
N THR B 70 19.81 -5.13 -4.52
CA THR B 70 20.94 -5.78 -5.14
C THR B 70 22.25 -4.99 -4.98
N ASP B 71 22.22 -3.80 -4.37
CA ASP B 71 23.38 -2.92 -4.31
C ASP B 71 23.64 -2.43 -2.89
N PHE B 72 24.82 -2.76 -2.36
CA PHE B 72 25.19 -2.40 -0.99
C PHE B 72 26.53 -1.66 -1.01
N THR B 73 26.68 -0.65 -0.15
CA THR B 73 27.88 0.17 -0.08
C THR B 73 28.39 0.26 1.36
N LEU B 74 29.71 0.08 1.53
CA LEU B 74 30.35 0.18 2.84
C LEU B 74 30.34 1.62 3.36
N THR B 75 30.62 2.59 2.50
CA THR B 75 30.62 4.02 2.82
C THR B 75 31.43 4.38 4.06
N ILE B 76 32.76 4.28 3.94
CA ILE B 76 33.65 4.69 5.03
C ILE B 76 33.74 6.21 4.95
N SER B 77 33.30 6.88 6.03
CA SER B 77 33.18 8.34 6.01
C SER B 77 34.49 9.07 5.73
N ARG B 78 35.54 8.78 6.51
CA ARG B 78 36.86 9.39 6.30
C ARG B 78 37.94 8.38 6.62
N LEU B 79 38.77 8.03 5.65
CA LEU B 79 39.77 7.00 5.87
C LEU B 79 40.90 7.47 6.76
N GLU B 80 41.45 6.52 7.51
CA GLU B 80 42.66 6.65 8.31
C GLU B 80 43.64 5.58 7.86
N PRO B 81 44.95 5.78 8.10
CA PRO B 81 45.94 4.75 7.69
C PRO B 81 45.64 3.34 8.14
N GLU B 82 45.02 3.16 9.30
CA GLU B 82 44.70 1.83 9.82
C GLU B 82 43.56 1.16 9.07
N ASP B 83 42.85 1.88 8.21
CA ASP B 83 41.69 1.34 7.50
C ASP B 83 42.03 0.68 6.18
N PHE B 84 43.28 0.70 5.75
CA PHE B 84 43.63 0.08 4.48
C PHE B 84 43.77 -1.41 4.68
N ALA B 85 42.93 -2.17 3.99
CA ALA B 85 42.76 -3.60 4.22
C ALA B 85 41.93 -4.14 3.06
N VAL B 86 41.79 -5.46 2.99
CA VAL B 86 40.88 -6.05 2.01
C VAL B 86 39.51 -6.15 2.65
N TYR B 87 38.49 -5.63 1.97
CA TYR B 87 37.12 -5.63 2.47
C TYR B 87 36.31 -6.65 1.69
N TYR B 88 35.62 -7.53 2.42
CA TYR B 88 34.83 -8.60 1.84
C TYR B 88 33.35 -8.38 2.09
N CYS B 89 32.56 -8.70 1.06
CA CYS B 89 31.10 -8.65 1.10
C CYS B 89 30.62 -10.08 1.32
N GLN B 90 29.83 -10.29 2.38
CA GLN B 90 29.29 -11.58 2.76
C GLN B 90 27.79 -11.59 2.56
N GLN B 91 27.29 -12.72 2.04
CA GLN B 91 25.86 -12.94 1.87
C GLN B 91 25.48 -14.28 2.48
N TYR B 92 24.53 -14.25 3.40
CA TYR B 92 23.96 -15.46 4.00
C TYR B 92 22.75 -15.91 3.17
N GLY B 93 22.68 -17.22 2.92
CA GLY B 93 21.58 -17.80 2.17
C GLY B 93 20.49 -18.34 3.08
N SER B 94 19.49 -18.94 2.46
CA SER B 94 18.42 -19.57 3.25
C SER B 94 18.97 -20.75 4.04
N SER B 95 19.77 -21.58 3.39
CA SER B 95 20.41 -22.70 4.05
C SER B 95 21.55 -22.15 4.89
N PRO B 96 22.09 -22.93 5.84
CA PRO B 96 23.17 -22.35 6.65
C PRO B 96 24.49 -22.30 5.88
N ARG B 97 24.50 -21.46 4.86
CA ARG B 97 25.60 -21.30 3.93
C ARG B 97 25.90 -19.81 3.77
N TRP B 98 27.18 -19.50 3.65
CA TRP B 98 27.68 -18.15 3.43
C TRP B 98 28.47 -18.11 2.14
N THR B 99 28.41 -16.97 1.45
CA THR B 99 29.24 -16.73 0.27
C THR B 99 29.92 -15.38 0.44
N PHE B 100 31.13 -15.28 -0.10
CA PHE B 100 31.92 -14.07 -0.07
C PHE B 100 32.19 -13.58 -1.49
N GLY B 101 32.42 -12.28 -1.61
CA GLY B 101 32.83 -11.68 -2.86
C GLY B 101 34.32 -11.91 -3.05
N GLN B 102 34.86 -11.23 -4.06
CA GLN B 102 36.27 -11.44 -4.40
C GLN B 102 37.18 -10.62 -3.52
N GLY B 103 36.68 -9.52 -2.95
CA GLY B 103 37.45 -8.68 -2.06
C GLY B 103 38.00 -7.43 -2.71
N THR B 104 37.73 -6.27 -2.13
CA THR B 104 38.25 -5.01 -2.63
C THR B 104 39.44 -4.63 -1.75
N LYS B 105 40.62 -4.51 -2.36
CA LYS B 105 41.82 -4.15 -1.63
C LYS B 105 41.89 -2.62 -1.56
N LEU B 106 41.72 -2.06 -0.36
CA LEU B 106 41.77 -0.63 -0.15
C LEU B 106 43.16 -0.32 0.38
N GLU B 107 43.98 0.34 -0.45
CA GLU B 107 45.35 0.67 -0.14
C GLU B 107 45.63 2.13 -0.46
N ILE B 108 46.63 2.66 0.23
CA ILE B 108 47.15 4.02 0.05
C ILE B 108 47.21 4.43 -1.43
N ASN C 8 13.74 -63.66 -5.24
CA ASN C 8 13.93 -63.69 -3.80
C ASN C 8 12.57 -63.90 -3.11
N SER C 9 12.58 -63.99 -1.79
CA SER C 9 11.37 -64.19 -1.01
C SER C 9 10.70 -62.87 -0.61
N THR C 10 11.37 -61.74 -0.78
CA THR C 10 10.89 -60.43 -0.36
C THR C 10 11.10 -59.44 -1.49
N ALA C 11 10.14 -58.55 -1.69
CA ALA C 11 10.22 -57.50 -2.69
C ALA C 11 10.22 -56.13 -2.00
N THR C 12 10.86 -55.15 -2.64
CA THR C 12 10.81 -53.76 -2.19
C THR C 12 10.03 -52.95 -3.19
N LEU C 13 9.05 -52.18 -2.71
CA LEU C 13 8.25 -51.27 -3.51
C LEU C 13 8.43 -49.85 -2.97
N CYS C 14 9.07 -48.98 -3.72
CA CYS C 14 9.34 -47.62 -3.30
C CYS C 14 8.46 -46.65 -4.07
N LEU C 15 8.07 -45.57 -3.39
CA LEU C 15 7.26 -44.50 -3.96
C LEU C 15 8.03 -43.20 -3.92
N GLY C 16 7.87 -42.39 -4.96
CA GLY C 16 8.58 -41.13 -4.98
C GLY C 16 8.01 -40.18 -6.02
N HIS C 17 8.75 -39.09 -6.21
CA HIS C 17 8.33 -38.02 -7.11
C HIS C 17 9.51 -37.57 -7.95
N HIS C 18 9.22 -36.91 -9.06
CA HIS C 18 10.29 -36.55 -9.99
C HIS C 18 11.13 -35.39 -9.45
N ALA C 19 12.30 -35.24 -10.05
CA ALA C 19 13.20 -34.14 -9.78
C ALA C 19 13.87 -33.76 -11.09
N VAL C 20 14.45 -32.55 -11.14
CA VAL C 20 15.12 -32.07 -12.33
C VAL C 20 16.57 -31.70 -11.98
N PRO C 21 17.53 -31.84 -12.90
CA PRO C 21 18.92 -31.45 -12.59
C PRO C 21 19.10 -30.04 -12.05
N ASN C 22 18.32 -29.08 -12.56
CA ASN C 22 18.44 -27.68 -12.14
C ASN C 22 17.04 -27.07 -12.08
N GLY C 23 16.57 -26.80 -10.87
CA GLY C 23 15.26 -26.22 -10.64
C GLY C 23 15.34 -24.71 -10.58
N THR C 24 14.29 -24.10 -10.02
CA THR C 24 14.18 -22.66 -9.89
C THR C 24 13.87 -22.33 -8.44
N ILE C 25 14.06 -21.08 -8.08
CA ILE C 25 13.89 -20.61 -6.70
C ILE C 25 12.66 -19.74 -6.61
N VAL C 26 11.76 -20.07 -5.67
CA VAL C 26 10.56 -19.29 -5.43
C VAL C 26 10.53 -18.92 -3.95
N LYS C 27 9.70 -17.93 -3.63
CA LYS C 27 9.49 -17.48 -2.27
C LYS C 27 8.17 -18.04 -1.74
N THR C 28 8.20 -18.46 -0.49
CA THR C 28 7.09 -18.98 0.27
C THR C 28 6.93 -18.20 1.56
N ILE C 29 5.88 -18.55 2.30
CA ILE C 29 5.62 -17.92 3.58
C ILE C 29 6.79 -18.20 4.51
N THR C 30 7.29 -19.44 4.49
CA THR C 30 8.35 -19.90 5.39
C THR C 30 9.78 -19.79 4.90
N ASN C 31 10.01 -19.84 3.59
CA ASN C 31 11.38 -19.89 3.07
C ASN C 31 11.55 -18.93 1.90
N ASP C 32 12.51 -18.00 2.03
CA ASP C 32 12.77 -17.05 0.97
C ASP C 32 13.28 -17.74 -0.30
N GLN C 33 13.90 -18.92 -0.15
CA GLN C 33 14.49 -19.64 -1.28
C GLN C 33 14.16 -21.13 -1.28
N ILE C 34 13.00 -21.53 -1.81
CA ILE C 34 12.65 -22.94 -1.91
C ILE C 34 12.84 -23.33 -3.37
N GLU C 35 13.54 -24.44 -3.59
CA GLU C 35 13.80 -24.92 -4.94
C GLU C 35 12.64 -25.79 -5.40
N VAL C 36 12.08 -25.45 -6.55
CA VAL C 36 10.95 -26.14 -7.15
C VAL C 36 11.33 -26.57 -8.56
N THR C 37 10.60 -27.57 -9.06
CA THR C 37 10.88 -28.07 -10.40
C THR C 37 10.50 -27.08 -11.49
N ASN C 38 9.44 -26.29 -11.28
CA ASN C 38 8.96 -25.38 -12.30
C ASN C 38 8.34 -24.15 -11.66
N ALA C 39 8.47 -23.02 -12.34
CA ALA C 39 7.80 -21.79 -11.91
C ALA C 39 7.56 -20.90 -13.12
N THR C 40 6.51 -20.06 -13.04
CA THR C 40 6.16 -19.11 -14.09
C THR C 40 6.25 -17.68 -13.58
N GLU C 41 6.57 -16.77 -14.50
CA GLU C 41 6.67 -15.35 -14.19
C GLU C 41 5.28 -14.70 -14.23
N LEU C 42 4.92 -14.00 -13.14
CA LEU C 42 3.66 -13.26 -13.06
C LEU C 42 3.79 -11.76 -13.27
N VAL C 43 4.99 -11.24 -13.49
CA VAL C 43 5.22 -9.81 -13.71
C VAL C 43 5.67 -9.62 -15.15
N GLN C 44 4.93 -8.79 -15.90
CA GLN C 44 5.29 -8.47 -17.28
C GLN C 44 6.28 -7.32 -17.20
N SER C 45 7.55 -7.63 -17.40
CA SER C 45 8.63 -6.65 -17.21
C SER C 45 9.03 -5.88 -18.46
N SER C 46 8.47 -6.19 -19.63
CA SER C 46 8.87 -5.50 -20.84
C SER C 46 7.69 -5.34 -21.79
N SER C 47 7.77 -4.30 -22.61
CA SER C 47 6.78 -3.97 -23.62
C SER C 47 7.28 -4.36 -25.01
N THR C 48 6.37 -4.26 -25.99
CA THR C 48 6.72 -4.53 -27.37
C THR C 48 7.40 -3.34 -28.04
N GLY C 49 7.31 -2.15 -27.44
CA GLY C 49 7.90 -0.96 -28.01
C GLY C 49 7.01 -0.18 -28.95
N GLU C 50 5.80 -0.68 -29.24
CA GLU C 50 4.86 0.00 -30.13
C GLU C 50 3.50 0.06 -29.46
N ILE C 51 2.75 1.12 -29.77
CA ILE C 51 1.37 1.27 -29.31
C ILE C 51 0.48 0.83 -30.46
N CYS C 52 -0.24 -0.25 -30.29
CA CYS C 52 -1.04 -0.77 -31.40
C CYS C 52 -2.33 0.02 -31.57
N ASP C 53 -2.77 0.11 -32.82
CA ASP C 53 -3.95 0.89 -33.21
C ASP C 53 -5.26 0.14 -32.99
N SER C 54 -5.27 -1.01 -32.33
CA SER C 54 -6.50 -1.73 -32.04
C SER C 54 -6.31 -2.52 -30.76
N PRO C 55 -7.40 -2.86 -30.05
CA PRO C 55 -8.83 -2.59 -30.32
C PRO C 55 -9.26 -1.13 -30.12
N HIS C 56 -8.44 -0.32 -29.46
CA HIS C 56 -8.81 1.04 -29.15
C HIS C 56 -8.52 1.97 -30.32
N GLN C 57 -9.34 3.02 -30.44
CA GLN C 57 -9.09 4.03 -31.46
C GLN C 57 -8.08 5.02 -30.91
N ILE C 58 -6.95 5.16 -31.59
CA ILE C 58 -5.85 6.01 -31.15
C ILE C 58 -5.64 7.14 -32.14
N LEU C 59 -5.64 8.37 -31.62
CA LEU C 59 -5.39 9.57 -32.41
C LEU C 59 -3.98 10.05 -32.04
N ASP C 60 -3.08 9.99 -33.01
CA ASP C 60 -1.68 10.37 -32.78
C ASP C 60 -1.57 11.87 -32.89
N GLY C 61 -1.20 12.54 -31.80
CA GLY C 61 -1.15 13.98 -31.80
C GLY C 61 -0.04 14.58 -32.64
N LYS C 62 0.94 13.77 -33.05
CA LYS C 62 2.07 14.22 -33.87
C LYS C 62 2.71 15.47 -33.26
N ASN C 63 2.62 16.63 -33.93
CA ASN C 63 3.22 17.87 -33.44
C ASN C 63 2.25 18.68 -32.61
N CYS C 64 1.04 18.19 -32.38
CA CYS C 64 -0.02 18.91 -31.68
C CYS C 64 -0.24 18.38 -30.28
N THR C 65 -0.58 19.29 -29.38
CA THR C 65 -1.10 18.94 -28.07
C THR C 65 -2.63 18.88 -28.20
N LEU C 66 -3.29 18.33 -27.20
CA LEU C 66 -4.75 18.26 -27.26
C LEU C 66 -5.36 19.65 -27.27
N ILE C 67 -4.80 20.58 -26.50
CA ILE C 67 -5.35 21.94 -26.45
C ILE C 67 -5.10 22.65 -27.78
N ASP C 68 -3.93 22.45 -28.39
CA ASP C 68 -3.69 23.07 -29.69
C ASP C 68 -4.71 22.57 -30.71
N ALA C 69 -5.04 21.28 -30.68
CA ALA C 69 -6.04 20.75 -31.58
C ALA C 69 -7.42 21.30 -31.24
N LEU C 70 -7.69 21.51 -29.95
CA LEU C 70 -8.97 22.06 -29.52
C LEU C 70 -9.16 23.48 -30.01
N LEU C 71 -8.12 24.30 -29.90
CA LEU C 71 -8.24 25.71 -30.27
C LEU C 71 -8.23 25.91 -31.77
N GLY C 72 -7.55 25.05 -32.52
CA GLY C 72 -7.46 25.19 -33.94
C GLY C 72 -6.13 25.72 -34.43
N ASP C 73 -5.04 25.38 -33.76
CA ASP C 73 -3.70 25.79 -34.19
C ASP C 73 -3.52 25.42 -35.66
N PRO C 74 -3.00 26.33 -36.51
CA PRO C 74 -2.84 26.01 -37.95
C PRO C 74 -2.17 24.68 -38.26
N GLN C 75 -1.29 24.18 -37.40
CA GLN C 75 -0.64 22.91 -37.67
C GLN C 75 -1.52 21.71 -37.36
N CYS C 76 -2.69 21.92 -36.75
CA CYS C 76 -3.54 20.85 -36.25
C CYS C 76 -4.83 20.72 -37.05
N ASP C 77 -4.82 21.16 -38.32
CA ASP C 77 -6.03 21.11 -39.13
C ASP C 77 -6.45 19.67 -39.40
N GLY C 78 -5.49 18.75 -39.40
CA GLY C 78 -5.80 17.34 -39.60
C GLY C 78 -6.52 16.71 -38.42
N PHE C 79 -6.66 17.42 -37.31
CA PHE C 79 -7.34 16.92 -36.11
C PHE C 79 -8.75 17.46 -35.95
N GLN C 80 -9.27 18.18 -36.94
CA GLN C 80 -10.60 18.75 -36.84
C GLN C 80 -11.66 17.64 -36.80
N ASN C 81 -12.59 17.77 -35.84
CA ASN C 81 -13.72 16.85 -35.70
C ASN C 81 -13.30 15.38 -35.52
N LYS C 82 -12.15 15.12 -34.91
CA LYS C 82 -11.71 13.76 -34.66
C LYS C 82 -12.21 13.23 -33.32
N LYS C 83 -12.28 11.90 -33.24
CA LYS C 83 -12.65 11.16 -32.05
C LYS C 83 -11.52 10.20 -31.72
N TRP C 84 -11.41 9.81 -30.46
CA TRP C 84 -10.39 8.85 -30.06
C TRP C 84 -10.80 8.12 -28.79
N ASP C 85 -10.19 6.97 -28.60
CA ASP C 85 -10.22 6.28 -27.32
C ASP C 85 -8.99 6.63 -26.50
N LEU C 86 -7.84 6.83 -27.16
CA LEU C 86 -6.62 7.25 -26.49
C LEU C 86 -5.94 8.30 -27.37
N PHE C 87 -5.70 9.47 -26.80
CA PHE C 87 -4.99 10.54 -27.49
C PHE C 87 -3.54 10.44 -27.03
N VAL C 88 -2.61 10.37 -27.98
CA VAL C 88 -1.19 10.23 -27.68
C VAL C 88 -0.52 11.57 -27.93
N GLU C 89 -0.01 12.17 -26.86
CA GLU C 89 0.65 13.46 -26.90
C GLU C 89 2.15 13.24 -26.96
N ARG C 90 2.81 13.83 -27.93
CA ARG C 90 4.23 13.59 -28.13
C ARG C 90 5.05 14.66 -27.42
N SER C 91 6.24 14.26 -26.97
CA SER C 91 7.13 15.21 -26.29
C SER C 91 7.67 16.25 -27.26
N LYS C 92 7.58 15.99 -28.56
CA LYS C 92 8.02 16.90 -29.61
C LYS C 92 6.96 17.91 -30.00
N ALA C 93 5.76 17.83 -29.45
CA ALA C 93 4.69 18.75 -29.81
C ALA C 93 5.05 20.15 -29.35
N TYR C 94 4.66 21.13 -30.16
CA TYR C 94 4.92 22.53 -29.84
C TYR C 94 3.81 23.38 -30.44
N SER C 95 3.60 24.54 -29.84
CA SER C 95 2.62 25.49 -30.35
C SER C 95 3.26 26.33 -31.45
N ASN C 96 2.48 26.63 -32.49
CA ASN C 96 2.94 27.44 -33.61
C ASN C 96 1.82 28.40 -34.03
N CYS C 97 1.38 29.19 -33.06
CA CYS C 97 0.26 30.11 -33.25
C CYS C 97 0.41 31.20 -32.20
N TYR C 98 -0.62 32.04 -32.08
CA TYR C 98 -0.57 33.19 -31.18
C TYR C 98 -0.31 32.69 -29.76
N PRO C 99 0.61 33.29 -29.01
CA PRO C 99 0.89 32.78 -27.66
C PRO C 99 -0.33 32.88 -26.77
N TYR C 100 -0.52 31.88 -25.93
CA TYR C 100 -1.69 31.83 -25.07
C TYR C 100 -1.32 31.08 -23.78
N ASP C 101 -2.20 31.22 -22.80
CA ASP C 101 -2.12 30.46 -21.56
C ASP C 101 -3.53 30.05 -21.19
N VAL C 102 -3.64 28.97 -20.43
CA VAL C 102 -4.95 28.46 -20.00
C VAL C 102 -4.94 28.39 -18.48
N PRO C 103 -5.67 29.24 -17.75
CA PRO C 103 -5.78 29.01 -16.31
C PRO C 103 -6.40 27.65 -16.08
N ASP C 104 -5.83 26.90 -15.14
CA ASP C 104 -6.26 25.53 -14.87
C ASP C 104 -6.21 24.72 -16.17
N TYR C 105 -5.04 24.78 -16.82
CA TYR C 105 -4.79 24.04 -18.06
C TYR C 105 -5.10 22.56 -17.91
N ALA C 106 -4.64 21.97 -16.81
CA ALA C 106 -4.82 20.53 -16.60
C ALA C 106 -6.29 20.13 -16.61
N SER C 107 -7.16 21.00 -16.09
CA SER C 107 -8.58 20.66 -16.06
C SER C 107 -9.18 20.66 -17.46
N LEU C 108 -8.82 21.63 -18.30
CA LEU C 108 -9.36 21.61 -19.65
C LEU C 108 -8.83 20.44 -20.46
N ARG C 109 -7.52 20.15 -20.30
CA ARG C 109 -6.95 19.01 -21.02
C ARG C 109 -7.61 17.72 -20.59
N SER C 110 -7.84 17.54 -19.29
CA SER C 110 -8.52 16.35 -18.80
C SER C 110 -9.95 16.30 -19.30
N LEU C 111 -10.64 17.44 -19.26
CA LEU C 111 -12.02 17.53 -19.70
C LEU C 111 -12.18 17.05 -21.14
N VAL C 112 -11.32 17.56 -22.02
CA VAL C 112 -11.44 17.18 -23.43
C VAL C 112 -10.99 15.74 -23.63
N ALA C 113 -9.90 15.33 -22.98
CA ALA C 113 -9.43 13.95 -23.13
C ALA C 113 -10.51 12.96 -22.69
N SER C 114 -11.22 13.28 -21.60
CA SER C 114 -12.30 12.44 -21.12
C SER C 114 -13.46 12.45 -22.10
N SER C 115 -13.79 13.62 -22.66
CA SER C 115 -14.87 13.68 -23.64
C SER C 115 -14.55 12.80 -24.84
N GLY C 116 -13.33 12.86 -25.34
CA GLY C 116 -12.90 11.97 -26.41
C GLY C 116 -13.22 12.43 -27.81
N THR C 117 -13.55 13.70 -28.01
CA THR C 117 -13.90 14.17 -29.35
C THR C 117 -13.58 15.65 -29.50
N LEU C 118 -13.24 16.01 -30.74
CA LEU C 118 -13.08 17.40 -31.15
C LEU C 118 -14.21 17.82 -32.08
N GLU C 119 -15.31 17.07 -32.09
CA GLU C 119 -16.46 17.41 -32.91
C GLU C 119 -16.93 18.80 -32.53
N PHE C 120 -17.06 19.67 -33.52
CA PHE C 120 -17.40 21.06 -33.29
C PHE C 120 -18.50 21.48 -34.25
N ASN C 121 -19.54 22.09 -33.69
CA ASN C 121 -20.67 22.62 -34.46
C ASN C 121 -20.59 24.13 -34.43
N ASN C 122 -20.63 24.75 -35.61
CA ASN C 122 -20.59 26.20 -35.72
C ASN C 122 -21.95 26.78 -35.37
N GLU C 123 -21.92 27.96 -34.77
CA GLU C 123 -23.12 28.71 -34.43
C GLU C 123 -22.96 30.14 -34.95
N SER C 124 -24.09 30.73 -35.31
CA SER C 124 -24.14 32.10 -35.82
C SER C 124 -24.42 33.06 -34.67
N PHE C 125 -23.39 33.74 -34.22
CA PHE C 125 -23.50 34.74 -33.16
C PHE C 125 -23.69 36.09 -33.85
N ASN C 126 -24.43 36.98 -33.21
CA ASN C 126 -24.81 38.22 -33.88
C ASN C 126 -23.62 39.11 -34.23
N TRP C 127 -22.66 39.29 -33.30
CA TRP C 127 -21.42 40.05 -33.49
C TRP C 127 -21.56 41.22 -34.46
N THR C 128 -22.55 42.08 -34.25
CA THR C 128 -22.70 43.28 -35.05
C THR C 128 -21.92 44.43 -34.43
N GLY C 129 -21.55 45.38 -35.28
CA GLY C 129 -20.83 46.56 -34.85
C GLY C 129 -19.34 46.35 -34.65
N VAL C 130 -18.84 45.14 -34.90
CA VAL C 130 -17.43 44.80 -34.73
C VAL C 130 -16.94 44.09 -35.99
N THR C 131 -15.62 44.05 -36.15
CA THR C 131 -14.98 43.38 -37.27
C THR C 131 -14.59 41.97 -36.83
N GLN C 132 -15.02 40.97 -37.61
CA GLN C 132 -14.76 39.57 -37.33
C GLN C 132 -13.52 39.06 -38.04
N ASN C 133 -13.06 37.90 -37.59
CA ASN C 133 -11.93 37.18 -38.22
C ASN C 133 -10.62 37.98 -38.18
N GLY C 134 -10.26 38.45 -36.99
CA GLY C 134 -8.96 39.08 -36.84
C GLY C 134 -7.86 38.05 -37.00
N THR C 135 -6.71 38.49 -37.51
CA THR C 135 -5.57 37.61 -37.77
C THR C 135 -4.30 38.18 -37.17
N SER C 136 -3.26 37.34 -37.15
CA SER C 136 -1.95 37.72 -36.66
C SER C 136 -0.87 37.01 -37.46
N SER C 137 0.30 37.65 -37.55
CA SER C 137 1.45 37.04 -38.19
C SER C 137 2.00 35.84 -37.43
N ALA C 138 1.60 35.65 -36.17
CA ALA C 138 2.05 34.49 -35.40
C ALA C 138 1.44 33.19 -35.91
N CYS C 139 0.24 33.25 -36.47
CA CYS C 139 -0.52 32.07 -36.88
C CYS C 139 -0.61 32.13 -38.40
N ILE C 140 0.25 31.38 -39.07
CA ILE C 140 0.30 31.34 -40.52
C ILE C 140 -0.32 30.01 -40.93
N ARG C 141 -1.41 30.08 -41.70
CA ARG C 141 -2.18 28.90 -42.06
C ARG C 141 -1.89 28.42 -43.48
N ARG C 142 -1.98 29.31 -44.47
CA ARG C 142 -1.70 28.98 -45.86
C ARG C 142 -0.81 30.06 -46.46
N SER C 143 0.34 30.29 -45.81
CA SER C 143 1.23 31.41 -46.13
C SER C 143 0.51 32.76 -46.02
N LYS C 144 -0.50 32.81 -45.17
CA LYS C 144 -1.29 34.03 -44.92
C LYS C 144 -1.49 34.18 -43.42
N ASN C 145 -1.59 35.42 -42.97
CA ASN C 145 -1.86 35.65 -41.56
C ASN C 145 -3.23 35.06 -41.22
N SER C 146 -3.30 34.33 -40.11
CA SER C 146 -4.54 33.70 -39.68
C SER C 146 -4.67 33.82 -38.17
N PHE C 147 -5.53 33.00 -37.60
CA PHE C 147 -5.80 32.93 -36.18
C PHE C 147 -6.30 31.51 -35.91
N PHE C 148 -6.62 31.21 -34.66
CA PHE C 148 -7.12 29.89 -34.32
C PHE C 148 -8.41 29.61 -35.08
N SER C 149 -8.53 28.41 -35.64
CA SER C 149 -9.69 28.10 -36.48
C SER C 149 -10.99 27.99 -35.70
N ARG C 150 -10.94 27.83 -34.38
CA ARG C 150 -12.13 27.72 -33.56
C ARG C 150 -12.41 28.97 -32.74
N LEU C 151 -11.66 30.04 -32.95
CA LEU C 151 -11.80 31.30 -32.24
C LEU C 151 -12.00 32.41 -33.25
N ASN C 152 -12.73 33.45 -32.84
CA ASN C 152 -13.03 34.61 -33.67
C ASN C 152 -12.51 35.86 -32.96
N TRP C 153 -11.42 36.43 -33.46
CA TRP C 153 -10.81 37.60 -32.84
C TRP C 153 -11.57 38.82 -33.31
N LEU C 154 -12.35 39.42 -32.43
CA LEU C 154 -13.18 40.57 -32.77
C LEU C 154 -12.43 41.86 -32.50
N THR C 155 -12.55 42.82 -33.41
CA THR C 155 -11.93 44.14 -33.29
C THR C 155 -12.97 45.20 -33.60
N HIS C 156 -12.60 46.47 -33.44
CA HIS C 156 -13.52 47.55 -33.70
C HIS C 156 -13.91 47.59 -35.18
N LEU C 157 -15.06 48.20 -35.45
CA LEU C 157 -15.54 48.47 -36.79
C LEU C 157 -15.69 49.97 -36.96
N ASN C 158 -14.96 50.54 -37.93
CA ASN C 158 -14.98 51.98 -38.20
C ASN C 158 -14.66 52.80 -36.95
N PHE C 159 -13.69 52.33 -36.18
CA PHE C 159 -13.21 52.96 -34.96
C PHE C 159 -14.25 52.99 -33.84
N LYS C 160 -15.24 52.09 -33.90
CA LYS C 160 -16.20 51.90 -32.82
C LYS C 160 -16.27 50.42 -32.50
N TYR C 161 -16.38 50.11 -31.22
CA TYR C 161 -16.57 48.75 -30.74
C TYR C 161 -17.73 48.83 -29.76
N PRO C 162 -18.97 48.68 -30.23
CA PRO C 162 -20.11 48.88 -29.33
C PRO C 162 -20.15 47.75 -28.34
N ALA C 163 -20.77 48.00 -27.19
CA ALA C 163 -20.89 46.92 -26.22
C ALA C 163 -21.69 45.78 -26.84
N LEU C 164 -21.18 44.57 -26.69
CA LEU C 164 -21.81 43.36 -27.15
C LEU C 164 -22.59 42.73 -26.01
N ASN C 165 -23.79 42.25 -26.32
CA ASN C 165 -24.65 41.51 -25.40
C ASN C 165 -25.30 40.43 -26.27
N VAL C 166 -24.61 39.30 -26.43
CA VAL C 166 -24.97 38.28 -27.40
C VAL C 166 -25.44 37.02 -26.70
N THR C 167 -26.65 36.58 -27.07
CA THR C 167 -27.34 35.45 -26.48
C THR C 167 -27.28 34.25 -27.43
N MET C 168 -26.93 33.09 -26.88
CA MET C 168 -26.86 31.83 -27.61
C MET C 168 -27.58 30.74 -26.81
N PRO C 169 -28.88 30.50 -27.04
CA PRO C 169 -29.59 29.53 -26.21
C PRO C 169 -29.16 28.11 -26.56
N ASN C 170 -29.21 27.24 -25.54
CA ASN C 170 -28.93 25.81 -25.71
C ASN C 170 -30.25 25.07 -25.79
N ASN C 171 -30.67 24.75 -27.01
CA ASN C 171 -31.94 24.07 -27.25
C ASN C 171 -31.74 22.59 -27.57
N GLU C 172 -30.55 22.05 -27.28
CA GLU C 172 -30.20 20.67 -27.54
C GLU C 172 -30.40 19.85 -26.27
N GLN C 173 -30.20 18.55 -26.36
CA GLN C 173 -30.30 17.63 -25.24
C GLN C 173 -28.96 17.27 -24.60
N PHE C 174 -27.87 17.90 -25.04
CA PHE C 174 -26.52 17.59 -24.57
C PHE C 174 -25.81 18.88 -24.13
N ASP C 175 -24.78 18.68 -23.31
CA ASP C 175 -23.93 19.78 -22.85
C ASP C 175 -23.10 20.36 -23.99
N LYS C 176 -23.09 21.68 -24.09
CA LYS C 176 -22.28 22.40 -25.09
C LYS C 176 -21.04 22.97 -24.41
N LEU C 177 -19.88 22.69 -24.98
CA LEU C 177 -18.61 23.22 -24.48
C LEU C 177 -18.19 24.40 -25.35
N TYR C 178 -18.12 25.58 -24.76
CA TYR C 178 -17.70 26.79 -25.45
C TYR C 178 -16.31 27.16 -24.99
N ILE C 179 -15.43 27.40 -25.96
CA ILE C 179 -14.05 27.83 -25.72
C ILE C 179 -13.94 29.27 -26.19
N TRP C 180 -13.46 30.14 -25.32
CA TRP C 180 -13.37 31.56 -25.61
C TRP C 180 -12.15 32.09 -24.88
N GLY C 181 -11.76 33.33 -25.16
CA GLY C 181 -10.64 33.89 -24.44
C GLY C 181 -10.67 35.39 -24.35
N VAL C 182 -9.61 35.91 -23.72
CA VAL C 182 -9.44 37.33 -23.46
C VAL C 182 -8.09 37.77 -24.01
N HIS C 183 -8.10 38.85 -24.77
CA HIS C 183 -6.88 39.41 -25.34
C HIS C 183 -6.21 40.33 -24.33
N HIS C 184 -4.89 40.17 -24.17
CA HIS C 184 -4.06 40.98 -23.28
C HIS C 184 -3.02 41.67 -24.14
N PRO C 185 -3.31 42.88 -24.65
CA PRO C 185 -2.37 43.57 -25.53
C PRO C 185 -1.05 43.88 -24.85
N GLY C 186 0.02 43.91 -25.64
CA GLY C 186 1.31 44.29 -25.11
C GLY C 186 1.35 45.73 -24.63
N THR C 187 0.71 46.64 -25.36
CA THR C 187 0.72 48.06 -25.03
C THR C 187 -0.69 48.64 -25.09
N ASP C 188 -0.83 49.85 -24.54
CA ASP C 188 -2.10 50.58 -24.63
C ASP C 188 -2.38 50.99 -26.06
N LYS C 189 -1.34 51.26 -26.84
CA LYS C 189 -1.51 51.62 -28.24
C LYS C 189 -2.19 50.49 -28.98
N ASP C 190 -1.84 49.24 -28.66
CA ASP C 190 -2.48 48.10 -29.31
C ASP C 190 -3.93 47.98 -28.86
N GLN C 191 -4.21 48.30 -27.60
CA GLN C 191 -5.59 48.28 -27.12
C GLN C 191 -6.45 49.28 -27.89
N ILE C 192 -5.93 50.48 -28.13
CA ILE C 192 -6.73 51.46 -28.86
C ILE C 192 -6.82 51.07 -30.34
N PHE C 193 -5.71 50.64 -30.93
CA PHE C 193 -5.70 50.21 -32.32
C PHE C 193 -6.72 49.12 -32.60
N LEU C 194 -6.77 48.11 -31.73
CA LEU C 194 -7.68 46.98 -31.95
C LEU C 194 -9.11 47.25 -31.49
N TYR C 195 -9.31 47.96 -30.37
CA TYR C 195 -10.65 48.12 -29.80
C TYR C 195 -11.12 49.57 -29.70
N ALA C 196 -10.25 50.56 -29.96
CA ALA C 196 -10.61 51.97 -29.90
C ALA C 196 -11.21 52.40 -28.56
N GLN C 197 -10.80 51.79 -27.45
CA GLN C 197 -11.35 52.16 -26.14
C GLN C 197 -10.58 51.46 -25.03
N ALA C 198 -10.92 51.84 -23.79
CA ALA C 198 -10.35 51.23 -22.60
C ALA C 198 -10.71 49.75 -22.48
N SER C 199 -9.88 49.04 -21.71
CA SER C 199 -9.95 47.59 -21.60
C SER C 199 -11.33 47.08 -21.19
N GLY C 200 -11.96 47.72 -20.21
CA GLY C 200 -13.26 47.21 -19.77
C GLY C 200 -13.11 45.83 -19.15
N ARG C 201 -14.15 45.01 -19.30
CA ARG C 201 -14.14 43.66 -18.78
C ARG C 201 -15.07 42.81 -19.64
N ILE C 202 -14.83 41.50 -19.60
CA ILE C 202 -15.64 40.51 -20.32
C ILE C 202 -16.36 39.63 -19.33
N THR C 203 -17.69 39.55 -19.43
CA THR C 203 -18.48 38.65 -18.60
C THR C 203 -19.17 37.64 -19.49
N VAL C 204 -18.96 36.35 -19.21
CA VAL C 204 -19.61 35.26 -19.92
C VAL C 204 -20.40 34.50 -18.86
N SER C 205 -21.69 34.32 -19.07
CA SER C 205 -22.51 33.71 -18.04
C SER C 205 -23.60 32.80 -18.59
N THR C 206 -24.09 31.96 -17.70
CA THR C 206 -25.19 31.04 -17.91
C THR C 206 -26.07 31.13 -16.67
N LYS C 207 -27.24 30.47 -16.72
CA LYS C 207 -28.16 30.48 -15.59
C LYS C 207 -27.50 29.94 -14.33
N ARG C 208 -26.54 29.03 -14.48
CA ARG C 208 -25.88 28.41 -13.33
C ARG C 208 -24.50 29.00 -13.05
N SER C 209 -24.04 30.00 -13.81
CA SER C 209 -22.65 30.42 -13.61
C SER C 209 -22.40 31.79 -14.21
N GLN C 210 -21.25 32.36 -13.83
CA GLN C 210 -20.72 33.55 -14.44
C GLN C 210 -19.21 33.54 -14.29
N GLN C 211 -18.53 34.05 -15.31
CA GLN C 211 -17.09 34.24 -15.31
C GLN C 211 -16.82 35.64 -15.81
N THR C 212 -16.11 36.44 -15.03
CA THR C 212 -15.74 37.79 -15.43
C THR C 212 -14.22 37.89 -15.42
N VAL C 213 -13.67 38.29 -16.56
CA VAL C 213 -12.23 38.40 -16.75
C VAL C 213 -11.92 39.79 -17.27
N SER C 214 -10.99 40.46 -16.61
CA SER C 214 -10.54 41.78 -17.05
C SER C 214 -9.31 41.63 -17.94
N PRO C 215 -9.20 42.34 -19.07
CA PRO C 215 -7.92 42.39 -19.76
C PRO C 215 -6.90 43.13 -18.92
N ASN C 216 -5.64 42.71 -19.03
CA ASN C 216 -4.54 43.32 -18.30
C ASN C 216 -3.46 43.72 -19.30
N ILE C 217 -3.48 45.01 -19.68
CA ILE C 217 -2.55 45.52 -20.68
C ILE C 217 -1.18 45.67 -20.06
N GLY C 218 -0.17 45.18 -20.77
CA GLY C 218 1.20 45.30 -20.31
C GLY C 218 2.11 44.47 -21.15
N SER C 219 3.42 44.72 -21.08
CA SER C 219 4.36 43.98 -21.91
C SER C 219 4.68 42.66 -21.23
N ARG C 220 4.77 41.63 -22.04
CA ARG C 220 5.15 40.28 -21.62
C ARG C 220 6.31 39.85 -22.49
N PRO C 221 7.12 38.89 -22.05
CA PRO C 221 8.22 38.42 -22.91
C PRO C 221 7.66 37.95 -24.24
N ARG C 222 8.32 38.33 -25.32
CA ARG C 222 7.81 37.96 -26.63
C ARG C 222 7.99 36.47 -26.89
N VAL C 223 6.91 35.85 -27.35
CA VAL C 223 6.89 34.47 -27.79
C VAL C 223 6.50 34.53 -29.26
N ARG C 224 7.37 34.04 -30.12
CA ARG C 224 7.17 34.13 -31.57
C ARG C 224 6.95 35.59 -31.98
N ASN C 225 7.72 36.50 -31.37
CA ASN C 225 7.67 37.94 -31.64
C ASN C 225 6.36 38.62 -31.24
N ILE C 226 5.53 37.99 -30.42
CA ILE C 226 4.28 38.58 -29.96
C ILE C 226 4.41 38.96 -28.48
N PRO C 227 4.29 40.24 -28.12
CA PRO C 227 4.37 40.61 -26.70
C PRO C 227 3.05 40.54 -25.95
N SER C 228 1.98 40.12 -26.62
CA SER C 228 0.62 40.07 -26.10
C SER C 228 0.26 38.62 -25.88
N ARG C 229 -0.79 38.38 -25.08
CA ARG C 229 -1.22 37.00 -24.82
C ARG C 229 -2.73 36.89 -24.89
N ILE C 230 -3.20 35.67 -25.14
CA ILE C 230 -4.61 35.34 -25.05
C ILE C 230 -4.81 34.34 -23.91
N SER C 231 -5.71 34.64 -22.99
CA SER C 231 -6.07 33.72 -21.92
C SER C 231 -7.28 32.93 -22.39
N ILE C 232 -7.24 31.61 -22.22
CA ILE C 232 -8.31 30.73 -22.67
C ILE C 232 -9.17 30.30 -21.50
N TYR C 233 -10.48 30.47 -21.64
CA TYR C 233 -11.47 30.10 -20.66
C TYR C 233 -12.49 29.23 -21.38
N TRP C 234 -13.18 28.39 -20.61
CA TRP C 234 -14.21 27.53 -21.16
C TRP C 234 -15.44 27.57 -20.27
N THR C 235 -16.59 27.28 -20.88
CA THR C 235 -17.85 27.20 -20.15
C THR C 235 -18.67 26.05 -20.71
N ILE C 236 -19.45 25.43 -19.84
CA ILE C 236 -20.32 24.32 -20.19
C ILE C 236 -21.76 24.78 -20.03
N VAL C 237 -22.54 24.65 -21.09
CA VAL C 237 -23.93 25.07 -21.12
C VAL C 237 -24.79 23.82 -21.11
N LYS C 238 -25.60 23.67 -20.07
CA LYS C 238 -26.45 22.49 -19.92
C LYS C 238 -27.69 22.63 -20.81
N PRO C 239 -28.33 21.51 -21.17
CA PRO C 239 -29.57 21.59 -21.94
C PRO C 239 -30.59 22.49 -21.26
N GLY C 240 -31.19 23.38 -22.04
CA GLY C 240 -32.17 24.30 -21.51
C GLY C 240 -31.58 25.60 -21.02
N ASP C 241 -30.25 25.70 -20.93
CA ASP C 241 -29.59 26.89 -20.43
C ASP C 241 -29.31 27.84 -21.59
N ILE C 242 -28.75 29.00 -21.27
CA ILE C 242 -28.46 30.07 -22.23
C ILE C 242 -27.05 30.57 -21.98
N LEU C 243 -26.26 30.74 -23.06
CA LEU C 243 -24.95 31.36 -22.97
C LEU C 243 -25.08 32.83 -23.33
N LEU C 244 -24.71 33.73 -22.43
CA LEU C 244 -24.76 35.17 -22.72
C LEU C 244 -23.37 35.76 -22.55
N ILE C 245 -22.86 36.40 -23.60
CA ILE C 245 -21.55 37.03 -23.59
C ILE C 245 -21.73 38.53 -23.63
N ASN C 246 -21.27 39.22 -22.59
CA ASN C 246 -21.38 40.67 -22.47
C ASN C 246 -19.94 41.19 -22.51
N SER C 247 -19.57 41.87 -23.58
CA SER C 247 -18.18 42.30 -23.74
C SER C 247 -18.07 43.63 -24.46
N THR C 248 -17.14 44.46 -23.98
CA THR C 248 -16.84 45.74 -24.58
C THR C 248 -15.50 45.76 -25.32
N GLY C 249 -14.80 44.64 -25.38
CA GLY C 249 -13.51 44.59 -26.04
C GLY C 249 -12.66 43.47 -25.51
N ASN C 250 -11.55 43.22 -26.22
CA ASN C 250 -10.56 42.23 -25.84
C ASN C 250 -11.14 40.82 -25.80
N LEU C 251 -12.18 40.56 -26.59
CA LEU C 251 -12.84 39.25 -26.60
C LEU C 251 -12.37 38.42 -27.76
N ILE C 252 -11.95 37.20 -27.45
CA ILE C 252 -11.65 36.17 -28.44
C ILE C 252 -12.89 35.28 -28.38
N ALA C 253 -13.80 35.49 -29.31
CA ALA C 253 -15.12 34.91 -29.25
C ALA C 253 -15.15 33.44 -29.69
N PRO C 254 -16.11 32.67 -29.21
CA PRO C 254 -16.29 31.32 -29.76
C PRO C 254 -16.91 31.39 -31.14
N ARG C 255 -16.66 30.35 -31.93
CA ARG C 255 -17.28 30.17 -33.24
C ARG C 255 -18.37 29.11 -33.21
N GLY C 256 -18.64 28.54 -32.04
CA GLY C 256 -19.56 27.42 -31.91
C GLY C 256 -19.19 26.65 -30.66
N TYR C 257 -19.59 25.38 -30.63
CA TYR C 257 -19.40 24.56 -29.44
C TYR C 257 -18.88 23.18 -29.77
N PHE C 258 -18.21 22.59 -28.77
CA PHE C 258 -17.75 21.22 -28.76
C PHE C 258 -18.72 20.39 -27.93
N LYS C 259 -18.94 19.15 -28.35
CA LYS C 259 -19.79 18.26 -27.57
C LYS C 259 -19.01 17.65 -26.40
N ILE C 260 -19.68 17.51 -25.26
CA ILE C 260 -19.16 16.75 -24.13
C ILE C 260 -19.98 15.48 -24.03
N ARG C 261 -19.31 14.34 -24.17
CA ARG C 261 -19.91 13.03 -24.08
C ARG C 261 -19.18 12.23 -23.02
N SER C 262 -19.85 11.24 -22.45
CA SER C 262 -19.15 10.32 -21.56
C SER C 262 -18.54 9.22 -22.40
N GLY C 263 -17.56 8.52 -21.83
CA GLY C 263 -16.93 7.46 -22.58
C GLY C 263 -15.71 6.93 -21.85
N LYS C 264 -14.93 6.16 -22.61
CA LYS C 264 -13.72 5.51 -22.16
C LYS C 264 -12.47 6.26 -22.61
N SER C 265 -12.62 7.46 -23.16
CA SER C 265 -11.50 8.19 -23.72
C SER C 265 -10.56 8.74 -22.65
N SER C 266 -9.29 8.86 -23.02
CA SER C 266 -8.26 9.46 -22.18
C SER C 266 -7.15 10.00 -23.06
N ILE C 267 -6.18 10.66 -22.44
CA ILE C 267 -5.00 11.19 -23.11
C ILE C 267 -3.76 10.63 -22.42
N MET C 268 -2.76 10.27 -23.21
CA MET C 268 -1.51 9.72 -22.70
C MET C 268 -0.34 10.42 -23.37
N ARG C 269 0.76 10.57 -22.63
CA ARG C 269 2.00 11.14 -23.16
C ARG C 269 2.96 10.02 -23.47
N SER C 270 3.34 9.89 -24.74
CA SER C 270 4.25 8.82 -25.14
C SER C 270 4.89 9.14 -26.48
N ASP C 271 6.16 8.81 -26.62
CA ASP C 271 6.90 8.95 -27.87
C ASP C 271 7.02 7.64 -28.64
N ALA C 272 6.34 6.59 -28.19
CA ALA C 272 6.41 5.31 -28.88
C ALA C 272 5.72 5.38 -30.24
N PRO C 273 6.28 4.74 -31.28
CA PRO C 273 5.57 4.68 -32.57
C PRO C 273 4.26 3.92 -32.41
N ILE C 274 3.31 4.21 -33.29
CA ILE C 274 2.03 3.50 -33.29
C ILE C 274 2.14 2.28 -34.20
N GLY C 275 1.88 1.10 -33.62
CA GLY C 275 2.02 -0.16 -34.32
C GLY C 275 0.70 -0.73 -34.80
N LYS C 276 0.77 -1.96 -35.31
CA LYS C 276 -0.38 -2.69 -35.84
C LYS C 276 -0.53 -4.06 -35.17
N CYS C 277 -1.42 -4.15 -34.17
CA CYS C 277 -1.67 -5.42 -33.48
C CYS C 277 -2.95 -5.23 -32.69
N ASN C 278 -3.37 -6.28 -31.99
CA ASN C 278 -4.52 -6.23 -31.08
C ASN C 278 -4.00 -6.49 -29.68
N SER C 279 -3.91 -5.43 -28.87
CA SER C 279 -3.41 -5.51 -27.51
C SER C 279 -4.24 -4.56 -26.66
N GLU C 280 -4.91 -5.12 -25.65
CA GLU C 280 -5.83 -4.33 -24.83
C GLU C 280 -5.14 -3.32 -23.94
N CYS C 281 -3.90 -3.57 -23.53
CA CYS C 281 -3.20 -2.70 -22.59
C CYS C 281 -2.14 -1.85 -23.29
N ILE C 282 -2.28 -0.53 -23.15
CA ILE C 282 -1.36 0.46 -23.70
C ILE C 282 -0.68 1.18 -22.55
N THR C 283 0.65 1.27 -22.59
CA THR C 283 1.46 2.01 -21.64
C THR C 283 2.29 3.03 -22.42
N PRO C 284 2.86 4.04 -21.75
CA PRO C 284 3.77 4.96 -22.47
C PRO C 284 4.93 4.26 -23.15
N ASN C 285 5.31 3.07 -22.71
CA ASN C 285 6.39 2.32 -23.31
C ASN C 285 5.90 1.43 -24.46
N GLY C 286 4.62 1.49 -24.79
CA GLY C 286 4.03 0.66 -25.82
C GLY C 286 2.98 -0.27 -25.25
N SER C 287 2.32 -0.98 -26.17
CA SER C 287 1.34 -1.95 -25.71
C SER C 287 2.07 -3.10 -25.02
N ILE C 288 1.40 -3.72 -24.06
CA ILE C 288 1.98 -4.87 -23.37
C ILE C 288 0.98 -6.02 -23.38
N PRO C 289 1.45 -7.27 -23.23
CA PRO C 289 0.52 -8.37 -22.97
C PRO C 289 -0.20 -8.16 -21.65
N ASN C 290 -1.46 -8.57 -21.60
CA ASN C 290 -2.26 -8.46 -20.39
C ASN C 290 -2.64 -9.84 -19.84
N ASP C 291 -1.77 -10.82 -20.05
CA ASP C 291 -2.01 -12.17 -19.55
C ASP C 291 -1.54 -12.30 -18.10
N LYS C 292 -0.41 -11.68 -17.76
CA LYS C 292 0.11 -11.82 -16.41
C LYS C 292 -0.67 -10.91 -15.46
N PRO C 293 -0.88 -11.33 -14.20
CA PRO C 293 -1.66 -10.47 -13.30
C PRO C 293 -0.98 -9.17 -12.92
N PHE C 294 0.35 -9.07 -13.04
CA PHE C 294 1.08 -7.87 -12.66
C PHE C 294 2.01 -7.43 -13.77
N GLN C 295 2.37 -6.14 -13.74
CA GLN C 295 3.32 -5.56 -14.67
C GLN C 295 4.30 -4.66 -13.92
N ASN C 296 5.47 -4.49 -14.50
CA ASN C 296 6.51 -3.58 -14.02
C ASN C 296 7.01 -2.69 -15.15
N VAL C 297 6.13 -2.27 -16.04
CA VAL C 297 6.51 -1.46 -17.19
C VAL C 297 6.32 0.04 -16.92
N ASN C 298 5.14 0.46 -16.50
CA ASN C 298 4.92 1.87 -16.20
C ASN C 298 3.78 2.01 -15.20
N ARG C 299 3.54 3.26 -14.80
CA ARG C 299 2.49 3.65 -13.88
C ARG C 299 1.25 4.13 -14.63
N ILE C 300 1.47 4.66 -15.82
CA ILE C 300 0.45 5.21 -16.69
C ILE C 300 -0.05 4.08 -17.58
N THR C 301 -1.33 3.78 -17.51
CA THR C 301 -1.90 2.67 -18.26
C THR C 301 -3.22 3.08 -18.89
N TYR C 302 -3.62 2.34 -19.91
CA TYR C 302 -4.94 2.47 -20.51
C TYR C 302 -5.41 1.10 -20.97
N GLY C 303 -6.64 0.75 -20.64
CA GLY C 303 -7.22 -0.52 -21.04
C GLY C 303 -7.13 -1.58 -19.96
N ALA C 304 -7.19 -2.84 -20.42
CA ALA C 304 -7.29 -4.01 -19.55
C ALA C 304 -5.89 -4.43 -19.11
N CYS C 305 -5.27 -3.56 -18.28
CA CYS C 305 -3.87 -3.73 -17.96
C CYS C 305 -3.63 -4.52 -16.67
N PRO C 306 -2.51 -5.24 -16.57
CA PRO C 306 -2.11 -5.80 -15.27
C PRO C 306 -1.84 -4.70 -14.26
N ARG C 307 -1.93 -5.07 -12.99
CA ARG C 307 -1.67 -4.10 -11.93
C ARG C 307 -0.19 -3.81 -11.86
N TYR C 308 0.16 -2.53 -11.67
CA TYR C 308 1.55 -2.14 -11.55
C TYR C 308 2.10 -2.42 -10.16
N VAL C 309 3.24 -3.11 -10.11
CA VAL C 309 3.94 -3.46 -8.88
C VAL C 309 5.37 -2.99 -9.04
N LYS C 310 6.08 -2.90 -7.92
CA LYS C 310 7.48 -2.48 -7.94
C LYS C 310 8.45 -3.64 -8.10
N GLN C 311 7.99 -4.88 -7.96
CA GLN C 311 8.88 -6.03 -8.12
C GLN C 311 9.23 -6.23 -9.59
N ASN C 312 10.50 -6.50 -9.85
CA ASN C 312 10.91 -6.81 -11.22
C ASN C 312 10.48 -8.22 -11.59
N THR C 313 10.42 -9.12 -10.61
CA THR C 313 10.02 -10.50 -10.86
C THR C 313 9.27 -11.05 -9.65
N LEU C 314 8.27 -11.87 -9.94
CA LEU C 314 7.54 -12.65 -8.96
C LEU C 314 7.32 -14.00 -9.61
N LYS C 315 7.80 -15.07 -8.98
CA LYS C 315 7.73 -16.39 -9.56
C LYS C 315 6.71 -17.24 -8.80
N LEU C 316 5.77 -17.78 -9.55
CA LEU C 316 4.70 -18.62 -9.04
C LEU C 316 5.07 -20.06 -9.29
N ALA C 317 5.18 -20.85 -8.23
CA ALA C 317 5.54 -22.25 -8.40
C ALA C 317 4.44 -22.96 -9.16
N THR C 318 4.85 -23.79 -10.12
CA THR C 318 3.94 -24.62 -10.89
C THR C 318 4.33 -26.08 -10.80
N GLY C 319 5.18 -26.44 -9.84
CA GLY C 319 5.62 -27.80 -9.65
C GLY C 319 5.99 -28.07 -8.21
N MET C 320 6.60 -29.22 -7.98
CA MET C 320 6.97 -29.72 -6.66
C MET C 320 8.37 -29.27 -6.25
N ARG C 321 8.62 -29.38 -4.95
CA ARG C 321 9.97 -29.19 -4.43
C ARG C 321 10.91 -30.14 -5.17
N ASN C 322 12.10 -29.63 -5.52
CA ASN C 322 12.98 -30.42 -6.39
C ASN C 322 13.65 -31.57 -5.66
N VAL C 323 14.13 -31.33 -4.44
CA VAL C 323 14.82 -32.32 -3.60
C VAL C 323 15.77 -33.18 -4.43
N PRO C 324 16.76 -32.59 -5.08
CA PRO C 324 17.59 -33.36 -6.02
C PRO C 324 18.42 -34.43 -5.32
N GLU C 325 18.83 -35.42 -6.10
CA GLU C 325 19.62 -36.53 -5.59
C GLU C 325 21.06 -36.09 -5.34
N ILE C 335 17.42 -49.10 -3.83
CA ILE C 335 16.44 -48.09 -4.21
C ILE C 335 15.85 -47.43 -2.96
N ALA C 336 15.34 -46.22 -3.13
CA ALA C 336 14.76 -45.44 -2.05
C ALA C 336 13.72 -44.48 -2.62
N GLY C 337 12.81 -44.02 -1.76
CA GLY C 337 11.75 -43.13 -2.20
C GLY C 337 11.74 -41.68 -1.73
N PHE C 338 10.52 -41.15 -1.67
CA PHE C 338 10.26 -39.73 -1.39
C PHE C 338 11.01 -39.19 -0.17
N ILE C 339 11.04 -39.94 0.93
CA ILE C 339 11.64 -39.42 2.17
C ILE C 339 13.11 -39.06 1.99
N GLU C 340 13.86 -39.85 1.22
CA GLU C 340 15.28 -39.56 1.09
C GLU C 340 15.60 -38.54 0.00
N ASN C 341 14.96 -38.65 -1.17
CA ASN C 341 15.21 -37.73 -2.26
C ASN C 341 14.14 -37.94 -3.33
N GLY C 342 14.19 -37.11 -4.37
CA GLY C 342 13.35 -37.31 -5.54
C GLY C 342 14.05 -38.18 -6.57
N TRP C 343 13.31 -38.50 -7.62
CA TRP C 343 13.82 -39.37 -8.69
C TRP C 343 14.05 -38.54 -9.95
N GLU C 344 15.32 -38.36 -10.30
CA GLU C 344 15.67 -37.56 -11.47
C GLU C 344 15.45 -38.31 -12.78
N GLY C 345 15.33 -39.63 -12.73
CA GLY C 345 15.14 -40.47 -13.90
C GLY C 345 13.71 -40.69 -14.33
N MET C 346 12.74 -39.99 -13.73
CA MET C 346 11.34 -40.12 -14.07
C MET C 346 10.93 -38.94 -14.95
N VAL C 347 10.48 -39.25 -16.17
CA VAL C 347 10.12 -38.24 -17.16
C VAL C 347 8.69 -38.40 -17.67
N ASP C 348 7.95 -39.43 -17.24
CA ASP C 348 6.60 -39.70 -17.70
C ASP C 348 5.53 -39.24 -16.71
N GLY C 349 5.90 -38.48 -15.70
CA GLY C 349 4.94 -38.00 -14.73
C GLY C 349 5.65 -37.37 -13.55
N TRP C 350 4.85 -37.00 -12.54
CA TRP C 350 5.39 -36.38 -11.33
C TRP C 350 5.49 -37.33 -10.14
N TYR C 351 4.70 -38.41 -10.13
CA TYR C 351 4.70 -39.37 -9.04
C TYR C 351 4.90 -40.75 -9.63
N GLY C 352 5.47 -41.65 -8.85
CA GLY C 352 5.61 -42.99 -9.37
C GLY C 352 6.17 -43.97 -8.36
N PHE C 353 6.41 -45.17 -8.89
CA PHE C 353 6.86 -46.33 -8.16
C PHE C 353 8.18 -46.82 -8.74
N ARG C 354 8.99 -47.43 -7.88
CA ARG C 354 10.17 -48.19 -8.25
C ARG C 354 10.02 -49.55 -7.59
N HIS C 355 10.59 -50.57 -8.24
CA HIS C 355 10.41 -51.95 -7.80
C HIS C 355 11.76 -52.64 -7.75
N GLN C 356 11.88 -53.59 -6.82
CA GLN C 356 13.01 -54.50 -6.77
C GLN C 356 12.50 -55.84 -6.28
N ASN C 357 12.50 -56.86 -7.13
CA ASN C 357 11.94 -58.16 -6.78
C ASN C 357 12.79 -59.25 -7.43
N SER C 358 12.22 -60.45 -7.56
CA SER C 358 12.93 -61.60 -8.11
C SER C 358 13.28 -61.45 -9.59
N GLU C 359 12.66 -60.50 -10.29
CA GLU C 359 12.93 -60.31 -11.72
C GLU C 359 13.97 -59.23 -11.98
N GLY C 360 14.06 -58.21 -11.13
CA GLY C 360 14.99 -57.13 -11.30
C GLY C 360 14.38 -55.83 -10.88
N ARG C 361 14.99 -54.74 -11.33
CA ARG C 361 14.53 -53.40 -11.02
C ARG C 361 13.42 -52.98 -11.97
N GLY C 362 12.61 -52.02 -11.52
CA GLY C 362 11.64 -51.44 -12.43
C GLY C 362 11.17 -50.09 -11.94
N GLN C 363 10.39 -49.43 -12.79
CA GLN C 363 9.88 -48.10 -12.47
C GLN C 363 8.67 -47.79 -13.35
N ALA C 364 7.66 -47.17 -12.76
CA ALA C 364 6.50 -46.70 -13.53
C ALA C 364 5.86 -45.52 -12.82
N ALA C 365 5.50 -44.49 -13.58
CA ALA C 365 4.85 -43.33 -13.00
C ALA C 365 3.38 -43.60 -12.69
N ASP C 366 2.88 -42.96 -11.64
CA ASP C 366 1.47 -42.93 -11.28
C ASP C 366 0.87 -41.66 -11.88
N LEU C 367 0.05 -41.81 -12.92
CA LEU C 367 -0.42 -40.66 -13.67
C LEU C 367 -1.63 -39.98 -13.03
N LYS C 368 -2.41 -40.70 -12.21
CA LYS C 368 -3.58 -40.09 -11.59
C LYS C 368 -3.21 -39.03 -10.56
N SER C 369 -2.18 -39.29 -9.75
CA SER C 369 -1.81 -38.28 -8.75
C SER C 369 -1.08 -37.12 -9.42
N THR C 370 -0.38 -37.40 -10.52
CA THR C 370 0.26 -36.34 -11.28
C THR C 370 -0.80 -35.42 -11.85
N GLN C 371 -1.86 -36.00 -12.42
CA GLN C 371 -2.92 -35.18 -12.99
C GLN C 371 -3.66 -34.42 -11.91
N ALA C 372 -3.87 -35.02 -10.73
CA ALA C 372 -4.55 -34.28 -9.67
C ALA C 372 -3.74 -33.05 -9.27
N ALA C 373 -2.42 -33.21 -9.12
CA ALA C 373 -1.58 -32.06 -8.77
C ALA C 373 -1.59 -31.02 -9.86
N ILE C 374 -1.56 -31.47 -11.12
CA ILE C 374 -1.56 -30.55 -12.25
C ILE C 374 -2.89 -29.80 -12.30
N ASP C 375 -4.00 -30.50 -12.09
CA ASP C 375 -5.31 -29.84 -12.11
C ASP C 375 -5.39 -28.77 -11.04
N GLN C 376 -4.86 -29.03 -9.85
CA GLN C 376 -4.90 -28.01 -8.81
C GLN C 376 -4.02 -26.81 -9.16
N ILE C 377 -2.86 -27.07 -9.78
CA ILE C 377 -1.99 -25.99 -10.19
C ILE C 377 -2.65 -25.19 -11.31
N ASN C 378 -3.29 -25.88 -12.25
CA ASN C 378 -3.98 -25.21 -13.35
C ASN C 378 -5.13 -24.38 -12.80
N GLY C 379 -5.78 -24.84 -11.73
CA GLY C 379 -6.80 -24.03 -11.10
C GLY C 379 -6.24 -22.72 -10.60
N LYS C 380 -5.12 -22.78 -9.87
CA LYS C 380 -4.51 -21.55 -9.38
C LYS C 380 -4.12 -20.64 -10.53
N LEU C 381 -3.56 -21.23 -11.60
CA LEU C 381 -3.14 -20.42 -12.74
C LEU C 381 -4.35 -19.77 -13.40
N ASN C 382 -5.46 -20.50 -13.53
CA ASN C 382 -6.62 -19.88 -14.17
C ASN C 382 -7.12 -18.74 -13.30
N ARG C 383 -7.04 -18.88 -11.98
CA ARG C 383 -7.46 -17.79 -11.12
C ARG C 383 -6.53 -16.59 -11.23
N LEU C 384 -5.28 -16.77 -11.69
CA LEU C 384 -4.31 -15.67 -11.75
C LEU C 384 -3.97 -15.11 -13.14
N ILE C 385 -4.42 -15.72 -14.22
CA ILE C 385 -4.01 -15.38 -15.59
C ILE C 385 -5.22 -14.94 -16.40
N GLY C 386 -5.10 -13.77 -17.03
CA GLY C 386 -6.18 -13.18 -17.82
C GLY C 386 -7.33 -12.61 -17.04
N LYS C 387 -7.07 -12.11 -15.83
CA LYS C 387 -8.08 -11.57 -14.92
C LYS C 387 -7.78 -10.12 -14.58
N THR C 388 -7.43 -9.32 -15.60
CA THR C 388 -7.03 -7.93 -15.37
C THR C 388 -8.25 -7.02 -15.19
N ASN C 389 -7.97 -5.82 -14.67
CA ASN C 389 -8.97 -4.79 -14.38
C ASN C 389 -8.82 -3.64 -15.36
N GLU C 390 -9.87 -3.39 -16.13
CA GLU C 390 -9.83 -2.40 -17.19
C GLU C 390 -10.09 -0.99 -16.67
N LYS C 391 -9.13 -0.09 -16.90
CA LYS C 391 -9.21 1.30 -16.45
C LYS C 391 -8.96 2.20 -17.64
N PHE C 392 -9.60 3.37 -17.67
CA PHE C 392 -9.44 4.28 -18.80
C PHE C 392 -8.88 5.62 -18.35
N HIS C 393 -9.71 6.65 -18.19
CA HIS C 393 -9.21 7.93 -17.72
C HIS C 393 -8.78 7.85 -16.27
N GLN C 394 -7.59 8.37 -15.98
CA GLN C 394 -7.02 8.35 -14.64
C GLN C 394 -6.32 9.67 -14.41
N ILE C 395 -5.79 9.84 -13.20
CA ILE C 395 -5.07 11.05 -12.88
C ILE C 395 -3.73 11.10 -13.61
N GLU C 396 -3.15 12.29 -13.71
CA GLU C 396 -1.83 12.40 -14.30
C GLU C 396 -0.85 11.82 -13.29
N LYS C 397 0.16 11.09 -13.80
CA LYS C 397 1.10 10.41 -12.93
C LYS C 397 2.52 10.95 -13.01
N GLU C 398 2.87 11.62 -14.11
CA GLU C 398 4.17 12.23 -14.30
C GLU C 398 3.95 13.72 -14.52
N PHE C 399 4.84 14.55 -13.98
CA PHE C 399 4.70 15.99 -14.07
C PHE C 399 6.01 16.61 -14.52
N SER C 400 5.90 17.71 -15.26
CA SER C 400 7.06 18.46 -15.75
C SER C 400 7.26 19.78 -15.04
N GLU C 401 6.35 20.19 -14.16
CA GLU C 401 6.41 21.46 -13.46
C GLU C 401 6.16 21.22 -11.98
N VAL C 402 6.65 22.13 -11.15
CA VAL C 402 6.43 22.10 -9.72
C VAL C 402 5.18 22.91 -9.44
N GLU C 403 4.08 22.23 -9.09
CA GLU C 403 2.78 22.86 -8.94
C GLU C 403 2.32 23.05 -7.50
N GLY C 404 2.83 22.24 -6.55
CA GLY C 404 2.37 22.34 -5.18
C GLY C 404 1.42 21.26 -4.68
N ARG C 405 0.46 21.71 -3.86
CA ARG C 405 -0.36 20.84 -3.03
C ARG C 405 -1.13 19.80 -3.85
N ILE C 406 -1.70 20.20 -4.99
CA ILE C 406 -2.53 19.28 -5.76
C ILE C 406 -1.67 18.18 -6.36
N GLN C 407 -0.52 18.58 -6.90
CA GLN C 407 0.41 17.62 -7.49
C GLN C 407 0.92 16.66 -6.42
N ASP C 408 1.20 17.19 -5.22
CA ASP C 408 1.66 16.35 -4.12
C ASP C 408 0.59 15.32 -3.74
N LEU C 409 -0.67 15.72 -3.74
CA LEU C 409 -1.72 14.76 -3.41
C LEU C 409 -1.86 13.70 -4.49
N GLU C 410 -1.75 14.09 -5.75
CA GLU C 410 -1.85 13.11 -6.83
C GLU C 410 -0.71 12.10 -6.75
N LYS C 411 0.50 12.59 -6.44
CA LYS C 411 1.64 11.68 -6.29
C LYS C 411 1.46 10.76 -5.10
N TYR C 412 0.94 11.30 -3.99
CA TYR C 412 0.73 10.48 -2.80
C TYR C 412 -0.28 9.38 -3.07
N VAL C 413 -1.37 9.72 -3.76
CA VAL C 413 -2.41 8.73 -4.05
C VAL C 413 -1.83 7.60 -4.91
N GLU C 414 -1.05 7.95 -5.94
CA GLU C 414 -0.49 6.89 -6.76
C GLU C 414 0.54 6.06 -6.01
N ASP C 415 1.37 6.70 -5.19
CA ASP C 415 2.39 5.95 -4.46
C ASP C 415 1.72 4.98 -3.49
N THR C 416 0.64 5.42 -2.84
CA THR C 416 -0.09 4.55 -1.92
C THR C 416 -0.68 3.36 -2.67
N LYS C 417 -1.31 3.62 -3.82
CA LYS C 417 -1.89 2.53 -4.60
C LYS C 417 -0.83 1.52 -5.02
N ILE C 418 0.33 2.01 -5.47
CA ILE C 418 1.37 1.11 -5.93
C ILE C 418 1.92 0.27 -4.78
N ASP C 419 2.17 0.90 -3.63
CA ASP C 419 2.70 0.13 -2.50
C ASP C 419 1.71 -0.92 -2.02
N LEU C 420 0.42 -0.59 -2.02
CA LEU C 420 -0.57 -1.57 -1.58
C LEU C 420 -0.70 -2.72 -2.57
N TRP C 421 -0.66 -2.44 -3.87
CA TRP C 421 -0.73 -3.54 -4.83
C TRP C 421 0.55 -4.36 -4.86
N SER C 422 1.71 -3.74 -4.59
CA SER C 422 2.94 -4.50 -4.53
C SER C 422 2.91 -5.44 -3.32
N TYR C 423 2.39 -4.96 -2.20
CA TYR C 423 2.23 -5.82 -1.03
C TYR C 423 1.30 -6.98 -1.35
N ASN C 424 0.16 -6.68 -1.98
CA ASN C 424 -0.79 -7.73 -2.31
C ASN C 424 -0.17 -8.76 -3.25
N ALA C 425 0.62 -8.31 -4.22
CA ALA C 425 1.26 -9.25 -5.14
C ALA C 425 2.28 -10.13 -4.43
N GLU C 426 3.04 -9.55 -3.51
CA GLU C 426 4.06 -10.35 -2.82
C GLU C 426 3.41 -11.37 -1.90
N LEU C 427 2.37 -10.95 -1.17
CA LEU C 427 1.70 -11.87 -0.26
C LEU C 427 0.98 -12.95 -1.04
N LEU C 428 0.32 -12.58 -2.14
CA LEU C 428 -0.42 -13.54 -2.94
C LEU C 428 0.51 -14.61 -3.51
N VAL C 429 1.68 -14.20 -4.03
CA VAL C 429 2.58 -15.19 -4.60
C VAL C 429 3.14 -16.10 -3.52
N ALA C 430 3.53 -15.55 -2.37
CA ALA C 430 4.02 -16.39 -1.29
C ALA C 430 2.94 -17.38 -0.84
N LEU C 431 1.68 -16.91 -0.81
CA LEU C 431 0.56 -17.75 -0.40
C LEU C 431 0.32 -18.87 -1.40
N GLU C 432 0.33 -18.56 -2.68
CA GLU C 432 0.08 -19.57 -3.71
C GLU C 432 1.21 -20.58 -3.75
N ASN C 433 2.45 -20.14 -3.50
CA ASN C 433 3.56 -21.09 -3.53
C ASN C 433 3.51 -22.02 -2.34
N GLN C 434 3.15 -21.50 -1.17
CA GLN C 434 3.05 -22.37 0.00
C GLN C 434 1.92 -23.37 -0.18
N HIS C 435 0.80 -22.93 -0.78
CA HIS C 435 -0.32 -23.86 -0.94
C HIS C 435 0.01 -24.91 -2.00
N THR C 436 0.73 -24.52 -3.06
CA THR C 436 1.09 -25.50 -4.09
C THR C 436 2.00 -26.57 -3.50
N ILE C 437 3.00 -26.17 -2.70
CA ILE C 437 3.90 -27.15 -2.14
C ILE C 437 3.16 -28.04 -1.14
N ASP C 438 2.34 -27.45 -0.27
CA ASP C 438 1.61 -28.25 0.71
C ASP C 438 0.67 -29.23 0.02
N LEU C 439 0.02 -28.82 -1.06
CA LEU C 439 -0.91 -29.70 -1.76
C LEU C 439 -0.18 -30.86 -2.43
N THR C 440 0.99 -30.61 -3.02
CA THR C 440 1.65 -31.72 -3.70
C THR C 440 2.33 -32.64 -2.69
N ASP C 441 2.69 -32.13 -1.52
CA ASP C 441 3.21 -33.02 -0.48
C ASP C 441 2.07 -33.87 0.06
N SER C 442 0.88 -33.27 0.17
CA SER C 442 -0.28 -34.01 0.64
C SER C 442 -0.64 -35.11 -0.36
N GLU C 443 -0.51 -34.81 -1.65
CA GLU C 443 -0.82 -35.82 -2.66
C GLU C 443 0.20 -36.97 -2.61
N MET C 444 1.47 -36.64 -2.35
CA MET C 444 2.47 -37.70 -2.18
C MET C 444 2.11 -38.57 -1.00
N ASN C 445 1.67 -37.94 0.10
CA ASN C 445 1.31 -38.70 1.29
C ASN C 445 0.06 -39.53 1.06
N LYS C 446 -0.88 -39.02 0.27
CA LYS C 446 -2.09 -39.79 -0.04
C LYS C 446 -1.74 -41.02 -0.85
N LEU C 447 -0.81 -40.89 -1.80
CA LEU C 447 -0.43 -42.06 -2.58
C LEU C 447 0.27 -43.09 -1.70
N PHE C 448 1.14 -42.63 -0.80
CA PHE C 448 1.84 -43.56 0.08
C PHE C 448 0.84 -44.28 0.97
N GLU C 449 -0.09 -43.54 1.56
CA GLU C 449 -1.05 -44.15 2.46
C GLU C 449 -1.99 -45.10 1.71
N LYS C 450 -2.35 -44.76 0.47
CA LYS C 450 -3.19 -45.66 -0.31
C LYS C 450 -2.47 -46.98 -0.57
N THR C 451 -1.19 -46.91 -0.91
CA THR C 451 -0.42 -48.13 -1.14
C THR C 451 -0.32 -48.94 0.15
N LYS C 452 -0.06 -48.26 1.28
CA LYS C 452 0.07 -48.97 2.56
C LYS C 452 -1.24 -49.67 2.90
N LYS C 453 -2.37 -48.98 2.72
CA LYS C 453 -3.65 -49.56 3.06
C LYS C 453 -3.98 -50.74 2.15
N GLN C 454 -3.63 -50.64 0.87
CA GLN C 454 -3.85 -51.76 -0.04
C GLN C 454 -3.03 -52.98 0.36
N LEU C 455 -1.79 -52.76 0.80
CA LEU C 455 -0.95 -53.89 1.18
C LEU C 455 -1.44 -54.55 2.47
N ARG C 456 -2.13 -53.80 3.32
CA ARG C 456 -2.69 -54.30 4.60
C ARG C 456 -1.55 -54.86 5.44
N GLU C 457 -1.56 -56.15 5.80
CA GLU C 457 -0.56 -56.76 6.67
C GLU C 457 0.50 -57.53 5.89
N ASN C 458 0.54 -57.39 4.57
CA ASN C 458 1.51 -58.10 3.76
C ASN C 458 2.80 -57.34 3.55
N ALA C 459 2.95 -56.15 4.13
CA ALA C 459 4.16 -55.36 3.92
C ALA C 459 4.41 -54.46 5.13
N GLU C 460 5.67 -54.06 5.29
CA GLU C 460 6.10 -53.15 6.34
C GLU C 460 6.70 -51.89 5.74
N ASP C 461 6.47 -50.77 6.42
CA ASP C 461 7.03 -49.47 6.03
C ASP C 461 8.48 -49.37 6.52
N MET C 462 9.43 -49.23 5.59
CA MET C 462 10.83 -49.26 5.98
C MET C 462 11.35 -47.92 6.47
N GLY C 463 10.54 -46.85 6.41
CA GLY C 463 10.95 -45.55 6.90
C GLY C 463 11.49 -44.59 5.86
N ASN C 464 11.71 -45.04 4.62
CA ASN C 464 12.24 -44.20 3.55
C ASN C 464 11.29 -44.13 2.36
N GLY C 465 9.99 -44.26 2.60
CA GLY C 465 9.02 -44.22 1.52
C GLY C 465 8.98 -45.50 0.73
N CYS C 466 9.33 -46.63 1.36
CA CYS C 466 9.38 -47.93 0.70
C CYS C 466 8.70 -48.96 1.58
N PHE C 467 8.10 -49.94 0.92
CA PHE C 467 7.49 -51.08 1.58
C PHE C 467 8.32 -52.33 1.33
N LYS C 468 8.50 -53.12 2.38
CA LYS C 468 9.09 -54.45 2.30
C LYS C 468 7.91 -55.40 2.24
N ILE C 469 7.74 -56.08 1.12
CA ILE C 469 6.62 -56.98 0.88
C ILE C 469 7.16 -58.38 1.11
N TYR C 470 6.63 -59.04 2.14
CA TYR C 470 7.20 -60.30 2.62
C TYR C 470 6.68 -61.52 1.87
N HIS C 471 6.75 -61.49 0.55
CA HIS C 471 6.40 -62.67 -0.24
C HIS C 471 7.03 -62.50 -1.61
N LYS C 472 7.18 -63.62 -2.32
CA LYS C 472 7.62 -63.53 -3.70
C LYS C 472 6.56 -62.75 -4.47
N CYS C 473 6.98 -61.72 -5.18
CA CYS C 473 6.04 -60.84 -5.86
C CYS C 473 6.63 -60.46 -7.22
N ASP C 474 6.07 -61.02 -8.28
CA ASP C 474 6.53 -60.84 -9.64
C ASP C 474 5.94 -59.55 -10.20
N ASN C 475 6.14 -59.28 -11.48
CA ASN C 475 5.65 -58.02 -12.02
C ASN C 475 4.12 -57.95 -12.07
N ALA C 476 3.44 -59.10 -12.15
CA ALA C 476 1.98 -59.06 -12.20
C ALA C 476 1.35 -58.53 -10.91
N CYS C 477 1.86 -58.97 -9.75
CA CYS C 477 1.35 -58.44 -8.48
C CYS C 477 1.76 -56.98 -8.29
N ILE C 478 2.93 -56.61 -8.80
CA ILE C 478 3.35 -55.22 -8.67
C ILE C 478 2.42 -54.33 -9.51
N GLY C 479 2.11 -54.77 -10.73
CA GLY C 479 1.16 -54.03 -11.55
C GLY C 479 -0.20 -53.96 -10.91
N SER C 480 -0.62 -55.05 -10.24
CA SER C 480 -1.91 -55.04 -9.56
C SER C 480 -1.91 -54.00 -8.46
N ILE C 481 -0.80 -53.88 -7.74
CA ILE C 481 -0.68 -52.88 -6.69
C ILE C 481 -0.77 -51.48 -7.29
N ARG C 482 -0.02 -51.25 -8.38
CA ARG C 482 0.01 -49.92 -8.99
C ARG C 482 -1.36 -49.45 -9.42
N ASN C 483 -2.17 -50.35 -10.00
CA ASN C 483 -3.49 -50.01 -10.52
C ASN C 483 -4.62 -50.25 -9.53
N GLY C 484 -4.32 -50.54 -8.28
CA GLY C 484 -5.37 -50.68 -7.28
C GLY C 484 -6.13 -51.98 -7.26
N THR C 485 -5.56 -53.08 -7.78
CA THR C 485 -6.24 -54.37 -7.84
C THR C 485 -5.53 -55.45 -7.02
N TYR C 486 -4.68 -55.09 -6.08
CA TYR C 486 -3.95 -56.08 -5.30
C TYR C 486 -4.87 -56.68 -4.24
N ASP C 487 -5.02 -58.00 -4.28
CA ASP C 487 -5.85 -58.75 -3.34
C ASP C 487 -4.93 -59.28 -2.24
N HIS C 488 -5.02 -58.70 -1.05
CA HIS C 488 -4.10 -59.08 0.02
C HIS C 488 -4.44 -60.46 0.61
N ASP C 489 -5.63 -60.99 0.37
CA ASP C 489 -6.00 -62.26 0.99
C ASP C 489 -5.27 -63.43 0.35
N VAL C 490 -5.06 -63.38 -0.97
CA VAL C 490 -4.43 -64.51 -1.66
C VAL C 490 -2.98 -64.67 -1.20
N TYR C 491 -2.32 -63.59 -0.79
CA TYR C 491 -0.95 -63.61 -0.35
C TYR C 491 -0.82 -63.54 1.17
N ARG C 492 -1.93 -63.63 1.91
CA ARG C 492 -1.86 -63.41 3.34
C ARG C 492 -1.09 -64.52 4.06
N ASP C 493 -1.27 -65.78 3.67
CA ASP C 493 -0.63 -66.85 4.44
C ASP C 493 0.88 -66.84 4.21
N GLU C 494 1.31 -66.61 2.98
CA GLU C 494 2.74 -66.55 2.69
C GLU C 494 3.37 -65.35 3.38
N ALA C 495 2.69 -64.20 3.30
CA ALA C 495 3.22 -62.98 3.88
C ALA C 495 3.33 -63.10 5.39
N LEU C 496 2.34 -63.73 6.04
CA LEU C 496 2.41 -63.88 7.49
C LEU C 496 3.46 -64.89 7.91
N ASN C 497 3.65 -65.97 7.12
CA ASN C 497 4.67 -66.93 7.51
C ASN C 497 6.06 -66.30 7.41
N ASN C 498 6.30 -65.51 6.35
CA ASN C 498 7.61 -64.88 6.22
C ASN C 498 7.78 -63.71 7.19
N ARG C 499 6.71 -62.98 7.49
CA ARG C 499 6.81 -61.77 8.30
C ARG C 499 6.86 -62.06 9.80
N PHE C 500 6.04 -62.99 10.31
CA PHE C 500 5.97 -63.27 11.74
C PHE C 500 6.55 -64.61 12.15
N GLN C 501 6.95 -65.45 11.20
CA GLN C 501 7.50 -66.77 11.48
C GLN C 501 6.55 -67.59 12.37
N ILE C 502 5.27 -67.54 12.00
CA ILE C 502 4.12 -68.25 12.62
C ILE C 502 4.46 -69.38 13.60
N ASN D 8 -20.74 -62.26 12.92
CA ASN D 8 -20.08 -63.50 12.54
C ASN D 8 -18.88 -63.45 13.56
N SER D 9 -17.65 -63.90 13.28
CA SER D 9 -16.57 -63.81 14.24
C SER D 9 -15.92 -62.43 14.28
N THR D 10 -16.23 -61.56 13.32
CA THR D 10 -15.64 -60.23 13.22
C THR D 10 -16.76 -59.21 13.06
N ALA D 11 -16.37 -57.93 13.08
CA ALA D 11 -17.31 -56.82 12.90
C ALA D 11 -16.62 -55.73 12.11
N THR D 12 -17.41 -54.91 11.44
CA THR D 12 -16.92 -53.77 10.68
C THR D 12 -17.38 -52.50 11.36
N LEU D 13 -16.46 -51.58 11.62
CA LEU D 13 -16.76 -50.26 12.16
C LEU D 13 -16.29 -49.20 11.17
N CYS D 14 -17.23 -48.46 10.60
CA CYS D 14 -16.95 -47.45 9.60
C CYS D 14 -17.10 -46.07 10.21
N LEU D 15 -16.15 -45.19 9.88
CA LEU D 15 -16.17 -43.81 10.33
C LEU D 15 -16.47 -42.93 9.14
N GLY D 16 -17.18 -41.85 9.39
CA GLY D 16 -17.53 -40.98 8.29
C GLY D 16 -18.07 -39.66 8.77
N HIS D 17 -18.62 -38.91 7.82
CA HIS D 17 -19.13 -37.59 8.09
C HIS D 17 -20.39 -37.35 7.27
N HIS D 18 -21.19 -36.37 7.69
CA HIS D 18 -22.49 -36.19 7.05
C HIS D 18 -22.35 -35.54 5.67
N ALA D 19 -23.45 -35.65 4.92
CA ALA D 19 -23.60 -35.05 3.60
C ALA D 19 -25.03 -34.55 3.48
N VAL D 20 -25.26 -33.67 2.51
CA VAL D 20 -26.61 -33.13 2.25
C VAL D 20 -26.98 -33.38 0.79
N PRO D 21 -28.27 -33.58 0.46
CA PRO D 21 -28.65 -33.77 -0.95
C PRO D 21 -28.18 -32.67 -1.90
N ASN D 22 -28.22 -31.42 -1.48
CA ASN D 22 -27.83 -30.29 -2.31
C ASN D 22 -27.11 -29.25 -1.46
N GLY D 23 -25.81 -29.09 -1.71
CA GLY D 23 -24.98 -28.16 -0.96
C GLY D 23 -24.88 -26.81 -1.67
N THR D 24 -23.86 -26.06 -1.28
CA THR D 24 -23.62 -24.71 -1.76
C THR D 24 -22.23 -24.65 -2.38
N ILE D 25 -22.08 -23.88 -3.45
CA ILE D 25 -20.81 -23.77 -4.14
C ILE D 25 -20.06 -22.57 -3.61
N VAL D 26 -18.81 -22.80 -3.17
CA VAL D 26 -17.95 -21.75 -2.64
C VAL D 26 -16.59 -21.80 -3.35
N LYS D 27 -15.85 -20.70 -3.20
CA LYS D 27 -14.50 -20.58 -3.75
C LYS D 27 -13.47 -20.80 -2.65
N THR D 28 -12.40 -21.49 -3.01
CA THR D 28 -11.24 -21.70 -2.17
C THR D 28 -10.00 -21.30 -2.96
N ILE D 29 -8.85 -21.35 -2.30
CA ILE D 29 -7.60 -21.06 -2.99
C ILE D 29 -7.35 -22.11 -4.06
N THR D 30 -7.56 -23.38 -3.72
CA THR D 30 -7.30 -24.46 -4.67
C THR D 30 -8.35 -24.56 -5.77
N ASN D 31 -9.64 -24.43 -5.43
CA ASN D 31 -10.71 -24.77 -6.38
C ASN D 31 -11.80 -23.71 -6.39
N ASP D 32 -12.11 -23.19 -7.58
CA ASP D 32 -13.14 -22.16 -7.74
C ASP D 32 -14.55 -22.58 -7.33
N GLN D 33 -14.93 -23.85 -7.52
CA GLN D 33 -16.30 -24.30 -7.19
C GLN D 33 -16.30 -25.61 -6.43
N ILE D 34 -16.21 -25.52 -5.11
CA ILE D 34 -16.25 -26.68 -4.24
C ILE D 34 -17.60 -26.67 -3.54
N GLU D 35 -18.28 -27.80 -3.55
CA GLU D 35 -19.58 -27.90 -2.91
C GLU D 35 -19.37 -28.21 -1.43
N VAL D 36 -20.07 -27.47 -0.57
CA VAL D 36 -19.99 -27.61 0.87
C VAL D 36 -21.40 -27.83 1.41
N THR D 37 -21.47 -28.38 2.62
CA THR D 37 -22.77 -28.66 3.21
C THR D 37 -23.53 -27.39 3.56
N ASN D 38 -22.82 -26.31 3.91
CA ASN D 38 -23.49 -25.07 4.28
C ASN D 38 -22.58 -23.89 3.97
N ALA D 39 -23.17 -22.74 3.64
CA ALA D 39 -22.43 -21.50 3.46
C ALA D 39 -23.33 -20.32 3.79
N THR D 40 -22.70 -19.21 4.21
CA THR D 40 -23.38 -17.97 4.53
C THR D 40 -22.93 -16.83 3.62
N GLU D 41 -23.84 -15.89 3.38
CA GLU D 41 -23.54 -14.72 2.55
C GLU D 41 -22.84 -13.65 3.37
N LEU D 42 -21.71 -13.15 2.88
CA LEU D 42 -20.96 -12.07 3.51
C LEU D 42 -21.13 -10.71 2.83
N VAL D 43 -21.89 -10.62 1.74
CA VAL D 43 -22.13 -9.36 1.03
C VAL D 43 -23.59 -8.98 1.19
N GLN D 44 -23.84 -7.80 1.74
CA GLN D 44 -25.19 -7.27 1.89
C GLN D 44 -25.54 -6.60 0.57
N SER D 45 -26.44 -7.20 -0.20
CA SER D 45 -26.74 -6.74 -1.55
C SER D 45 -28.06 -5.98 -1.68
N SER D 46 -28.79 -5.75 -0.58
CA SER D 46 -30.04 -5.02 -0.67
C SER D 46 -30.29 -4.22 0.59
N SER D 47 -31.02 -3.12 0.43
CA SER D 47 -31.44 -2.23 1.50
C SER D 47 -32.93 -2.43 1.79
N THR D 48 -33.37 -1.81 2.89
CA THR D 48 -34.79 -1.86 3.24
C THR D 48 -35.60 -0.84 2.44
N GLY D 49 -34.96 0.12 1.79
CA GLY D 49 -35.63 1.14 1.02
C GLY D 49 -35.97 2.41 1.78
N GLU D 50 -35.74 2.45 3.09
CA GLU D 50 -36.02 3.61 3.92
C GLU D 50 -34.80 3.91 4.78
N ILE D 51 -34.61 5.19 5.07
CA ILE D 51 -33.54 5.63 5.96
C ILE D 51 -34.10 5.64 7.39
N CYS D 52 -33.36 5.03 8.32
CA CYS D 52 -33.78 5.03 9.70
C CYS D 52 -33.37 6.34 10.38
N ASP D 53 -34.23 6.81 11.28
CA ASP D 53 -34.02 8.05 12.01
C ASP D 53 -33.41 7.83 13.39
N SER D 54 -32.78 6.67 13.61
CA SER D 54 -32.12 6.34 14.87
C SER D 54 -31.01 5.36 14.53
N PRO D 55 -29.85 5.42 15.20
CA PRO D 55 -29.44 6.32 16.30
C PRO D 55 -29.06 7.72 15.84
N HIS D 56 -28.92 7.96 14.54
CA HIS D 56 -28.44 9.24 14.04
C HIS D 56 -29.59 10.23 13.93
N GLN D 57 -29.28 11.51 14.13
CA GLN D 57 -30.23 12.58 13.92
C GLN D 57 -30.17 12.97 12.45
N ILE D 58 -31.30 12.86 11.76
CA ILE D 58 -31.39 13.11 10.33
C ILE D 58 -32.33 14.28 10.07
N LEU D 59 -31.82 15.27 9.35
CA LEU D 59 -32.58 16.46 8.96
C LEU D 59 -32.92 16.31 7.47
N ASP D 60 -34.21 16.19 7.18
CA ASP D 60 -34.67 15.98 5.82
C ASP D 60 -34.75 17.33 5.11
N GLY D 61 -33.95 17.51 4.07
CA GLY D 61 -33.91 18.80 3.40
C GLY D 61 -35.17 19.16 2.64
N LYS D 62 -36.05 18.19 2.37
CA LYS D 62 -37.29 18.43 1.64
C LYS D 62 -37.03 19.15 0.32
N ASN D 63 -37.45 20.42 0.18
CA ASN D 63 -37.23 21.18 -1.04
C ASN D 63 -35.97 22.03 -0.98
N CYS D 64 -35.20 21.94 0.10
CA CYS D 64 -34.04 22.78 0.33
C CYS D 64 -32.73 22.04 0.15
N THR D 65 -31.73 22.80 -0.26
CA THR D 65 -30.34 22.36 -0.28
C THR D 65 -29.71 22.86 1.01
N LEU D 66 -28.52 22.37 1.32
CA LEU D 66 -27.88 22.83 2.55
C LEU D 66 -27.51 24.31 2.45
N ILE D 67 -27.05 24.75 1.28
CA ILE D 67 -26.67 26.14 1.10
C ILE D 67 -27.89 27.04 1.18
N ASP D 68 -29.03 26.59 0.67
CA ASP D 68 -30.21 27.45 0.74
C ASP D 68 -30.75 27.53 2.16
N ALA D 69 -30.61 26.46 2.93
CA ALA D 69 -30.95 26.51 4.35
C ALA D 69 -29.99 27.44 5.08
N LEU D 70 -28.72 27.45 4.66
CA LEU D 70 -27.72 28.32 5.26
C LEU D 70 -28.02 29.78 5.01
N LEU D 71 -28.36 30.12 3.77
CA LEU D 71 -28.56 31.52 3.42
C LEU D 71 -29.89 32.06 3.92
N GLY D 72 -30.91 31.22 4.04
CA GLY D 72 -32.21 31.66 4.50
C GLY D 72 -33.26 31.78 3.43
N ASP D 73 -33.24 30.93 2.41
CA ASP D 73 -34.28 30.93 1.39
C ASP D 73 -35.62 30.78 2.10
N PRO D 74 -36.62 31.63 1.82
CA PRO D 74 -37.90 31.55 2.57
C PRO D 74 -38.51 30.17 2.69
N GLN D 75 -38.37 29.31 1.67
CA GLN D 75 -38.96 27.98 1.77
C GLN D 75 -38.23 27.14 2.81
N CYS D 76 -37.07 27.59 3.28
CA CYS D 76 -36.21 26.87 4.20
C CYS D 76 -36.32 27.46 5.60
N ASP D 77 -37.36 28.27 5.86
CA ASP D 77 -37.50 28.87 7.18
C ASP D 77 -37.62 27.82 8.28
N GLY D 78 -38.13 26.64 7.95
CA GLY D 78 -38.25 25.56 8.92
C GLY D 78 -36.94 24.92 9.32
N PHE D 79 -35.84 25.27 8.65
CA PHE D 79 -34.52 24.71 8.94
C PHE D 79 -33.64 25.62 9.78
N GLN D 80 -34.16 26.74 10.26
CA GLN D 80 -33.34 27.67 11.03
C GLN D 80 -32.92 27.06 12.37
N ASN D 81 -31.64 27.22 12.68
CA ASN D 81 -31.02 26.75 13.92
C ASN D 81 -31.17 25.25 14.16
N LYS D 82 -31.20 24.45 13.09
CA LYS D 82 -31.27 23.00 13.23
C LYS D 82 -29.89 22.37 13.28
N LYS D 83 -29.84 21.18 13.86
CA LYS D 83 -28.67 20.34 13.99
C LYS D 83 -28.95 18.98 13.35
N TRP D 84 -27.91 18.29 12.92
CA TRP D 84 -28.10 16.97 12.35
C TRP D 84 -26.83 16.15 12.46
N ASP D 85 -27.01 14.83 12.38
CA ASP D 85 -25.90 13.90 12.16
C ASP D 85 -25.77 13.60 10.68
N LEU D 86 -26.88 13.56 9.95
CA LEU D 86 -26.86 13.38 8.50
C LEU D 86 -27.91 14.30 7.90
N PHE D 87 -27.51 15.12 6.93
CA PHE D 87 -28.44 15.99 6.23
C PHE D 87 -28.71 15.31 4.91
N VAL D 88 -29.99 15.13 4.58
CA VAL D 88 -30.40 14.44 3.35
C VAL D 88 -30.90 15.47 2.35
N GLU D 89 -30.18 15.58 1.24
CA GLU D 89 -30.49 16.51 0.17
C GLU D 89 -31.30 15.77 -0.88
N ARG D 90 -32.45 16.31 -1.26
CA ARG D 90 -33.34 15.64 -2.19
C ARG D 90 -33.08 16.12 -3.61
N SER D 91 -33.33 15.23 -4.58
CA SER D 91 -33.13 15.57 -5.98
C SER D 91 -34.15 16.59 -6.46
N LYS D 92 -35.24 16.78 -5.73
CA LYS D 92 -36.28 17.74 -6.07
C LYS D 92 -35.97 19.13 -5.55
N ALA D 93 -34.90 19.29 -4.78
CA ALA D 93 -34.60 20.59 -4.17
C ALA D 93 -34.31 21.62 -5.25
N TYR D 94 -34.81 22.83 -5.01
CA TYR D 94 -34.64 23.95 -5.91
C TYR D 94 -34.65 25.22 -5.09
N SER D 95 -34.07 26.28 -5.62
CA SER D 95 -34.12 27.56 -4.94
C SER D 95 -35.30 28.36 -5.46
N ASN D 96 -35.82 29.22 -4.60
CA ASN D 96 -36.97 30.06 -4.92
C ASN D 96 -36.73 31.44 -4.29
N CYS D 97 -35.60 32.03 -4.64
CA CYS D 97 -35.16 33.28 -4.06
C CYS D 97 -34.24 33.94 -5.08
N TYR D 98 -33.60 35.03 -4.67
CA TYR D 98 -32.78 35.82 -5.58
C TYR D 98 -31.68 34.92 -6.15
N PRO D 99 -31.42 34.96 -7.46
CA PRO D 99 -30.39 34.05 -8.01
C PRO D 99 -29.01 34.39 -7.46
N TYR D 100 -28.22 33.34 -7.24
CA TYR D 100 -26.90 33.52 -6.67
C TYR D 100 -25.98 32.41 -7.17
N ASP D 101 -24.69 32.61 -6.94
CA ASP D 101 -23.67 31.61 -7.20
C ASP D 101 -22.72 31.62 -6.01
N VAL D 102 -22.05 30.50 -5.80
CA VAL D 102 -21.11 30.36 -4.69
C VAL D 102 -19.78 29.89 -5.26
N PRO D 103 -18.75 30.74 -5.39
CA PRO D 103 -17.44 30.21 -5.79
C PRO D 103 -16.99 29.15 -4.79
N ASP D 104 -16.48 28.04 -5.31
CA ASP D 104 -16.09 26.91 -4.48
C ASP D 104 -17.29 26.46 -3.63
N TYR D 105 -18.42 26.23 -4.31
CA TYR D 105 -19.66 25.78 -3.68
C TYR D 105 -19.43 24.52 -2.86
N ALA D 106 -18.71 23.56 -3.43
CA ALA D 106 -18.50 22.27 -2.79
C ALA D 106 -17.82 22.43 -1.43
N SER D 107 -16.90 23.40 -1.31
CA SER D 107 -16.21 23.58 -0.05
C SER D 107 -17.14 24.14 1.01
N LEU D 108 -17.97 25.13 0.68
CA LEU D 108 -18.89 25.67 1.67
C LEU D 108 -19.90 24.61 2.11
N ARG D 109 -20.37 23.81 1.14
CA ARG D 109 -21.30 22.74 1.46
C ARG D 109 -20.65 21.74 2.42
N SER D 110 -19.38 21.41 2.17
CA SER D 110 -18.65 20.52 3.07
C SER D 110 -18.44 21.17 4.43
N LEU D 111 -18.20 22.48 4.46
CA LEU D 111 -18.00 23.18 5.73
C LEU D 111 -19.23 23.06 6.61
N VAL D 112 -20.41 23.30 6.03
CA VAL D 112 -21.61 23.29 6.84
C VAL D 112 -21.96 21.86 7.19
N ALA D 113 -21.84 20.93 6.24
CA ALA D 113 -22.16 19.53 6.49
C ALA D 113 -21.29 18.97 7.61
N SER D 114 -20.00 19.29 7.60
CA SER D 114 -19.11 18.83 8.66
C SER D 114 -19.44 19.51 9.97
N SER D 115 -19.76 20.80 9.95
CA SER D 115 -20.12 21.49 11.19
C SER D 115 -21.34 20.85 11.83
N GLY D 116 -22.37 20.55 11.03
CA GLY D 116 -23.52 19.84 11.54
C GLY D 116 -24.60 20.70 12.15
N THR D 117 -24.59 22.01 11.91
CA THR D 117 -25.59 22.87 12.51
C THR D 117 -25.83 24.12 11.66
N LEU D 118 -27.04 24.62 11.76
CA LEU D 118 -27.43 25.92 11.21
C LEU D 118 -27.66 26.93 12.32
N GLU D 119 -27.15 26.66 13.53
CA GLU D 119 -27.30 27.58 14.64
C GLU D 119 -26.67 28.90 14.25
N PHE D 120 -27.45 29.98 14.40
CA PHE D 120 -27.04 31.29 13.97
C PHE D 120 -27.33 32.29 15.08
N ASN D 121 -26.33 33.11 15.39
CA ASN D 121 -26.47 34.18 16.37
C ASN D 121 -26.42 35.51 15.64
N ASN D 122 -27.38 36.38 15.93
CA ASN D 122 -27.42 37.70 15.33
C ASN D 122 -26.42 38.62 16.01
N GLU D 123 -25.81 39.50 15.22
CA GLU D 123 -24.90 40.52 15.71
C GLU D 123 -25.34 41.88 15.19
N SER D 124 -25.14 42.89 16.02
CA SER D 124 -25.51 44.27 15.67
C SER D 124 -24.33 44.96 15.01
N PHE D 125 -24.41 45.12 13.69
CA PHE D 125 -23.39 45.79 12.92
C PHE D 125 -23.82 47.25 12.79
N ASN D 126 -22.84 48.15 12.69
CA ASN D 126 -23.17 49.57 12.74
C ASN D 126 -24.04 50.02 11.58
N TRP D 127 -23.73 49.59 10.35
CA TRP D 127 -24.48 49.87 9.11
C TRP D 127 -25.23 51.20 9.14
N THR D 128 -24.51 52.29 9.35
CA THR D 128 -25.09 53.62 9.32
C THR D 128 -24.86 54.25 7.95
N GLY D 129 -25.72 55.19 7.61
CA GLY D 129 -25.63 55.91 6.36
C GLY D 129 -26.18 55.15 5.18
N VAL D 130 -26.72 53.95 5.40
CA VAL D 130 -27.25 53.10 4.35
C VAL D 130 -28.63 52.61 4.79
N THR D 131 -29.40 52.14 3.81
CA THR D 131 -30.72 51.58 4.06
C THR D 131 -30.58 50.07 4.17
N GLN D 132 -31.10 49.50 5.26
CA GLN D 132 -31.02 48.08 5.55
C GLN D 132 -32.26 47.34 5.08
N ASN D 133 -32.15 46.01 5.04
CA ASN D 133 -33.25 45.12 4.71
C ASN D 133 -33.81 45.34 3.31
N GLY D 134 -32.92 45.34 2.32
CA GLY D 134 -33.37 45.39 0.95
C GLY D 134 -34.11 44.11 0.59
N THR D 135 -35.09 44.24 -0.30
CA THR D 135 -35.93 43.10 -0.70
C THR D 135 -35.99 42.99 -2.22
N SER D 136 -36.53 41.86 -2.67
CA SER D 136 -36.71 41.59 -4.08
C SER D 136 -37.96 40.75 -4.29
N SER D 137 -38.59 40.93 -5.46
CA SER D 137 -39.75 40.12 -5.81
C SER D 137 -39.39 38.66 -6.07
N ALA D 138 -38.10 38.36 -6.27
CA ALA D 138 -37.68 36.98 -6.45
C ALA D 138 -37.88 36.15 -5.18
N CYS D 139 -37.78 36.78 -4.01
CA CYS D 139 -37.84 36.08 -2.73
C CYS D 139 -39.13 36.52 -2.04
N ILE D 140 -40.19 35.73 -2.21
CA ILE D 140 -41.48 36.02 -1.61
C ILE D 140 -41.58 35.13 -0.38
N ARG D 141 -41.66 35.75 0.80
CA ARG D 141 -41.62 35.04 2.07
C ARG D 141 -43.01 34.74 2.62
N ARG D 142 -43.78 35.80 2.92
CA ARG D 142 -45.15 35.69 3.42
C ARG D 142 -46.06 36.61 2.60
N SER D 143 -46.10 36.34 1.30
CA SER D 143 -46.78 37.19 0.31
C SER D 143 -46.24 38.62 0.28
N LYS D 144 -44.97 38.80 0.66
CA LYS D 144 -44.32 40.10 0.64
C LYS D 144 -42.95 39.94 -0.01
N ASN D 145 -42.49 41.00 -0.67
CA ASN D 145 -41.12 40.97 -1.19
C ASN D 145 -40.18 40.89 -0.02
N SER D 146 -39.18 40.01 -0.12
CA SER D 146 -38.22 39.84 0.97
C SER D 146 -36.85 39.54 0.37
N PHE D 147 -36.00 38.93 1.19
CA PHE D 147 -34.62 38.60 0.84
C PHE D 147 -34.23 37.43 1.73
N PHE D 148 -32.98 36.97 1.58
CA PHE D 148 -32.50 35.88 2.40
C PHE D 148 -32.56 36.27 3.88
N SER D 149 -33.05 35.37 4.72
CA SER D 149 -33.25 35.69 6.13
C SER D 149 -31.96 35.88 6.90
N ARG D 150 -30.82 35.42 6.37
CA ARG D 150 -29.53 35.55 7.05
C ARG D 150 -28.63 36.58 6.39
N LEU D 151 -29.13 37.34 5.41
CA LEU D 151 -28.39 38.34 4.69
C LEU D 151 -29.12 39.67 4.78
N ASN D 152 -28.37 40.77 4.72
CA ASN D 152 -28.90 42.12 4.80
C ASN D 152 -28.46 42.88 3.56
N TRP D 153 -29.39 43.12 2.65
CA TRP D 153 -29.08 43.80 1.39
C TRP D 153 -29.08 45.30 1.67
N LEU D 154 -27.89 45.91 1.65
CA LEU D 154 -27.74 47.32 1.98
C LEU D 154 -27.80 48.15 0.71
N THR D 155 -28.53 49.27 0.78
CA THR D 155 -28.67 50.21 -0.33
C THR D 155 -28.40 51.61 0.19
N HIS D 156 -28.39 52.59 -0.72
CA HIS D 156 -28.11 53.96 -0.34
C HIS D 156 -29.18 54.52 0.59
N LEU D 157 -28.80 55.55 1.33
CA LEU D 157 -29.70 56.33 2.18
C LEU D 157 -29.69 57.77 1.70
N ASN D 158 -30.85 58.28 1.30
CA ASN D 158 -31.00 59.65 0.80
C ASN D 158 -30.04 59.92 -0.37
N PHE D 159 -29.91 58.93 -1.25
CA PHE D 159 -29.07 59.00 -2.45
C PHE D 159 -27.59 59.07 -2.12
N LYS D 160 -27.18 58.63 -0.93
CA LYS D 160 -25.78 58.53 -0.55
C LYS D 160 -25.52 57.14 0.00
N TYR D 161 -24.34 56.61 -0.30
CA TYR D 161 -23.88 55.33 0.23
C TYR D 161 -22.47 55.55 0.78
N PRO D 162 -22.34 56.03 2.01
CA PRO D 162 -21.02 56.37 2.51
C PRO D 162 -20.20 55.11 2.64
N ALA D 163 -18.88 55.25 2.51
CA ALA D 163 -18.04 54.07 2.64
C ALA D 163 -18.21 53.49 4.04
N LEU D 164 -18.38 52.17 4.07
CA LEU D 164 -18.52 51.42 5.30
C LEU D 164 -17.18 50.86 5.73
N ASN D 165 -16.89 50.99 7.02
CA ASN D 165 -15.71 50.44 7.67
C ASN D 165 -16.24 49.93 9.01
N VAL D 166 -16.74 48.70 8.99
CA VAL D 166 -17.50 48.14 10.11
C VAL D 166 -16.73 46.99 10.74
N THR D 167 -16.50 47.11 12.04
CA THR D 167 -15.69 46.19 12.82
C THR D 167 -16.57 45.33 13.71
N MET D 168 -16.33 44.01 13.70
CA MET D 168 -17.03 43.04 14.53
C MET D 168 -16.01 42.13 15.20
N PRO D 169 -15.57 42.46 16.42
CA PRO D 169 -14.52 41.63 17.04
C PRO D 169 -15.10 40.28 17.46
N ASN D 170 -14.24 39.26 17.42
CA ASN D 170 -14.62 37.92 17.87
C ASN D 170 -14.11 37.76 19.30
N ASN D 171 -15.02 37.95 20.25
CA ASN D 171 -14.72 37.88 21.67
C ASN D 171 -15.20 36.55 22.28
N GLU D 172 -15.51 35.57 21.44
CA GLU D 172 -16.01 34.28 21.87
C GLU D 172 -14.83 33.30 21.94
N GLN D 173 -15.12 32.08 22.41
CA GLN D 173 -14.13 31.02 22.53
C GLN D 173 -14.19 30.02 21.38
N PHE D 174 -15.01 30.28 20.36
CA PHE D 174 -15.22 29.38 19.22
C PHE D 174 -15.08 30.14 17.91
N ASP D 175 -14.82 29.38 16.84
CA ASP D 175 -14.76 29.93 15.49
C ASP D 175 -16.13 30.40 15.02
N LYS D 176 -16.18 31.56 14.39
CA LYS D 176 -17.41 32.12 13.84
C LYS D 176 -17.38 32.03 12.32
N LEU D 177 -18.45 31.51 11.73
CA LEU D 177 -18.59 31.44 10.28
C LEU D 177 -19.50 32.56 9.83
N TYR D 178 -18.97 33.47 9.03
CA TYR D 178 -19.72 34.60 8.49
C TYR D 178 -19.97 34.36 7.02
N ILE D 179 -21.22 34.51 6.61
CA ILE D 179 -21.66 34.37 5.22
C ILE D 179 -22.06 35.75 4.73
N TRP D 180 -21.49 36.16 3.60
CA TRP D 180 -21.74 37.49 3.04
C TRP D 180 -21.66 37.37 1.54
N GLY D 181 -22.07 38.41 0.83
CA GLY D 181 -21.96 38.35 -0.61
C GLY D 181 -21.78 39.70 -1.28
N VAL D 182 -21.73 39.63 -2.61
CA VAL D 182 -21.50 40.78 -3.48
C VAL D 182 -22.62 40.84 -4.50
N HIS D 183 -23.24 42.00 -4.63
CA HIS D 183 -24.31 42.20 -5.61
C HIS D 183 -23.72 42.54 -6.97
N HIS D 184 -24.24 41.90 -8.02
CA HIS D 184 -23.85 42.11 -9.41
C HIS D 184 -25.10 42.58 -10.16
N PRO D 185 -25.34 43.89 -10.22
CA PRO D 185 -26.53 44.40 -10.91
C PRO D 185 -26.56 44.04 -12.39
N GLY D 186 -27.77 43.89 -12.92
CA GLY D 186 -27.94 43.64 -14.34
C GLY D 186 -27.49 44.81 -15.20
N THR D 187 -27.79 46.04 -14.80
CA THR D 187 -27.46 47.23 -15.57
C THR D 187 -26.77 48.26 -14.67
N ASP D 188 -26.27 49.33 -15.29
CA ASP D 188 -25.66 50.41 -14.53
C ASP D 188 -26.73 51.29 -13.89
N LYS D 189 -27.92 51.33 -14.52
CA LYS D 189 -29.04 52.04 -13.91
C LYS D 189 -29.37 51.43 -12.56
N ASP D 190 -29.22 50.11 -12.44
CA ASP D 190 -29.52 49.46 -11.17
C ASP D 190 -28.43 49.76 -10.17
N GLN D 191 -27.17 49.84 -10.63
CA GLN D 191 -26.07 50.19 -9.73
C GLN D 191 -26.27 51.58 -9.14
N ILE D 192 -26.73 52.53 -9.95
CA ILE D 192 -26.96 53.88 -9.44
C ILE D 192 -28.22 53.92 -8.58
N PHE D 193 -29.30 53.29 -9.04
CA PHE D 193 -30.55 53.25 -8.29
C PHE D 193 -30.35 52.68 -6.89
N LEU D 194 -29.63 51.55 -6.80
CA LEU D 194 -29.44 50.91 -5.50
C LEU D 194 -28.35 51.54 -4.66
N TYR D 195 -27.22 51.97 -5.28
CA TYR D 195 -26.07 52.44 -4.53
C TYR D 195 -25.69 53.89 -4.78
N ALA D 196 -26.27 54.55 -5.77
CA ALA D 196 -25.97 55.95 -6.09
C ALA D 196 -24.50 56.20 -6.42
N GLN D 197 -23.73 55.18 -6.80
CA GLN D 197 -22.33 55.40 -7.16
C GLN D 197 -21.78 54.15 -7.84
N ALA D 198 -20.57 54.29 -8.37
CA ALA D 198 -19.86 53.22 -9.04
C ALA D 198 -19.55 52.06 -8.09
N SER D 199 -19.35 50.89 -8.70
CA SER D 199 -19.22 49.61 -7.98
C SER D 199 -18.12 49.63 -6.92
N GLY D 200 -16.97 50.22 -7.23
CA GLY D 200 -15.87 50.18 -6.28
C GLY D 200 -15.44 48.74 -6.02
N ARG D 201 -15.26 48.38 -4.75
CA ARG D 201 -14.88 47.02 -4.40
C ARG D 201 -15.24 46.77 -2.94
N ILE D 202 -15.37 45.49 -2.60
CA ILE D 202 -15.66 45.04 -1.23
C ILE D 202 -14.47 44.24 -0.71
N THR D 203 -13.95 44.62 0.45
CA THR D 203 -12.89 43.89 1.13
C THR D 203 -13.39 43.44 2.50
N VAL D 204 -13.30 42.14 2.76
CA VAL D 204 -13.64 41.56 4.06
C VAL D 204 -12.37 40.91 4.58
N SER D 205 -11.92 41.31 5.76
CA SER D 205 -10.64 40.82 6.25
C SER D 205 -10.60 40.57 7.74
N THR D 206 -9.61 39.77 8.12
CA THR D 206 -9.27 39.41 9.50
C THR D 206 -7.76 39.61 9.64
N LYS D 207 -7.23 39.31 10.83
CA LYS D 207 -5.78 39.41 10.99
C LYS D 207 -5.05 38.40 10.11
N ARG D 208 -5.64 37.24 9.85
CA ARG D 208 -4.98 36.20 9.07
C ARG D 208 -5.33 36.15 7.59
N SER D 209 -6.44 36.76 7.17
CA SER D 209 -6.84 36.63 5.78
C SER D 209 -7.60 37.87 5.32
N GLN D 210 -7.73 37.97 4.00
CA GLN D 210 -8.50 39.02 3.36
C GLN D 210 -9.11 38.44 2.09
N GLN D 211 -10.28 38.96 1.73
CA GLN D 211 -10.93 38.64 0.47
C GLN D 211 -11.41 39.94 -0.13
N THR D 212 -11.00 40.23 -1.36
CA THR D 212 -11.45 41.42 -2.06
C THR D 212 -12.17 40.98 -3.32
N VAL D 213 -13.41 41.44 -3.47
CA VAL D 213 -14.27 41.09 -4.59
C VAL D 213 -14.80 42.38 -5.20
N SER D 214 -14.65 42.52 -6.51
CA SER D 214 -15.19 43.67 -7.21
C SER D 214 -16.55 43.33 -7.79
N PRO D 215 -17.58 44.17 -7.67
CA PRO D 215 -18.81 43.92 -8.42
C PRO D 215 -18.56 44.07 -9.90
N ASN D 216 -19.29 43.28 -10.69
CA ASN D 216 -19.19 43.31 -12.15
C ASN D 216 -20.57 43.63 -12.72
N ILE D 217 -20.72 44.83 -13.27
CA ILE D 217 -22.00 45.26 -13.80
C ILE D 217 -22.19 44.62 -15.16
N GLY D 218 -23.34 44.02 -15.38
CA GLY D 218 -23.65 43.45 -16.67
C GLY D 218 -24.88 42.58 -16.61
N SER D 219 -25.47 42.31 -17.77
CA SER D 219 -26.69 41.52 -17.85
C SER D 219 -26.30 40.05 -17.90
N ARG D 220 -27.06 39.24 -17.18
CA ARG D 220 -26.92 37.79 -17.13
C ARG D 220 -28.27 37.19 -17.52
N PRO D 221 -28.30 35.93 -17.96
CA PRO D 221 -29.59 35.31 -18.29
C PRO D 221 -30.53 35.40 -17.09
N ARG D 222 -31.80 35.75 -17.35
CA ARG D 222 -32.72 35.92 -16.24
C ARG D 222 -33.04 34.58 -15.58
N VAL D 223 -32.95 34.59 -14.25
CA VAL D 223 -33.35 33.47 -13.41
C VAL D 223 -34.40 34.05 -12.46
N ARG D 224 -35.59 33.47 -12.47
CA ARG D 224 -36.72 34.01 -11.73
C ARG D 224 -36.96 35.47 -12.13
N ASN D 225 -36.76 35.76 -13.41
CA ASN D 225 -36.92 37.10 -13.99
C ASN D 225 -35.91 38.11 -13.44
N ILE D 226 -34.82 37.66 -12.83
CA ILE D 226 -33.79 38.53 -12.28
C ILE D 226 -32.55 38.46 -13.18
N PRO D 227 -32.10 39.56 -13.79
CA PRO D 227 -30.88 39.51 -14.62
C PRO D 227 -29.59 39.71 -13.85
N SER D 228 -29.67 39.90 -12.54
CA SER D 228 -28.58 40.20 -11.62
C SER D 228 -28.24 38.96 -10.81
N ARG D 229 -27.06 38.98 -10.18
CA ARG D 229 -26.65 37.88 -9.32
C ARG D 229 -26.03 38.37 -8.02
N ILE D 230 -26.06 37.49 -7.03
CA ILE D 230 -25.34 37.67 -5.78
C ILE D 230 -24.29 36.57 -5.68
N SER D 231 -23.04 36.95 -5.46
CA SER D 231 -21.98 35.97 -5.25
C SER D 231 -21.84 35.79 -3.75
N ILE D 232 -21.72 34.54 -3.31
CA ILE D 232 -21.63 34.22 -1.89
C ILE D 232 -20.20 33.87 -1.51
N TYR D 233 -19.70 34.54 -0.48
CA TYR D 233 -18.37 34.34 0.07
C TYR D 233 -18.56 34.08 1.56
N TRP D 234 -17.57 33.40 2.15
CA TRP D 234 -17.61 33.13 3.57
C TRP D 234 -16.23 33.35 4.17
N THR D 235 -16.22 33.62 5.46
CA THR D 235 -14.99 33.78 6.20
C THR D 235 -15.14 33.16 7.58
N ILE D 236 -14.04 32.60 8.10
CA ILE D 236 -14.01 31.98 9.42
C ILE D 236 -13.12 32.85 10.30
N VAL D 237 -13.70 33.34 11.40
CA VAL D 237 -13.03 34.24 12.32
C VAL D 237 -12.69 33.43 13.57
N LYS D 238 -11.40 33.34 13.88
CA LYS D 238 -10.93 32.56 15.02
C LYS D 238 -11.14 33.37 16.31
N PRO D 239 -11.22 32.69 17.46
CA PRO D 239 -11.32 33.43 18.73
C PRO D 239 -10.19 34.44 18.89
N GLY D 240 -10.56 35.66 19.29
CA GLY D 240 -9.59 36.71 19.47
C GLY D 240 -9.36 37.55 18.23
N ASP D 241 -9.88 37.12 17.08
CA ASP D 241 -9.68 37.82 15.83
C ASP D 241 -10.79 38.87 15.65
N ILE D 242 -10.70 39.64 14.58
CA ILE D 242 -11.64 40.73 14.28
C ILE D 242 -12.08 40.62 12.82
N LEU D 243 -13.38 40.77 12.58
CA LEU D 243 -13.92 40.83 11.22
C LEU D 243 -14.08 42.30 10.86
N LEU D 244 -13.43 42.74 9.78
CA LEU D 244 -13.56 44.12 9.31
C LEU D 244 -14.11 44.08 7.89
N ILE D 245 -15.22 44.78 7.68
CA ILE D 245 -15.88 44.88 6.37
C ILE D 245 -15.69 46.31 5.86
N ASN D 246 -14.99 46.43 4.73
CA ASN D 246 -14.66 47.68 4.06
C ASN D 246 -15.41 47.66 2.73
N SER D 247 -16.46 48.48 2.60
CA SER D 247 -17.28 48.41 1.39
C SER D 247 -17.85 49.76 0.97
N THR D 248 -17.85 50.03 -0.33
CA THR D 248 -18.42 51.24 -0.91
C THR D 248 -19.74 51.00 -1.61
N GLY D 249 -20.24 49.77 -1.64
CA GLY D 249 -21.47 49.45 -2.34
C GLY D 249 -21.49 47.99 -2.75
N ASN D 250 -22.67 47.56 -3.20
CA ASN D 250 -22.87 46.20 -3.71
C ASN D 250 -22.62 45.14 -2.65
N LEU D 251 -22.81 45.47 -1.39
CA LEU D 251 -22.56 44.53 -0.29
C LEU D 251 -23.86 43.89 0.18
N ILE D 252 -23.83 42.56 0.24
CA ILE D 252 -24.89 41.77 0.85
C ILE D 252 -24.30 41.37 2.19
N ALA D 253 -24.65 42.12 3.22
CA ALA D 253 -24.00 42.04 4.51
C ALA D 253 -24.44 40.84 5.33
N PRO D 254 -23.58 40.34 6.22
CA PRO D 254 -24.03 39.33 7.17
C PRO D 254 -24.95 39.95 8.23
N ARG D 255 -25.79 39.11 8.81
CA ARG D 255 -26.63 39.48 9.94
C ARG D 255 -26.12 38.90 11.24
N GLY D 256 -25.00 38.19 11.21
CA GLY D 256 -24.49 37.49 12.36
C GLY D 256 -23.61 36.35 11.89
N TYR D 257 -23.48 35.33 12.73
CA TYR D 257 -22.56 34.24 12.43
C TYR D 257 -23.17 32.87 12.73
N PHE D 258 -22.64 31.87 12.02
CA PHE D 258 -22.92 30.46 12.23
C PHE D 258 -21.76 29.88 13.03
N LYS D 259 -22.07 28.95 13.92
CA LYS D 259 -21.01 28.29 14.69
C LYS D 259 -20.40 27.14 13.89
N ILE D 260 -19.08 26.98 14.02
CA ILE D 260 -18.37 25.83 13.46
C ILE D 260 -18.03 24.89 14.61
N ARG D 261 -18.49 23.65 14.51
CA ARG D 261 -18.23 22.61 15.49
C ARG D 261 -17.54 21.44 14.80
N SER D 262 -16.82 20.64 15.57
CA SER D 262 -16.27 19.39 15.07
C SER D 262 -17.26 18.29 15.46
N GLY D 263 -17.35 17.26 14.64
CA GLY D 263 -18.28 16.20 14.95
C GLY D 263 -18.36 15.17 13.85
N LYS D 264 -19.42 14.37 13.91
CA LYS D 264 -19.70 13.26 13.01
C LYS D 264 -20.70 13.62 11.92
N SER D 265 -21.06 14.89 11.79
CA SER D 265 -22.08 15.29 10.83
C SER D 265 -21.58 15.20 9.40
N SER D 266 -22.49 14.90 8.47
CA SER D 266 -22.17 14.89 7.05
C SER D 266 -23.43 15.18 6.23
N ILE D 267 -23.22 15.32 4.92
CA ILE D 267 -24.27 15.58 3.93
C ILE D 267 -24.36 14.39 2.99
N MET D 268 -25.59 14.00 2.66
CA MET D 268 -25.84 12.92 1.72
C MET D 268 -26.97 13.32 0.79
N ARG D 269 -26.88 12.88 -0.47
CA ARG D 269 -27.92 13.06 -1.46
C ARG D 269 -28.70 11.75 -1.58
N SER D 270 -29.98 11.78 -1.25
CA SER D 270 -30.77 10.56 -1.26
C SER D 270 -32.25 10.91 -1.38
N ASP D 271 -32.96 10.16 -2.22
CA ASP D 271 -34.40 10.29 -2.36
C ASP D 271 -35.16 9.21 -1.59
N ALA D 272 -34.48 8.43 -0.77
CA ALA D 272 -35.15 7.39 -0.01
C ALA D 272 -36.04 8.00 1.06
N PRO D 273 -37.22 7.43 1.32
CA PRO D 273 -38.02 7.93 2.45
C PRO D 273 -37.29 7.68 3.77
N ILE D 274 -37.59 8.51 4.76
CA ILE D 274 -37.07 8.34 6.11
C ILE D 274 -38.17 7.72 6.96
N GLY D 275 -37.90 6.53 7.49
CA GLY D 275 -38.86 5.75 8.23
C GLY D 275 -38.66 5.80 9.72
N LYS D 276 -39.30 4.86 10.42
CA LYS D 276 -39.22 4.72 11.87
C LYS D 276 -38.60 3.36 12.15
N CYS D 277 -37.28 3.35 12.32
CA CYS D 277 -36.49 2.13 12.44
C CYS D 277 -35.14 2.50 13.04
N ASN D 278 -34.30 1.49 13.26
CA ASN D 278 -32.99 1.69 13.86
C ASN D 278 -31.93 0.92 13.07
N SER D 279 -30.99 1.67 12.49
CA SER D 279 -29.89 1.08 11.72
C SER D 279 -28.69 2.00 11.82
N GLU D 280 -27.52 1.40 12.03
CA GLU D 280 -26.28 2.14 12.18
C GLU D 280 -25.62 2.52 10.85
N CYS D 281 -26.14 2.06 9.72
CA CYS D 281 -25.52 2.30 8.41
C CYS D 281 -26.55 2.87 7.45
N ILE D 282 -26.28 4.09 6.96
CA ILE D 282 -27.18 4.80 6.05
C ILE D 282 -26.49 4.91 4.70
N THR D 283 -27.19 4.52 3.63
CA THR D 283 -26.71 4.66 2.25
C THR D 283 -27.72 5.50 1.47
N PRO D 284 -27.37 6.00 0.28
CA PRO D 284 -28.39 6.67 -0.56
C PRO D 284 -29.56 5.78 -0.94
N ASN D 285 -29.45 4.47 -0.82
CA ASN D 285 -30.54 3.55 -1.12
C ASN D 285 -31.39 3.24 0.11
N GLY D 286 -31.06 3.84 1.25
CA GLY D 286 -31.72 3.57 2.51
C GLY D 286 -30.75 2.87 3.46
N SER D 287 -31.22 2.62 4.66
CA SER D 287 -30.38 1.95 5.63
C SER D 287 -30.19 0.49 5.23
N ILE D 288 -29.06 -0.08 5.64
CA ILE D 288 -28.77 -1.49 5.38
C ILE D 288 -28.37 -2.16 6.70
N PRO D 289 -28.58 -3.48 6.81
CA PRO D 289 -27.98 -4.20 7.94
C PRO D 289 -26.46 -4.11 7.87
N ASN D 290 -25.83 -4.06 9.04
CA ASN D 290 -24.37 -3.97 9.14
C ASN D 290 -23.79 -5.21 9.83
N ASP D 291 -24.43 -6.37 9.64
CA ASP D 291 -23.94 -7.61 10.22
C ASP D 291 -22.88 -8.23 9.34
N LYS D 292 -23.06 -8.15 8.02
CA LYS D 292 -22.13 -8.74 7.06
C LYS D 292 -20.88 -7.86 6.95
N PRO D 293 -19.69 -8.44 6.77
CA PRO D 293 -18.48 -7.60 6.66
C PRO D 293 -18.43 -6.75 5.40
N PHE D 294 -19.15 -7.11 4.34
CA PHE D 294 -19.11 -6.40 3.07
C PHE D 294 -20.51 -6.07 2.60
N GLN D 295 -20.61 -5.05 1.75
CA GLN D 295 -21.86 -4.66 1.12
C GLN D 295 -21.64 -4.36 -0.35
N ASN D 296 -22.71 -4.52 -1.14
CA ASN D 296 -22.74 -4.18 -2.55
C ASN D 296 -23.90 -3.24 -2.87
N VAL D 297 -24.31 -2.42 -1.90
CA VAL D 297 -25.45 -1.52 -2.11
C VAL D 297 -25.00 -0.17 -2.65
N ASN D 298 -24.04 0.49 -2.00
CA ASN D 298 -23.57 1.77 -2.49
C ASN D 298 -22.19 2.05 -1.93
N ARG D 299 -21.47 2.92 -2.63
CA ARG D 299 -20.16 3.41 -2.18
C ARG D 299 -20.30 4.58 -1.21
N ILE D 300 -21.42 5.27 -1.24
CA ILE D 300 -21.67 6.40 -0.36
C ILE D 300 -22.32 5.83 0.89
N THR D 301 -21.66 6.01 2.03
CA THR D 301 -22.14 5.45 3.29
C THR D 301 -21.97 6.45 4.41
N TYR D 302 -22.72 6.22 5.49
CA TYR D 302 -22.60 6.97 6.73
C TYR D 302 -22.80 6.01 7.89
N GLY D 303 -21.92 6.09 8.89
CA GLY D 303 -22.03 5.26 10.07
C GLY D 303 -21.17 4.02 10.02
N ALA D 304 -21.59 3.03 10.81
CA ALA D 304 -20.84 1.79 11.07
C ALA D 304 -21.13 0.79 9.94
N CYS D 305 -20.64 1.17 8.73
CA CYS D 305 -21.03 0.40 7.55
C CYS D 305 -20.04 -0.71 7.17
N PRO D 306 -20.55 -1.76 6.51
CA PRO D 306 -19.66 -2.72 5.84
C PRO D 306 -18.88 -2.05 4.72
N ARG D 307 -17.76 -2.67 4.36
CA ARG D 307 -16.94 -2.14 3.28
C ARG D 307 -17.65 -2.40 1.95
N TYR D 308 -17.58 -1.41 1.05
CA TYR D 308 -18.16 -1.56 -0.27
C TYR D 308 -17.22 -2.34 -1.19
N VAL D 309 -17.77 -3.39 -1.82
CA VAL D 309 -17.03 -4.23 -2.74
C VAL D 309 -17.79 -4.32 -4.05
N LYS D 310 -17.08 -4.75 -5.08
CA LYS D 310 -17.70 -4.93 -6.40
C LYS D 310 -18.44 -6.25 -6.54
N GLN D 311 -18.04 -7.27 -5.78
CA GLN D 311 -18.66 -8.58 -5.91
C GLN D 311 -20.14 -8.54 -5.54
N ASN D 312 -20.95 -9.17 -6.38
CA ASN D 312 -22.38 -9.24 -6.07
C ASN D 312 -22.63 -10.23 -4.94
N THR D 313 -21.76 -11.23 -4.79
CA THR D 313 -21.92 -12.25 -3.76
C THR D 313 -20.55 -12.80 -3.39
N LEU D 314 -20.43 -13.15 -2.11
CA LEU D 314 -19.27 -13.84 -1.55
C LEU D 314 -19.82 -14.81 -0.53
N LYS D 315 -19.60 -16.11 -0.73
CA LYS D 315 -20.15 -17.12 0.17
C LYS D 315 -19.02 -17.74 0.98
N LEU D 316 -19.20 -17.73 2.29
CA LEU D 316 -18.25 -18.24 3.26
C LEU D 316 -18.71 -19.61 3.71
N ALA D 317 -17.87 -20.61 3.53
CA ALA D 317 -18.25 -21.94 3.94
C ALA D 317 -18.42 -21.96 5.46
N THR D 318 -19.50 -22.58 5.91
CA THR D 318 -19.80 -22.78 7.31
C THR D 318 -20.09 -24.24 7.55
N GLY D 319 -19.47 -25.10 6.75
CA GLY D 319 -19.71 -26.51 6.82
C GLY D 319 -18.62 -27.26 6.10
N MET D 320 -18.84 -28.55 5.99
CA MET D 320 -17.89 -29.51 5.44
C MET D 320 -18.05 -29.61 3.93
N ARG D 321 -17.00 -30.11 3.28
CA ARG D 321 -17.12 -30.43 1.87
C ARG D 321 -18.24 -31.45 1.68
N ASN D 322 -19.07 -31.25 0.68
CA ASN D 322 -20.22 -32.11 0.40
C ASN D 322 -19.83 -33.19 -0.60
N VAL D 323 -19.87 -34.44 -0.17
CA VAL D 323 -19.54 -35.58 -1.02
C VAL D 323 -20.78 -36.48 -1.06
N PRO D 324 -21.68 -36.31 -2.04
CA PRO D 324 -22.90 -37.12 -2.07
C PRO D 324 -22.62 -38.61 -2.20
N GLU D 325 -23.55 -39.41 -1.69
CA GLU D 325 -23.43 -40.86 -1.75
C GLU D 325 -23.64 -41.34 -3.19
N ILE D 335 -20.67 -51.38 4.01
CA ILE D 335 -20.60 -50.00 4.49
C ILE D 335 -19.24 -49.42 4.10
N ALA D 336 -19.19 -48.09 3.99
CA ALA D 336 -17.95 -47.39 3.66
C ALA D 336 -17.93 -46.03 4.35
N GLY D 337 -16.73 -45.53 4.60
CA GLY D 337 -16.55 -44.27 5.30
C GLY D 337 -16.15 -43.08 4.45
N PHE D 338 -15.55 -42.10 5.12
CA PHE D 338 -15.17 -40.80 4.57
C PHE D 338 -14.20 -40.82 3.39
N ILE D 339 -13.44 -41.89 3.17
CA ILE D 339 -12.50 -41.86 2.05
C ILE D 339 -13.23 -41.81 0.70
N GLU D 340 -14.34 -42.54 0.57
CA GLU D 340 -15.06 -42.55 -0.70
C GLU D 340 -16.22 -41.57 -0.75
N ASN D 341 -16.96 -41.38 0.34
CA ASN D 341 -18.10 -40.47 0.31
C ASN D 341 -18.54 -40.12 1.72
N GLY D 342 -19.49 -39.18 1.80
CA GLY D 342 -20.15 -38.84 3.04
C GLY D 342 -21.43 -39.63 3.24
N TRP D 343 -22.04 -39.45 4.41
CA TRP D 343 -23.27 -40.15 4.78
C TRP D 343 -24.43 -39.18 4.80
N GLU D 344 -25.35 -39.30 3.84
CA GLU D 344 -26.47 -38.38 3.74
C GLU D 344 -27.55 -38.64 4.77
N GLY D 345 -27.63 -39.86 5.32
CA GLY D 345 -28.66 -40.19 6.28
C GLY D 345 -28.43 -39.77 7.71
N MET D 346 -27.29 -39.16 8.03
CA MET D 346 -27.03 -38.73 9.39
C MET D 346 -27.73 -37.40 9.66
N VAL D 347 -28.36 -37.28 10.82
CA VAL D 347 -29.06 -36.07 11.24
C VAL D 347 -28.61 -35.56 12.61
N ASP D 348 -27.83 -36.36 13.33
CA ASP D 348 -27.49 -36.02 14.72
C ASP D 348 -26.26 -35.14 14.83
N GLY D 349 -25.36 -35.20 13.86
CA GLY D 349 -24.12 -34.47 13.94
C GLY D 349 -23.42 -34.49 12.60
N TRP D 350 -22.16 -34.04 12.61
CA TRP D 350 -21.39 -33.94 11.39
C TRP D 350 -20.51 -35.16 11.17
N TYR D 351 -19.92 -35.68 12.23
CA TYR D 351 -19.02 -36.83 12.21
C TYR D 351 -19.71 -37.99 12.91
N GLY D 352 -19.40 -39.21 12.50
CA GLY D 352 -20.04 -40.31 13.16
C GLY D 352 -19.50 -41.66 12.75
N PHE D 353 -20.19 -42.69 13.25
CA PHE D 353 -19.85 -44.08 13.10
C PHE D 353 -21.04 -44.85 12.56
N ARG D 354 -20.73 -45.91 11.84
CA ARG D 354 -21.66 -46.92 11.38
C ARG D 354 -21.01 -48.25 11.72
N HIS D 355 -21.80 -49.28 11.96
CA HIS D 355 -21.17 -50.57 12.20
C HIS D 355 -22.07 -51.68 11.70
N GLN D 356 -21.44 -52.81 11.39
CA GLN D 356 -22.13 -54.04 11.01
C GLN D 356 -21.48 -55.16 11.81
N ASN D 357 -22.27 -55.83 12.63
CA ASN D 357 -21.76 -56.92 13.47
C ASN D 357 -22.77 -58.06 13.45
N SER D 358 -22.65 -58.98 14.42
CA SER D 358 -23.52 -60.15 14.49
C SER D 358 -24.94 -59.81 14.91
N GLU D 359 -25.19 -58.61 15.43
CA GLU D 359 -26.52 -58.22 15.89
C GLU D 359 -27.30 -57.47 14.81
N GLY D 360 -26.60 -56.76 13.94
CA GLY D 360 -27.22 -56.01 12.88
C GLY D 360 -26.36 -54.82 12.53
N ARG D 361 -26.95 -53.92 11.74
CA ARG D 361 -26.26 -52.71 11.30
C ARG D 361 -26.79 -51.52 12.08
N GLY D 362 -25.88 -50.66 12.56
CA GLY D 362 -26.27 -49.50 13.33
C GLY D 362 -25.49 -48.26 12.94
N GLN D 363 -25.78 -47.17 13.64
CA GLN D 363 -25.20 -45.86 13.40
C GLN D 363 -25.29 -45.01 14.66
N ALA D 364 -24.27 -44.19 14.89
CA ALA D 364 -24.26 -43.23 16.00
C ALA D 364 -23.38 -42.06 15.58
N ALA D 365 -23.61 -40.89 16.18
CA ALA D 365 -22.82 -39.71 15.85
C ALA D 365 -21.77 -39.41 16.92
N ASP D 366 -20.65 -38.84 16.48
CA ASP D 366 -19.59 -38.33 17.34
C ASP D 366 -19.79 -36.83 17.50
N LEU D 367 -20.34 -36.41 18.64
CA LEU D 367 -20.72 -35.02 18.80
C LEU D 367 -19.59 -34.14 19.34
N LYS D 368 -18.45 -34.72 19.69
CA LYS D 368 -17.34 -33.92 20.19
C LYS D 368 -16.49 -33.39 19.04
N SER D 369 -16.29 -34.19 17.99
CA SER D 369 -15.58 -33.69 16.83
C SER D 369 -16.47 -32.70 16.09
N THR D 370 -17.78 -32.97 16.09
CA THR D 370 -18.73 -32.07 15.48
C THR D 370 -18.70 -30.74 16.19
N GLN D 371 -18.72 -30.76 17.53
CA GLN D 371 -18.71 -29.50 18.25
C GLN D 371 -17.39 -28.77 18.07
N ALA D 372 -16.27 -29.51 17.97
CA ALA D 372 -15.00 -28.84 17.74
C ALA D 372 -15.02 -28.09 16.40
N ALA D 373 -15.59 -28.72 15.37
CA ALA D 373 -15.70 -28.06 14.07
C ALA D 373 -16.62 -26.84 14.16
N ILE D 374 -17.71 -26.97 14.92
CA ILE D 374 -18.63 -25.85 15.07
C ILE D 374 -17.94 -24.69 15.79
N ASP D 375 -17.17 -25.01 16.83
CA ASP D 375 -16.48 -23.97 17.58
C ASP D 375 -15.50 -23.22 16.69
N GLN D 376 -14.75 -23.94 15.84
CA GLN D 376 -13.80 -23.25 14.97
C GLN D 376 -14.52 -22.40 13.93
N ILE D 377 -15.65 -22.89 13.39
CA ILE D 377 -16.40 -22.10 12.43
C ILE D 377 -17.00 -20.88 13.11
N ASN D 378 -17.51 -21.05 14.34
CA ASN D 378 -18.05 -19.93 15.08
C ASN D 378 -16.97 -18.91 15.35
N GLY D 379 -15.74 -19.36 15.58
CA GLY D 379 -14.63 -18.43 15.76
C GLY D 379 -14.43 -17.57 14.53
N LYS D 380 -14.39 -18.22 13.35
CA LYS D 380 -14.22 -17.46 12.12
C LYS D 380 -15.38 -16.48 11.91
N LEU D 381 -16.60 -16.93 12.18
CA LEU D 381 -17.76 -16.06 12.00
C LEU D 381 -17.74 -14.90 12.98
N ASN D 382 -17.32 -15.14 14.22
CA ASN D 382 -17.28 -14.07 15.20
C ASN D 382 -16.22 -13.05 14.85
N ARG D 383 -15.13 -13.47 14.21
CA ARG D 383 -14.15 -12.49 13.78
C ARG D 383 -14.63 -11.72 12.56
N LEU D 384 -15.44 -12.34 11.70
CA LEU D 384 -15.92 -11.69 10.48
C LEU D 384 -17.24 -10.94 10.65
N ILE D 385 -18.19 -11.49 11.41
CA ILE D 385 -19.55 -10.96 11.46
C ILE D 385 -19.67 -9.99 12.64
N GLY D 386 -20.24 -8.83 12.39
CA GLY D 386 -20.42 -7.80 13.40
C GLY D 386 -19.29 -6.81 13.57
N LYS D 387 -18.29 -6.83 12.67
CA LYS D 387 -17.14 -5.93 12.74
C LYS D 387 -17.19 -5.06 11.48
N THR D 388 -17.55 -3.79 11.66
CA THR D 388 -17.77 -2.85 10.57
C THR D 388 -16.91 -1.61 10.77
N ASN D 389 -16.85 -0.79 9.72
CA ASN D 389 -16.02 0.41 9.67
C ASN D 389 -16.88 1.66 9.84
N GLU D 390 -16.73 2.33 10.99
CA GLU D 390 -17.54 3.52 11.25
C GLU D 390 -16.86 4.74 10.65
N LYS D 391 -17.50 5.33 9.64
CA LYS D 391 -16.96 6.49 8.96
C LYS D 391 -18.12 7.45 8.72
N PHE D 392 -17.86 8.76 8.84
CA PHE D 392 -18.94 9.73 8.75
C PHE D 392 -18.81 10.68 7.57
N HIS D 393 -18.02 11.74 7.70
CA HIS D 393 -17.85 12.68 6.60
C HIS D 393 -16.81 12.13 5.64
N GLN D 394 -17.16 12.12 4.36
CA GLN D 394 -16.31 11.56 3.33
C GLN D 394 -16.31 12.51 2.13
N ILE D 395 -15.53 12.14 1.11
CA ILE D 395 -15.50 12.92 -0.12
C ILE D 395 -16.80 12.68 -0.89
N GLU D 396 -17.08 13.57 -1.85
CA GLU D 396 -18.23 13.32 -2.72
C GLU D 396 -17.84 12.21 -3.67
N LYS D 397 -18.79 11.30 -3.91
CA LYS D 397 -18.54 10.14 -4.75
C LYS D 397 -19.30 10.13 -6.06
N GLU D 398 -20.27 11.02 -6.23
CA GLU D 398 -21.06 11.16 -7.44
C GLU D 398 -21.08 12.63 -7.79
N PHE D 399 -21.02 12.93 -9.09
CA PHE D 399 -20.96 14.31 -9.54
C PHE D 399 -21.98 14.54 -10.64
N SER D 400 -22.51 15.76 -10.66
CA SER D 400 -23.48 16.22 -11.65
C SER D 400 -22.88 17.20 -12.65
N GLU D 401 -21.64 17.63 -12.45
CA GLU D 401 -20.98 18.62 -13.29
C GLU D 401 -19.61 18.10 -13.65
N VAL D 402 -19.11 18.57 -14.80
CA VAL D 402 -17.77 18.23 -15.25
C VAL D 402 -16.86 19.30 -14.68
N GLU D 403 -16.04 18.94 -13.70
CA GLU D 403 -15.21 19.89 -12.98
C GLU D 403 -13.74 19.86 -13.39
N GLY D 404 -13.25 18.72 -13.91
CA GLY D 404 -11.85 18.62 -14.24
C GLY D 404 -11.00 17.84 -13.25
N ARG D 405 -9.78 18.36 -13.05
CA ARG D 405 -8.71 17.64 -12.38
C ARG D 405 -9.09 17.20 -10.97
N ILE D 406 -9.78 18.05 -10.22
CA ILE D 406 -10.07 17.71 -8.82
C ILE D 406 -11.09 16.58 -8.76
N GLN D 407 -12.12 16.65 -9.60
CA GLN D 407 -13.11 15.58 -9.65
C GLN D 407 -12.46 14.27 -10.08
N ASP D 408 -11.54 14.35 -11.04
CA ASP D 408 -10.84 13.16 -11.51
C ASP D 408 -10.04 12.52 -10.39
N LEU D 409 -9.41 13.34 -9.54
CA LEU D 409 -8.64 12.78 -8.44
C LEU D 409 -9.56 12.14 -7.40
N GLU D 410 -10.70 12.78 -7.12
CA GLU D 410 -11.63 12.19 -6.16
C GLU D 410 -12.16 10.85 -6.67
N LYS D 411 -12.46 10.77 -7.97
CA LYS D 411 -12.93 9.51 -8.55
C LYS D 411 -11.84 8.45 -8.52
N TYR D 412 -10.60 8.86 -8.81
CA TYR D 412 -9.50 7.91 -8.80
C TYR D 412 -9.30 7.33 -7.41
N VAL D 413 -9.35 8.19 -6.38
CA VAL D 413 -9.16 7.73 -5.01
C VAL D 413 -10.24 6.72 -4.64
N GLU D 414 -11.49 7.01 -4.99
CA GLU D 414 -12.54 6.06 -4.64
C GLU D 414 -12.42 4.76 -5.42
N ASP D 415 -12.06 4.83 -6.71
CA ASP D 415 -11.95 3.59 -7.48
C ASP D 415 -10.83 2.72 -6.93
N THR D 416 -9.72 3.36 -6.53
CA THR D 416 -8.62 2.61 -5.95
C THR D 416 -9.04 1.94 -4.64
N LYS D 417 -9.73 2.69 -3.78
CA LYS D 417 -10.20 2.11 -2.52
C LYS D 417 -11.12 0.92 -2.77
N ILE D 418 -12.04 1.06 -3.73
CA ILE D 418 -13.00 -0.01 -3.98
C ILE D 418 -12.29 -1.25 -4.51
N ASP D 419 -11.36 -1.07 -5.46
CA ASP D 419 -10.66 -2.23 -6.01
C ASP D 419 -9.81 -2.93 -4.94
N LEU D 420 -9.17 -2.15 -4.07
CA LEU D 420 -8.35 -2.77 -3.03
C LEU D 420 -9.20 -3.51 -2.00
N TRP D 421 -10.35 -2.96 -1.61
CA TRP D 421 -11.20 -3.68 -0.67
C TRP D 421 -11.88 -4.88 -1.32
N SER D 422 -12.18 -4.81 -2.62
CA SER D 422 -12.76 -5.97 -3.29
C SER D 422 -11.75 -7.10 -3.35
N TYR D 423 -10.48 -6.75 -3.63
CA TYR D 423 -9.42 -7.76 -3.61
C TYR D 423 -9.30 -8.37 -2.22
N ASN D 424 -9.29 -7.53 -1.18
CA ASN D 424 -9.16 -8.04 0.17
C ASN D 424 -10.32 -8.97 0.53
N ALA D 425 -11.53 -8.61 0.10
CA ALA D 425 -12.68 -9.46 0.38
C ALA D 425 -12.58 -10.80 -0.33
N GLU D 426 -12.09 -10.79 -1.59
CA GLU D 426 -12.01 -12.03 -2.34
C GLU D 426 -10.95 -12.95 -1.75
N LEU D 427 -9.79 -12.39 -1.40
CA LEU D 427 -8.72 -13.20 -0.85
C LEU D 427 -9.11 -13.72 0.53
N LEU D 428 -9.76 -12.89 1.33
CA LEU D 428 -10.16 -13.31 2.67
C LEU D 428 -11.16 -14.45 2.60
N VAL D 429 -12.14 -14.37 1.71
CA VAL D 429 -13.13 -15.44 1.63
C VAL D 429 -12.48 -16.73 1.13
N ALA D 430 -11.61 -16.64 0.12
CA ALA D 430 -10.95 -17.85 -0.37
C ALA D 430 -10.09 -18.48 0.72
N LEU D 431 -9.39 -17.65 1.52
CA LEU D 431 -8.58 -18.20 2.61
C LEU D 431 -9.43 -18.82 3.70
N GLU D 432 -10.53 -18.17 4.07
CA GLU D 432 -11.36 -18.72 5.13
C GLU D 432 -12.01 -20.02 4.70
N ASN D 433 -12.39 -20.12 3.42
CA ASN D 433 -13.00 -21.36 2.96
C ASN D 433 -11.97 -22.47 2.87
N GLN D 434 -10.75 -22.13 2.46
CA GLN D 434 -9.70 -23.14 2.38
C GLN D 434 -9.36 -23.66 3.76
N HIS D 435 -9.33 -22.77 4.76
CA HIS D 435 -9.01 -23.20 6.11
C HIS D 435 -10.16 -24.00 6.71
N THR D 436 -11.40 -23.62 6.41
CA THR D 436 -12.53 -24.36 6.96
C THR D 436 -12.52 -25.79 6.42
N ILE D 437 -12.27 -25.96 5.13
CA ILE D 437 -12.26 -27.30 4.56
C ILE D 437 -11.08 -28.09 5.11
N ASP D 438 -9.89 -27.47 5.21
CA ASP D 438 -8.75 -28.19 5.73
C ASP D 438 -8.96 -28.59 7.19
N LEU D 439 -9.62 -27.73 7.97
CA LEU D 439 -9.87 -28.07 9.36
C LEU D 439 -10.86 -29.21 9.50
N THR D 440 -11.91 -29.25 8.67
CA THR D 440 -12.86 -30.33 8.88
C THR D 440 -12.33 -31.64 8.33
N ASP D 441 -11.43 -31.58 7.33
CA ASP D 441 -10.79 -32.82 6.89
C ASP D 441 -9.83 -33.29 7.97
N SER D 442 -9.17 -32.34 8.65
CA SER D 442 -8.28 -32.69 9.73
C SER D 442 -9.04 -33.29 10.90
N GLU D 443 -10.23 -32.77 11.20
CA GLU D 443 -11.03 -33.33 12.28
C GLU D 443 -11.47 -34.76 11.95
N MET D 444 -11.82 -35.00 10.68
CA MET D 444 -12.17 -36.36 10.29
C MET D 444 -10.97 -37.29 10.48
N ASN D 445 -9.78 -36.81 10.08
CA ASN D 445 -8.61 -37.64 10.24
C ASN D 445 -8.25 -37.83 11.71
N LYS D 446 -8.48 -36.83 12.54
CA LYS D 446 -8.20 -36.99 13.97
C LYS D 446 -9.11 -38.04 14.58
N LEU D 447 -10.39 -38.06 14.18
CA LEU D 447 -11.27 -39.08 14.73
C LEU D 447 -10.84 -40.47 14.23
N PHE D 448 -10.45 -40.57 12.96
CA PHE D 448 -10.01 -41.86 12.43
C PHE D 448 -8.74 -42.36 13.14
N GLU D 449 -7.75 -41.47 13.32
CA GLU D 449 -6.52 -41.87 13.99
C GLU D 449 -6.79 -42.23 15.44
N LYS D 450 -7.70 -41.50 16.11
CA LYS D 450 -8.05 -41.83 17.48
C LYS D 450 -8.64 -43.23 17.56
N THR D 451 -9.57 -43.55 16.66
CA THR D 451 -10.19 -44.88 16.68
C THR D 451 -9.15 -45.96 16.38
N LYS D 452 -8.28 -45.71 15.41
CA LYS D 452 -7.26 -46.70 15.05
C LYS D 452 -6.33 -46.95 16.24
N LYS D 453 -5.90 -45.89 16.91
CA LYS D 453 -5.00 -46.03 18.05
C LYS D 453 -5.69 -46.77 19.19
N GLN D 454 -6.97 -46.48 19.40
CA GLN D 454 -7.75 -47.17 20.43
C GLN D 454 -7.87 -48.66 20.14
N LEU D 455 -8.07 -49.02 18.87
CA LEU D 455 -8.21 -50.43 18.49
C LEU D 455 -6.89 -51.18 18.62
N ARG D 456 -5.77 -50.49 18.48
CA ARG D 456 -4.42 -51.06 18.60
C ARG D 456 -4.27 -52.20 17.60
N GLU D 457 -3.95 -53.42 18.01
CA GLU D 457 -3.73 -54.57 17.14
C GLU D 457 -4.96 -55.43 16.95
N ASN D 458 -6.12 -55.01 17.43
CA ASN D 458 -7.34 -55.79 17.32
C ASN D 458 -8.14 -55.50 16.06
N ALA D 459 -7.65 -54.62 15.17
CA ALA D 459 -8.40 -54.29 13.97
C ALA D 459 -7.43 -53.90 12.87
N GLU D 460 -7.92 -54.02 11.63
CA GLU D 460 -7.16 -53.64 10.45
C GLU D 460 -7.89 -52.55 9.68
N ASP D 461 -7.12 -51.64 9.11
CA ASP D 461 -7.63 -50.55 8.28
C ASP D 461 -7.96 -51.07 6.88
N MET D 462 -9.24 -50.99 6.50
CA MET D 462 -9.71 -51.61 5.27
C MET D 462 -9.47 -50.75 4.03
N GLY D 463 -8.98 -49.52 4.18
CA GLY D 463 -8.67 -48.67 3.05
C GLY D 463 -9.78 -47.73 2.61
N ASN D 464 -11.00 -47.90 3.14
CA ASN D 464 -12.15 -47.08 2.81
C ASN D 464 -12.70 -46.32 4.01
N GLY D 465 -11.89 -46.12 5.04
CA GLY D 465 -12.31 -45.44 6.24
C GLY D 465 -12.96 -46.34 7.27
N CYS D 466 -12.95 -47.65 7.05
CA CYS D 466 -13.55 -48.62 7.96
C CYS D 466 -12.46 -49.50 8.55
N PHE D 467 -12.74 -50.01 9.75
CA PHE D 467 -11.88 -50.96 10.44
C PHE D 467 -12.59 -52.29 10.46
N LYS D 468 -11.83 -53.36 10.23
CA LYS D 468 -12.33 -54.71 10.44
C LYS D 468 -11.78 -55.14 11.80
N ILE D 469 -12.69 -55.41 12.73
CA ILE D 469 -12.36 -55.76 14.11
C ILE D 469 -12.48 -57.28 14.18
N TYR D 470 -11.36 -57.94 14.46
CA TYR D 470 -11.28 -59.40 14.35
C TYR D 470 -11.70 -60.12 15.62
N HIS D 471 -12.89 -59.76 16.12
CA HIS D 471 -13.48 -60.44 17.27
C HIS D 471 -14.95 -60.06 17.27
N LYS D 472 -15.74 -60.81 18.04
CA LYS D 472 -17.14 -60.43 18.20
C LYS D 472 -17.18 -59.10 18.94
N CYS D 473 -17.94 -58.14 18.40
CA CYS D 473 -18.03 -56.80 18.95
C CYS D 473 -19.48 -56.36 18.82
N ASP D 474 -20.21 -56.50 19.92
CA ASP D 474 -21.64 -56.22 19.96
C ASP D 474 -21.85 -54.72 20.12
N ASN D 475 -23.11 -54.30 20.30
CA ASN D 475 -23.38 -52.87 20.35
C ASN D 475 -22.74 -52.25 21.60
N ALA D 476 -22.61 -53.01 22.69
CA ALA D 476 -21.90 -52.50 23.85
C ALA D 476 -20.43 -52.28 23.53
N CYS D 477 -19.83 -53.22 22.79
CA CYS D 477 -18.44 -53.09 22.34
C CYS D 477 -18.27 -51.86 21.45
N ILE D 478 -19.16 -51.71 20.46
CA ILE D 478 -19.07 -50.56 19.56
C ILE D 478 -19.24 -49.26 20.34
N GLY D 479 -20.19 -49.23 21.26
CA GLY D 479 -20.38 -48.04 22.08
C GLY D 479 -19.15 -47.72 22.91
N SER D 480 -18.50 -48.75 23.45
CA SER D 480 -17.28 -48.55 24.22
C SER D 480 -16.20 -47.93 23.34
N ILE D 481 -16.10 -48.39 22.09
CA ILE D 481 -15.12 -47.82 21.17
C ILE D 481 -15.45 -46.37 20.89
N ARG D 482 -16.71 -46.08 20.60
CA ARG D 482 -17.13 -44.73 20.23
C ARG D 482 -16.88 -43.71 21.33
N ASN D 483 -17.10 -44.07 22.61
CA ASN D 483 -16.92 -43.12 23.70
C ASN D 483 -15.54 -43.15 24.34
N GLY D 484 -14.58 -43.87 23.75
CA GLY D 484 -13.24 -43.86 24.27
C GLY D 484 -12.96 -44.70 25.49
N THR D 485 -13.73 -45.77 25.73
CA THR D 485 -13.54 -46.64 26.89
C THR D 485 -13.15 -48.06 26.49
N TYR D 486 -12.85 -48.30 25.21
CA TYR D 486 -12.50 -49.64 24.76
C TYR D 486 -11.17 -50.06 25.36
N ASP D 487 -11.13 -51.28 25.92
CA ASP D 487 -9.93 -51.87 26.48
C ASP D 487 -9.47 -52.98 25.54
N HIS D 488 -8.40 -52.72 24.80
CA HIS D 488 -7.95 -53.68 23.79
C HIS D 488 -7.38 -54.95 24.40
N ASP D 489 -7.04 -54.94 25.69
CA ASP D 489 -6.47 -56.12 26.32
C ASP D 489 -7.51 -57.17 26.69
N VAL D 490 -8.80 -56.83 26.60
CA VAL D 490 -9.85 -57.79 26.91
C VAL D 490 -10.00 -58.79 25.77
N TYR D 491 -9.93 -58.29 24.53
CA TYR D 491 -10.19 -59.06 23.33
C TYR D 491 -8.90 -59.40 22.58
N ARG D 492 -7.74 -59.11 23.17
CA ARG D 492 -6.49 -59.25 22.44
C ARG D 492 -6.21 -60.69 22.00
N ASP D 493 -6.51 -61.68 22.84
CA ASP D 493 -6.17 -63.04 22.42
C ASP D 493 -7.08 -63.50 21.29
N GLU D 494 -8.36 -63.15 21.36
CA GLU D 494 -9.27 -63.52 20.28
C GLU D 494 -8.87 -62.83 18.99
N ALA D 495 -8.51 -61.54 19.10
CA ALA D 495 -8.16 -60.78 17.91
C ALA D 495 -6.89 -61.29 17.25
N LEU D 496 -5.87 -61.67 18.02
CA LEU D 496 -4.67 -62.21 17.36
C LEU D 496 -4.92 -63.59 16.80
N ASN D 497 -5.74 -64.42 17.46
CA ASN D 497 -6.02 -65.74 16.89
C ASN D 497 -6.76 -65.60 15.57
N ASN D 498 -7.64 -64.61 15.46
CA ASN D 498 -8.35 -64.40 14.21
C ASN D 498 -7.49 -63.72 13.14
N ARG D 499 -6.67 -62.73 13.52
CA ARG D 499 -5.90 -62.00 12.53
C ARG D 499 -4.78 -62.83 11.91
N PHE D 500 -4.05 -63.60 12.72
CA PHE D 500 -2.88 -64.32 12.24
C PHE D 500 -3.07 -65.83 12.21
N GLN D 501 -4.29 -66.32 12.39
CA GLN D 501 -4.59 -67.75 12.40
C GLN D 501 -3.65 -68.50 13.34
N ILE D 502 -3.62 -68.06 14.59
CA ILE D 502 -2.73 -68.53 15.66
C ILE D 502 -1.36 -67.88 15.42
N ASN E 8 11.40 -54.48 34.44
CA ASN E 8 10.37 -55.01 33.56
C ASN E 8 11.00 -55.58 32.28
N SER E 9 10.16 -56.15 31.42
CA SER E 9 10.58 -56.72 30.15
C SER E 9 10.23 -55.84 28.96
N THR E 10 9.67 -54.65 29.19
CA THR E 10 9.26 -53.73 28.16
C THR E 10 9.73 -52.34 28.56
N ALA E 11 9.60 -51.39 27.65
CA ALA E 11 9.93 -50.00 27.91
C ALA E 11 8.90 -49.11 27.25
N THR E 12 8.70 -47.92 27.82
CA THR E 12 7.81 -46.93 27.25
C THR E 12 8.66 -45.76 26.78
N LEU E 13 8.52 -45.39 25.52
CA LEU E 13 9.24 -44.26 24.93
C LEU E 13 8.20 -43.24 24.50
N CYS E 14 8.16 -42.11 25.18
CA CYS E 14 7.22 -41.04 24.93
C CYS E 14 7.91 -39.90 24.22
N LEU E 15 7.22 -39.33 23.27
CA LEU E 15 7.69 -38.17 22.54
C LEU E 15 6.86 -36.98 22.97
N GLY E 16 7.48 -35.82 22.99
CA GLY E 16 6.74 -34.66 23.44
C GLY E 16 7.46 -33.39 23.06
N HIS E 17 6.92 -32.29 23.58
CA HIS E 17 7.42 -30.96 23.23
C HIS E 17 7.35 -30.07 24.47
N HIS E 18 8.13 -28.99 24.44
CA HIS E 18 8.26 -28.11 25.61
C HIS E 18 7.01 -27.27 25.86
N ALA E 19 6.93 -26.79 27.10
CA ALA E 19 5.87 -25.88 27.54
C ALA E 19 6.49 -24.93 28.55
N VAL E 20 5.82 -23.81 28.80
CA VAL E 20 6.31 -22.80 29.74
C VAL E 20 5.23 -22.49 30.79
N PRO E 21 5.60 -22.09 32.02
CA PRO E 21 4.58 -21.71 33.01
C PRO E 21 3.60 -20.63 32.57
N ASN E 22 4.06 -19.63 31.81
CA ASN E 22 3.21 -18.53 31.36
C ASN E 22 3.54 -18.19 29.92
N GLY E 23 2.62 -18.53 29.01
CA GLY E 23 2.80 -18.27 27.60
C GLY E 23 2.21 -16.92 27.21
N THR E 24 2.13 -16.70 25.91
CA THR E 24 1.63 -15.46 25.34
C THR E 24 0.43 -15.79 24.46
N ILE E 25 -0.58 -14.94 24.50
CA ILE E 25 -1.79 -15.15 23.71
C ILE E 25 -1.64 -14.42 22.40
N VAL E 26 -1.81 -15.15 21.29
CA VAL E 26 -1.69 -14.60 19.94
C VAL E 26 -2.95 -14.93 19.16
N LYS E 27 -3.15 -14.20 18.07
CA LYS E 27 -4.28 -14.38 17.18
C LYS E 27 -3.89 -15.25 16.00
N THR E 28 -4.84 -16.06 15.55
CA THR E 28 -4.71 -16.87 14.35
C THR E 28 -5.97 -16.70 13.51
N ILE E 29 -5.93 -17.28 12.32
CA ILE E 29 -7.10 -17.25 11.44
C ILE E 29 -8.25 -18.03 12.06
N THR E 30 -7.95 -19.20 12.63
CA THR E 30 -8.98 -20.08 13.19
C THR E 30 -9.26 -19.84 14.67
N ASN E 31 -8.29 -19.35 15.44
CA ASN E 31 -8.44 -19.18 16.89
C ASN E 31 -7.99 -17.78 17.27
N ASP E 32 -8.93 -16.98 17.76
CA ASP E 32 -8.62 -15.60 18.15
C ASP E 32 -7.64 -15.52 19.30
N GLN E 33 -7.64 -16.48 20.23
CA GLN E 33 -6.75 -16.45 21.39
C GLN E 33 -6.09 -17.81 21.61
N ILE E 34 -4.95 -18.04 20.97
CA ILE E 34 -4.21 -19.30 21.10
C ILE E 34 -2.97 -19.00 21.92
N GLU E 35 -2.72 -19.82 22.94
CA GLU E 35 -1.57 -19.64 23.80
C GLU E 35 -0.34 -20.29 23.16
N VAL E 36 0.75 -19.52 23.07
CA VAL E 36 1.99 -19.99 22.49
C VAL E 36 3.12 -19.82 23.50
N THR E 37 4.19 -20.56 23.30
CA THR E 37 5.33 -20.48 24.21
C THR E 37 6.08 -19.16 24.10
N ASN E 38 6.10 -18.54 22.93
CA ASN E 38 6.82 -17.29 22.75
C ASN E 38 6.17 -16.47 21.64
N ALA E 39 6.35 -15.16 21.70
CA ALA E 39 5.85 -14.26 20.67
C ALA E 39 6.65 -12.96 20.72
N THR E 40 6.69 -12.26 19.58
CA THR E 40 7.34 -10.97 19.47
C THR E 40 6.36 -9.89 18.98
N GLU E 41 6.60 -8.66 19.42
CA GLU E 41 5.79 -7.52 19.03
C GLU E 41 6.22 -6.98 17.68
N LEU E 42 5.25 -6.83 16.76
CA LEU E 42 5.50 -6.26 15.44
C LEU E 42 5.05 -4.82 15.28
N VAL E 43 4.45 -4.22 16.31
CA VAL E 43 4.00 -2.83 16.27
C VAL E 43 4.85 -2.01 17.22
N GLN E 44 5.51 -0.97 16.70
CA GLN E 44 6.30 -0.06 17.51
C GLN E 44 5.33 0.95 18.10
N SER E 45 5.14 0.91 19.43
CA SER E 45 4.14 1.72 20.10
C SER E 45 4.71 2.87 20.91
N SER E 46 6.03 3.09 20.87
CA SER E 46 6.63 4.17 21.65
C SER E 46 7.80 4.75 20.89
N SER E 47 8.10 6.01 21.18
CA SER E 47 9.22 6.73 20.60
C SER E 47 10.25 7.03 21.68
N THR E 48 11.41 7.52 21.23
CA THR E 48 12.46 7.91 22.16
C THR E 48 12.25 9.32 22.69
N GLY E 49 11.39 10.12 22.06
CA GLY E 49 11.14 11.48 22.45
C GLY E 49 12.06 12.52 21.84
N GLU E 50 13.06 12.10 21.07
CA GLU E 50 14.01 13.02 20.46
C GLU E 50 14.17 12.73 18.97
N ILE E 51 14.37 13.80 18.21
CA ILE E 51 14.69 13.72 16.79
C ILE E 51 16.21 13.60 16.66
N CYS E 52 16.67 12.69 15.81
CA CYS E 52 18.10 12.45 15.63
C CYS E 52 18.71 13.36 14.58
N ASP E 53 19.93 13.84 14.88
CA ASP E 53 20.73 14.58 13.91
C ASP E 53 21.20 13.72 12.75
N SER E 54 21.31 12.40 12.94
CA SER E 54 21.74 11.49 11.88
C SER E 54 20.62 10.50 11.54
N PRO E 55 20.58 9.97 10.31
CA PRO E 55 21.42 10.25 9.14
C PRO E 55 20.95 11.48 8.36
N HIS E 56 19.81 12.06 8.72
CA HIS E 56 19.20 13.14 7.96
C HIS E 56 19.66 14.49 8.52
N GLN E 57 19.76 15.48 7.64
CA GLN E 57 20.09 16.84 8.07
C GLN E 57 18.81 17.51 8.56
N ILE E 58 18.79 17.90 9.83
CA ILE E 58 17.62 18.46 10.47
C ILE E 58 17.88 19.95 10.73
N LEU E 59 16.97 20.79 10.22
CA LEU E 59 17.05 22.24 10.41
C LEU E 59 15.91 22.61 11.35
N ASP E 60 16.26 23.08 12.55
CA ASP E 60 15.29 23.39 13.58
C ASP E 60 14.77 24.80 13.33
N GLY E 61 13.47 24.92 13.04
CA GLY E 61 12.93 26.23 12.72
C GLY E 61 12.85 27.17 13.91
N LYS E 62 12.96 26.64 15.14
CA LYS E 62 12.90 27.46 16.35
C LYS E 62 11.66 28.35 16.33
N ASN E 63 11.82 29.67 16.28
CA ASN E 63 10.70 30.59 16.25
C ASN E 63 10.25 30.91 14.83
N CYS E 64 10.93 30.34 13.82
CA CYS E 64 10.75 30.70 12.43
C CYS E 64 10.00 29.62 11.66
N THR E 65 8.99 30.03 10.90
CA THR E 65 8.33 29.10 10.01
C THR E 65 9.15 29.03 8.72
N LEU E 66 8.84 28.05 7.86
CA LEU E 66 9.60 27.94 6.62
C LEU E 66 9.38 29.17 5.74
N ILE E 67 8.16 29.68 5.68
CA ILE E 67 7.88 30.85 4.87
C ILE E 67 8.58 32.07 5.44
N ASP E 68 8.59 32.22 6.77
CA ASP E 68 9.30 33.35 7.37
C ASP E 68 10.78 33.31 7.01
N ALA E 69 11.37 32.11 7.00
CA ALA E 69 12.76 31.97 6.61
C ALA E 69 12.94 32.29 5.13
N LEU E 70 11.95 31.90 4.31
CA LEU E 70 12.00 32.16 2.88
C LEU E 70 11.96 33.65 2.56
N LEU E 71 11.09 34.38 3.26
CA LEU E 71 10.92 35.80 2.96
C LEU E 71 12.04 36.65 3.54
N GLY E 72 12.63 36.23 4.65
CA GLY E 72 13.68 37.00 5.28
C GLY E 72 13.24 37.75 6.52
N ASP E 73 12.32 37.20 7.30
CA ASP E 73 11.92 37.81 8.56
C ASP E 73 13.19 38.03 9.40
N PRO E 74 13.44 39.24 9.93
CA PRO E 74 14.71 39.47 10.68
C PRO E 74 15.03 38.44 11.74
N GLN E 75 14.02 37.87 12.41
CA GLN E 75 14.32 36.87 13.42
C GLN E 75 14.85 35.59 12.80
N CYS E 76 14.75 35.46 11.47
CA CYS E 76 15.14 34.27 10.72
C CYS E 76 16.46 34.51 10.00
N ASP E 77 17.21 35.55 10.37
CA ASP E 77 18.48 35.82 9.70
C ASP E 77 19.43 34.64 9.79
N GLY E 78 19.31 33.82 10.84
CA GLY E 78 20.15 32.65 10.99
C GLY E 78 19.83 31.52 10.04
N PHE E 79 18.76 31.62 9.27
CA PHE E 79 18.34 30.60 8.33
C PHE E 79 18.69 30.92 6.88
N GLN E 80 19.46 31.97 6.64
CA GLN E 80 19.81 32.32 5.26
C GLN E 80 20.71 31.26 4.64
N ASN E 81 20.36 30.86 3.41
CA ASN E 81 21.13 29.90 2.62
C ASN E 81 21.32 28.54 3.32
N LYS E 82 20.35 28.11 4.13
CA LYS E 82 20.42 26.81 4.77
C LYS E 82 19.86 25.71 3.87
N LYS E 83 20.32 24.49 4.14
CA LYS E 83 19.85 23.28 3.49
C LYS E 83 19.33 22.33 4.56
N TRP E 84 18.42 21.43 4.17
CA TRP E 84 17.93 20.44 5.13
C TRP E 84 17.41 19.23 4.40
N ASP E 85 17.37 18.12 5.13
CA ASP E 85 16.62 16.93 4.72
C ASP E 85 15.23 16.96 5.32
N LEU E 86 15.10 17.48 6.55
CA LEU E 86 13.82 17.61 7.20
C LEU E 86 13.79 18.94 7.93
N PHE E 87 12.83 19.79 7.61
CA PHE E 87 12.65 21.07 8.29
C PHE E 87 11.65 20.84 9.40
N VAL E 88 11.99 21.24 10.62
CA VAL E 88 11.13 21.04 11.78
C VAL E 88 10.52 22.38 12.17
N GLU E 89 9.21 22.49 12.02
CA GLU E 89 8.45 23.70 12.32
C GLU E 89 7.88 23.57 13.72
N ARG E 90 8.15 24.56 14.56
CA ARG E 90 7.72 24.50 15.95
C ARG E 90 6.40 25.21 16.12
N SER E 91 5.61 24.74 17.09
CA SER E 91 4.30 25.33 17.35
C SER E 91 4.40 26.73 17.95
N LYS E 92 5.57 27.10 18.48
CA LYS E 92 5.76 28.41 19.07
C LYS E 92 6.15 29.47 18.04
N ALA E 93 6.36 29.08 16.79
CA ALA E 93 6.80 30.04 15.78
C ALA E 93 5.74 31.09 15.53
N TYR E 94 6.19 32.32 15.30
CA TYR E 94 5.32 33.44 15.03
C TYR E 94 6.05 34.41 14.12
N SER E 95 5.28 35.18 13.37
CA SER E 95 5.86 36.20 12.51
C SER E 95 6.14 37.45 13.35
N ASN E 96 7.23 38.13 13.04
CA ASN E 96 7.62 39.34 13.74
C ASN E 96 8.16 40.35 12.73
N CYS E 97 7.34 40.61 11.71
CA CYS E 97 7.71 41.48 10.60
C CYS E 97 6.40 42.02 10.02
N TYR E 98 6.50 42.66 8.86
CA TYR E 98 5.34 43.31 8.28
C TYR E 98 4.25 42.26 8.05
N PRO E 99 2.99 42.53 8.39
CA PRO E 99 1.96 41.49 8.18
C PRO E 99 1.79 41.16 6.71
N TYR E 100 1.57 39.88 6.44
CA TYR E 100 1.48 39.41 5.07
C TYR E 100 0.55 38.20 5.02
N ASP E 101 0.16 37.85 3.81
CA ASP E 101 -0.59 36.65 3.53
C ASP E 101 -0.04 36.06 2.24
N VAL E 102 -0.33 34.78 2.02
CA VAL E 102 0.15 34.08 0.84
C VAL E 102 -1.03 33.34 0.22
N PRO E 103 -1.56 33.76 -0.93
CA PRO E 103 -2.56 32.92 -1.60
C PRO E 103 -1.95 31.56 -1.90
N ASP E 104 -2.71 30.50 -1.62
CA ASP E 104 -2.22 29.14 -1.78
C ASP E 104 -0.92 28.96 -0.98
N TYR E 105 -1.00 29.33 0.30
CA TYR E 105 0.13 29.20 1.22
C TYR E 105 0.68 27.79 1.26
N ALA E 106 -0.21 26.81 1.35
CA ALA E 106 0.21 25.41 1.48
C ALA E 106 1.06 24.97 0.30
N SER E 107 0.76 25.49 -0.90
CA SER E 107 1.55 25.09 -2.06
C SER E 107 2.96 25.66 -2.01
N LEU E 108 3.11 26.92 -1.57
CA LEU E 108 4.45 27.48 -1.47
C LEU E 108 5.25 26.80 -0.37
N ARG E 109 4.61 26.53 0.78
CA ARG E 109 5.30 25.86 1.86
C ARG E 109 5.77 24.48 1.43
N SER E 110 4.90 23.73 0.75
CA SER E 110 5.29 22.41 0.26
C SER E 110 6.40 22.51 -0.79
N LEU E 111 6.28 23.48 -1.70
CA LEU E 111 7.25 23.69 -2.75
C LEU E 111 8.65 23.91 -2.18
N VAL E 112 8.76 24.82 -1.22
CA VAL E 112 10.07 25.11 -0.63
C VAL E 112 10.53 23.94 0.22
N ALA E 113 9.62 23.33 1.00
CA ALA E 113 10.00 22.21 1.85
C ALA E 113 10.57 21.06 1.03
N SER E 114 9.97 20.79 -0.13
CA SER E 114 10.46 19.72 -0.99
C SER E 114 11.69 20.14 -1.77
N SER E 115 11.89 21.45 -1.96
CA SER E 115 13.13 21.89 -2.61
C SER E 115 14.32 21.56 -1.73
N GLY E 116 14.21 21.84 -0.43
CA GLY E 116 15.23 21.48 0.53
C GLY E 116 16.32 22.48 0.74
N THR E 117 16.22 23.68 0.17
CA THR E 117 17.27 24.68 0.33
C THR E 117 16.68 26.08 0.32
N LEU E 118 17.33 26.97 1.08
CA LEU E 118 17.07 28.40 1.05
C LEU E 118 18.21 29.16 0.38
N GLU E 119 19.05 28.47 -0.40
CA GLU E 119 20.14 29.13 -1.09
C GLU E 119 19.56 30.21 -1.99
N PHE E 120 20.06 31.43 -1.83
CA PHE E 120 19.55 32.59 -2.53
C PHE E 120 20.68 33.30 -3.23
N ASN E 121 20.46 33.63 -4.50
CA ASN E 121 21.42 34.34 -5.32
C ASN E 121 20.83 35.69 -5.67
N ASN E 122 21.53 36.76 -5.29
CA ASN E 122 21.06 38.10 -5.56
C ASN E 122 21.26 38.43 -7.04
N GLU E 123 20.33 39.22 -7.57
CA GLU E 123 20.39 39.71 -8.94
C GLU E 123 20.18 41.20 -8.95
N SER E 124 20.82 41.85 -9.92
CA SER E 124 20.74 43.30 -10.09
C SER E 124 19.62 43.63 -11.07
N PHE E 125 18.52 44.16 -10.54
CA PHE E 125 17.38 44.59 -11.33
C PHE E 125 17.54 46.08 -11.54
N ASN E 126 17.03 46.58 -12.67
CA ASN E 126 17.30 47.97 -13.01
C ASN E 126 16.74 48.98 -12.01
N TRP E 127 15.47 48.79 -11.57
CA TRP E 127 14.80 49.63 -10.55
C TRP E 127 15.27 51.09 -10.57
N THR E 128 15.14 51.75 -11.73
CA THR E 128 15.49 53.14 -11.89
C THR E 128 14.24 54.01 -11.90
N GLY E 129 14.34 55.17 -11.26
CA GLY E 129 13.25 56.11 -11.14
C GLY E 129 12.41 55.88 -9.91
N VAL E 130 12.73 54.87 -9.10
CA VAL E 130 12.04 54.56 -7.87
C VAL E 130 13.09 54.42 -6.78
N THR E 131 12.65 54.51 -5.53
CA THR E 131 13.54 54.30 -4.40
C THR E 131 13.54 52.81 -4.05
N GLN E 132 14.60 52.37 -3.37
CA GLN E 132 14.78 50.98 -2.98
C GLN E 132 14.97 50.86 -1.48
N ASN E 133 14.80 49.64 -0.99
CA ASN E 133 15.01 49.30 0.41
C ASN E 133 14.07 50.07 1.34
N GLY E 134 12.78 50.03 1.03
CA GLY E 134 11.80 50.60 1.94
C GLY E 134 11.75 49.80 3.22
N THR E 135 11.44 50.47 4.33
CA THR E 135 11.42 49.84 5.64
C THR E 135 10.12 50.15 6.36
N SER E 136 9.92 49.43 7.47
CA SER E 136 8.75 49.59 8.32
C SER E 136 9.13 49.36 9.77
N SER E 137 8.42 50.06 10.67
CA SER E 137 8.62 49.86 12.09
C SER E 137 8.17 48.48 12.57
N ALA E 138 7.41 47.74 11.75
CA ALA E 138 7.01 46.38 12.11
C ALA E 138 8.17 45.40 12.08
N CYS E 139 9.17 45.64 11.24
CA CYS E 139 10.28 44.72 11.03
C CYS E 139 11.54 45.41 11.57
N ILE E 140 11.90 45.07 12.79
CA ILE E 140 13.08 45.63 13.46
C ILE E 140 14.15 44.56 13.41
N ARG E 141 15.27 44.87 12.76
CA ARG E 141 16.34 43.91 12.53
C ARG E 141 17.45 44.01 13.59
N ARG E 142 18.11 45.16 13.65
CA ARG E 142 19.15 45.43 14.63
C ARG E 142 18.90 46.79 15.29
N SER E 143 17.74 46.88 15.95
CA SER E 143 17.22 48.11 16.54
C SER E 143 17.04 49.21 15.50
N LYS E 144 16.80 48.83 14.25
CA LYS E 144 16.56 49.76 13.15
C LYS E 144 15.35 49.28 12.36
N ASN E 145 14.61 50.23 11.80
CA ASN E 145 13.50 49.85 10.93
C ASN E 145 14.07 49.16 9.70
N SER E 146 13.46 48.05 9.33
CA SER E 146 13.93 47.28 8.18
C SER E 146 12.73 46.68 7.46
N PHE E 147 12.99 45.62 6.70
CA PHE E 147 11.99 44.93 5.90
C PHE E 147 12.51 43.51 5.69
N PHE E 148 11.75 42.70 4.97
CA PHE E 148 12.17 41.33 4.71
C PHE E 148 13.49 41.35 3.96
N SER E 149 14.42 40.48 4.40
CA SER E 149 15.76 40.50 3.83
C SER E 149 15.82 40.05 2.38
N ARG E 150 14.80 39.37 1.88
CA ARG E 150 14.77 38.89 0.50
C ARG E 150 13.81 39.67 -0.38
N LEU E 151 13.23 40.76 0.13
CA LEU E 151 12.28 41.59 -0.60
C LEU E 151 12.78 43.03 -0.61
N ASN E 152 12.44 43.75 -1.66
CA ASN E 152 12.83 45.14 -1.85
C ASN E 152 11.56 45.98 -2.01
N TRP E 153 11.22 46.75 -0.98
CA TRP E 153 10.00 47.55 -1.01
C TRP E 153 10.30 48.84 -1.78
N LEU E 154 9.74 48.94 -2.99
CA LEU E 154 10.02 50.07 -3.86
C LEU E 154 8.98 51.15 -3.62
N THR E 155 9.43 52.41 -3.62
CA THR E 155 8.57 53.57 -3.42
C THR E 155 8.92 54.62 -4.46
N HIS E 156 8.14 55.69 -4.50
CA HIS E 156 8.37 56.76 -5.47
C HIS E 156 9.68 57.47 -5.20
N LEU E 157 10.24 58.05 -6.26
CA LEU E 157 11.45 58.88 -6.18
C LEU E 157 11.08 60.30 -6.60
N ASN E 158 11.28 61.25 -5.69
CA ASN E 158 10.97 62.67 -5.94
C ASN E 158 9.52 62.86 -6.40
N PHE E 159 8.61 62.13 -5.77
CA PHE E 159 7.17 62.18 -6.05
C PHE E 159 6.80 61.67 -7.44
N LYS E 160 7.67 60.85 -8.04
CA LYS E 160 7.36 60.17 -9.28
C LYS E 160 7.72 58.71 -9.11
N TYR E 161 6.88 57.83 -9.65
CA TYR E 161 7.11 56.39 -9.68
C TYR E 161 6.87 55.98 -11.12
N PRO E 162 7.89 56.02 -11.98
CA PRO E 162 7.64 55.73 -13.39
C PRO E 162 7.31 54.26 -13.53
N ALA E 163 6.57 53.94 -14.58
CA ALA E 163 6.25 52.53 -14.80
C ALA E 163 7.53 51.74 -15.01
N LEU E 164 7.60 50.61 -14.33
CA LEU E 164 8.72 49.68 -14.42
C LEU E 164 8.40 48.60 -15.44
N ASN E 165 9.40 48.27 -16.26
CA ASN E 165 9.34 47.19 -17.24
C ASN E 165 10.75 46.59 -17.17
N VAL E 166 10.94 45.69 -16.22
CA VAL E 166 12.26 45.18 -15.86
C VAL E 166 12.39 43.72 -16.26
N THR E 167 13.43 43.43 -17.05
CA THR E 167 13.69 42.13 -17.64
C THR E 167 14.85 41.45 -16.92
N MET E 168 14.65 40.18 -16.56
CA MET E 168 15.67 39.35 -15.91
C MET E 168 15.74 37.99 -16.59
N PRO E 169 16.64 37.81 -17.57
CA PRO E 169 16.67 36.53 -18.29
C PRO E 169 17.20 35.41 -17.40
N ASN E 170 16.75 34.18 -17.68
CA ASN E 170 17.26 32.98 -17.01
C ASN E 170 18.25 32.30 -17.94
N ASN E 171 19.54 32.57 -17.72
CA ASN E 171 20.62 32.04 -18.54
C ASN E 171 21.32 30.86 -17.90
N GLU E 172 20.74 30.28 -16.84
CA GLU E 172 21.33 29.14 -16.14
C GLU E 172 20.62 27.86 -16.57
N GLN E 173 21.09 26.74 -16.01
CA GLN E 173 20.58 25.41 -16.32
C GLN E 173 19.57 24.90 -15.30
N PHE E 174 19.16 25.72 -14.35
CA PHE E 174 18.24 25.35 -13.29
C PHE E 174 17.02 26.26 -13.22
N ASP E 175 15.94 25.73 -12.63
CA ASP E 175 14.75 26.54 -12.42
C ASP E 175 15.06 27.59 -11.36
N LYS E 176 14.56 28.81 -11.56
CA LYS E 176 14.73 29.90 -10.61
C LYS E 176 13.39 30.17 -9.95
N LEU E 177 13.37 30.23 -8.63
CA LEU E 177 12.18 30.56 -7.87
C LEU E 177 12.28 32.02 -7.42
N TYR E 178 11.36 32.84 -7.91
CA TYR E 178 11.30 34.25 -7.56
C TYR E 178 10.11 34.47 -6.63
N ILE E 179 10.37 35.14 -5.50
CA ILE E 179 9.35 35.49 -4.53
C ILE E 179 9.18 37.00 -4.58
N TRP E 180 7.94 37.44 -4.75
CA TRP E 180 7.63 38.85 -4.89
C TRP E 180 6.27 39.07 -4.26
N GLY E 181 5.89 40.34 -4.08
CA GLY E 181 4.58 40.60 -3.53
C GLY E 181 3.98 41.90 -3.96
N VAL E 182 2.79 42.16 -3.42
CA VAL E 182 1.98 43.33 -3.71
C VAL E 182 1.62 43.98 -2.38
N HIS E 183 1.81 45.29 -2.28
CA HIS E 183 1.48 46.03 -1.07
C HIS E 183 0.04 46.54 -1.19
N HIS E 184 -0.76 46.27 -0.17
CA HIS E 184 -2.16 46.69 -0.06
C HIS E 184 -2.21 47.73 1.06
N PRO E 185 -2.10 49.03 0.74
CA PRO E 185 -2.07 50.06 1.78
C PRO E 185 -3.34 50.13 2.60
N GLY E 186 -3.21 50.67 3.81
CA GLY E 186 -4.36 50.83 4.67
C GLY E 186 -5.33 51.89 4.18
N THR E 187 -4.82 53.04 3.75
CA THR E 187 -5.67 54.12 3.25
C THR E 187 -5.07 54.72 1.99
N ASP E 188 -5.85 55.61 1.36
CA ASP E 188 -5.42 56.29 0.15
C ASP E 188 -4.22 57.19 0.40
N LYS E 189 -4.12 57.76 1.61
CA LYS E 189 -2.97 58.60 1.91
C LYS E 189 -1.69 57.79 1.90
N ASP E 190 -1.78 56.50 2.22
CA ASP E 190 -0.57 55.68 2.20
C ASP E 190 -0.18 55.40 0.77
N GLN E 191 -1.18 55.18 -0.09
CA GLN E 191 -0.93 54.93 -1.51
C GLN E 191 -0.25 56.14 -2.15
N ILE E 192 -0.71 57.34 -1.82
CA ILE E 192 -0.10 58.52 -2.42
C ILE E 192 1.27 58.79 -1.80
N PHE E 193 1.37 58.67 -0.48
CA PHE E 193 2.64 58.87 0.21
C PHE E 193 3.74 57.97 -0.34
N LEU E 194 3.42 56.68 -0.56
CA LEU E 194 4.43 55.73 -1.02
C LEU E 194 4.61 55.68 -2.53
N TYR E 195 3.54 55.83 -3.33
CA TYR E 195 3.63 55.66 -4.77
C TYR E 195 3.24 56.87 -5.60
N ALA E 196 2.67 57.92 -4.98
CA ALA E 196 2.25 59.13 -5.67
C ALA E 196 1.29 58.90 -6.84
N GLN E 197 0.44 57.87 -6.77
CA GLN E 197 -0.52 57.63 -7.85
C GLN E 197 -1.48 56.52 -7.44
N ALA E 198 -2.49 56.32 -8.29
CA ALA E 198 -3.46 55.25 -8.11
C ALA E 198 -2.80 53.87 -8.20
N SER E 199 -3.49 52.89 -7.60
CA SER E 199 -2.94 51.55 -7.43
C SER E 199 -2.48 50.90 -8.74
N GLY E 200 -3.26 51.07 -9.81
CA GLY E 200 -2.90 50.40 -11.05
C GLY E 200 -2.92 48.89 -10.86
N ARG E 201 -1.90 48.22 -11.40
CA ARG E 201 -1.80 46.77 -11.28
C ARG E 201 -0.36 46.35 -11.53
N ILE E 202 -0.03 45.16 -11.04
CA ILE E 202 1.28 44.54 -11.21
C ILE E 202 1.14 43.26 -12.02
N THR E 203 1.89 43.16 -13.12
CA THR E 203 1.93 41.95 -13.94
C THR E 203 3.35 41.41 -13.93
N VAL E 204 3.50 40.15 -13.55
CA VAL E 204 4.79 39.45 -13.55
C VAL E 204 4.60 38.28 -14.49
N SER E 205 5.45 38.17 -15.50
CA SER E 205 5.23 37.15 -16.53
C SER E 205 6.52 36.54 -17.03
N THR E 206 6.33 35.37 -17.65
CA THR E 206 7.34 34.57 -18.32
C THR E 206 6.78 34.20 -19.68
N LYS E 207 7.55 33.47 -20.48
CA LYS E 207 7.02 33.03 -21.76
C LYS E 207 5.89 32.02 -21.59
N ARG E 208 5.91 31.23 -20.51
CA ARG E 208 4.89 30.21 -20.31
C ARG E 208 3.66 30.71 -19.56
N SER E 209 3.80 31.67 -18.66
CA SER E 209 2.69 32.06 -17.81
C SER E 209 2.79 33.53 -17.45
N GLN E 210 1.69 34.03 -16.86
CA GLN E 210 1.58 35.40 -16.37
C GLN E 210 0.74 35.40 -15.09
N GLN E 211 1.06 36.33 -14.20
CA GLN E 211 0.29 36.58 -12.99
C GLN E 211 0.06 38.07 -12.89
N THR E 212 -1.21 38.49 -12.80
CA THR E 212 -1.55 39.89 -12.63
C THR E 212 -2.33 40.06 -11.33
N VAL E 213 -1.84 40.95 -10.49
CA VAL E 213 -2.42 41.22 -9.17
C VAL E 213 -2.64 42.72 -9.05
N SER E 214 -3.85 43.11 -8.66
CA SER E 214 -4.16 44.51 -8.43
C SER E 214 -4.05 44.84 -6.95
N PRO E 215 -3.47 45.96 -6.53
CA PRO E 215 -3.57 46.35 -5.12
C PRO E 215 -5.01 46.68 -4.75
N ASN E 216 -5.35 46.42 -3.49
CA ASN E 216 -6.69 46.69 -2.97
C ASN E 216 -6.56 47.55 -1.71
N ILE E 217 -6.73 48.87 -1.89
CA ILE E 217 -6.60 49.81 -0.78
C ILE E 217 -7.81 49.71 0.11
N GLY E 218 -7.57 49.61 1.41
CA GLY E 218 -8.62 49.57 2.38
C GLY E 218 -8.04 49.23 3.73
N SER E 219 -8.84 49.44 4.77
CA SER E 219 -8.37 49.20 6.12
C SER E 219 -8.55 47.73 6.44
N ARG E 220 -7.59 47.17 7.15
CA ARG E 220 -7.62 45.81 7.63
C ARG E 220 -7.33 45.84 9.12
N PRO E 221 -7.72 44.81 9.88
CA PRO E 221 -7.39 44.80 11.30
C PRO E 221 -5.88 44.93 11.49
N ARG E 222 -5.48 45.77 12.44
CA ARG E 222 -4.06 46.00 12.64
C ARG E 222 -3.39 44.75 13.21
N VAL E 223 -2.26 44.39 12.62
CA VAL E 223 -1.39 43.33 13.10
C VAL E 223 -0.06 44.00 13.35
N ARG E 224 0.39 43.96 14.61
CA ARG E 224 1.60 44.68 15.01
C ARG E 224 1.51 46.15 14.63
N ASN E 225 0.31 46.72 14.82
CA ASN E 225 0.00 48.12 14.55
C ASN E 225 0.07 48.50 13.06
N ILE E 226 0.07 47.54 12.16
CA ILE E 226 0.11 47.81 10.71
C ILE E 226 -1.28 47.56 10.13
N PRO E 227 -1.96 48.57 9.58
CA PRO E 227 -3.29 48.35 8.99
C PRO E 227 -3.25 47.83 7.55
N SER E 228 -2.07 47.70 6.96
CA SER E 228 -1.85 47.32 5.58
C SER E 228 -1.39 45.88 5.51
N ARG E 229 -1.33 45.32 4.29
CA ARG E 229 -0.87 43.95 4.11
C ARG E 229 0.01 43.85 2.88
N ILE E 230 0.89 42.85 2.88
CA ILE E 230 1.64 42.45 1.69
C ILE E 230 1.21 41.04 1.29
N SER E 231 0.79 40.87 0.04
CA SER E 231 0.45 39.56 -0.49
C SER E 231 1.70 39.01 -1.16
N ILE E 232 1.98 37.73 -0.95
CA ILE E 232 3.15 37.06 -1.50
C ILE E 232 2.76 36.15 -2.64
N TYR E 233 3.45 36.31 -3.76
CA TYR E 233 3.29 35.52 -4.97
C TYR E 233 4.65 34.97 -5.32
N TRP E 234 4.67 33.87 -6.06
CA TRP E 234 5.91 33.27 -6.51
C TRP E 234 5.78 32.85 -7.96
N THR E 235 6.92 32.79 -8.64
CA THR E 235 6.98 32.31 -10.02
C THR E 235 8.24 31.47 -10.21
N ILE E 236 8.14 30.48 -11.08
CA ILE E 236 9.25 29.60 -11.40
C ILE E 236 9.62 29.88 -12.86
N VAL E 237 10.89 30.22 -13.08
CA VAL E 237 11.41 30.59 -14.38
C VAL E 237 12.29 29.43 -14.84
N LYS E 238 11.91 28.81 -15.95
CA LYS E 238 12.63 27.66 -16.46
C LYS E 238 13.89 28.11 -17.18
N PRO E 239 14.90 27.24 -17.32
CA PRO E 239 16.09 27.61 -18.10
C PRO E 239 15.71 28.09 -19.49
N GLY E 240 16.29 29.21 -19.90
CA GLY E 240 16.02 29.77 -21.20
C GLY E 240 14.88 30.77 -21.21
N ASP E 241 14.11 30.86 -20.13
CA ASP E 241 12.98 31.76 -20.05
C ASP E 241 13.43 33.13 -19.53
N ILE E 242 12.49 34.07 -19.47
CA ILE E 242 12.75 35.45 -19.05
C ILE E 242 11.67 35.89 -18.07
N LEU E 243 12.07 36.52 -16.97
CA LEU E 243 11.14 37.10 -16.02
C LEU E 243 10.97 38.58 -16.34
N LEU E 244 9.75 39.03 -16.61
CA LEU E 244 9.49 40.43 -16.90
C LEU E 244 8.49 40.94 -15.87
N ILE E 245 8.87 42.02 -15.17
CA ILE E 245 8.04 42.64 -14.15
C ILE E 245 7.57 43.99 -14.68
N ASN E 246 6.25 44.12 -14.84
CA ASN E 246 5.56 45.29 -15.36
C ASN E 246 4.73 45.87 -14.21
N SER E 247 5.15 47.02 -13.69
CA SER E 247 4.48 47.57 -12.50
C SER E 247 4.45 49.09 -12.46
N THR E 248 3.31 49.62 -12.02
CA THR E 248 3.12 51.06 -11.85
C THR E 248 3.14 51.48 -10.38
N GLY E 249 3.29 50.54 -9.45
CA GLY E 249 3.27 50.85 -8.03
C GLY E 249 2.87 49.65 -7.22
N ASN E 250 3.03 49.80 -5.89
CA ASN E 250 2.64 48.79 -4.92
C ASN E 250 3.40 47.48 -5.09
N LEU E 251 4.62 47.52 -5.62
CA LEU E 251 5.40 46.32 -5.86
C LEU E 251 6.41 46.09 -4.75
N ILE E 252 6.40 44.87 -4.22
CA ILE E 252 7.43 44.38 -3.31
C ILE E 252 8.30 43.50 -4.18
N ALA E 253 9.40 44.04 -4.63
CA ALA E 253 10.22 43.43 -5.66
C ALA E 253 11.10 42.30 -5.13
N PRO E 254 11.46 41.33 -5.97
CA PRO E 254 12.47 40.35 -5.57
C PRO E 254 13.85 40.98 -5.54
N ARG E 255 14.72 40.38 -4.74
CA ARG E 255 16.14 40.74 -4.68
C ARG E 255 17.01 39.72 -5.38
N GLY E 256 16.42 38.70 -5.97
CA GLY E 256 17.15 37.60 -6.56
C GLY E 256 16.25 36.39 -6.60
N TYR E 257 16.87 35.22 -6.68
CA TYR E 257 16.14 33.96 -6.82
C TYR E 257 16.62 32.90 -5.85
N PHE E 258 15.71 31.96 -5.59
CA PHE E 258 15.96 30.76 -4.82
C PHE E 258 16.13 29.60 -5.78
N LYS E 259 16.99 28.65 -5.43
CA LYS E 259 17.16 27.44 -6.23
C LYS E 259 16.06 26.42 -5.96
N ILE E 260 15.69 25.69 -7.01
CA ILE E 260 14.77 24.57 -6.94
C ILE E 260 15.53 23.30 -7.27
N ARG E 261 15.47 22.31 -6.38
CA ARG E 261 16.14 21.03 -6.57
C ARG E 261 15.13 19.91 -6.39
N SER E 262 15.43 18.76 -6.97
CA SER E 262 14.67 17.55 -6.70
C SER E 262 15.40 16.86 -5.56
N GLY E 263 14.67 16.18 -4.70
CA GLY E 263 15.34 15.53 -3.60
C GLY E 263 14.38 14.87 -2.64
N LYS E 264 14.94 14.52 -1.49
CA LYS E 264 14.24 13.83 -0.41
C LYS E 264 13.80 14.77 0.70
N SER E 265 13.93 16.08 0.51
CA SER E 265 13.62 17.04 1.57
C SER E 265 12.11 17.11 1.84
N SER E 266 11.77 17.42 3.09
CA SER E 266 10.38 17.64 3.48
C SER E 266 10.35 18.54 4.70
N ILE E 267 9.14 18.89 5.14
CA ILE E 267 8.90 19.70 6.34
C ILE E 267 7.95 18.95 7.26
N MET E 268 8.24 19.02 8.56
CA MET E 268 7.45 18.38 9.60
C MET E 268 7.17 19.39 10.71
N ARG E 269 5.99 19.28 11.32
CA ARG E 269 5.61 20.10 12.46
C ARG E 269 5.79 19.24 13.71
N SER E 270 6.69 19.67 14.59
CA SER E 270 6.96 18.89 15.79
C SER E 270 7.62 19.77 16.84
N ASP E 271 7.21 19.57 18.10
CA ASP E 271 7.82 20.24 19.24
C ASP E 271 8.81 19.35 19.98
N ALA E 272 9.13 18.18 19.43
CA ALA E 272 10.07 17.28 20.08
C ALA E 272 11.48 17.88 20.05
N PRO E 273 12.28 17.70 21.09
CA PRO E 273 13.66 18.19 21.04
C PRO E 273 14.49 17.36 20.07
N ILE E 274 15.58 17.96 19.61
CA ILE E 274 16.52 17.31 18.70
C ILE E 274 17.76 16.94 19.52
N GLY E 275 18.11 15.65 19.50
CA GLY E 275 19.21 15.12 20.29
C GLY E 275 20.30 14.46 19.48
N LYS E 276 21.27 13.85 20.18
CA LYS E 276 22.41 13.18 19.56
C LYS E 276 22.12 11.68 19.53
N CYS E 277 21.67 11.21 18.37
CA CYS E 277 21.24 9.82 18.19
C CYS E 277 21.26 9.55 16.69
N ASN E 278 21.05 8.28 16.33
CA ASN E 278 21.05 7.86 14.93
C ASN E 278 19.84 6.96 14.71
N SER E 279 18.89 7.45 13.91
CA SER E 279 17.67 6.71 13.61
C SER E 279 17.21 7.12 12.22
N GLU E 280 16.79 6.13 11.43
CA GLU E 280 16.34 6.37 10.07
C GLU E 280 14.89 6.81 9.96
N CYS E 281 14.15 6.85 11.07
CA CYS E 281 12.73 7.17 11.08
C CYS E 281 12.44 8.32 12.03
N ILE E 282 11.92 9.43 11.50
CA ILE E 282 11.57 10.61 12.29
C ILE E 282 10.05 10.77 12.26
N THR E 283 9.44 10.93 13.44
CA THR E 283 8.02 11.20 13.57
C THR E 283 7.82 12.48 14.38
N PRO E 284 6.62 13.08 14.38
CA PRO E 284 6.38 14.23 15.25
C PRO E 284 6.60 13.95 16.73
N ASN E 285 6.61 12.69 17.16
CA ASN E 285 6.84 12.32 18.55
C ASN E 285 8.32 12.06 18.82
N GLY E 286 9.18 12.24 17.82
CA GLY E 286 10.59 11.93 17.91
C GLY E 286 10.90 10.72 17.04
N SER E 287 12.17 10.37 16.99
CA SER E 287 12.56 9.22 16.18
C SER E 287 12.06 7.94 16.83
N ILE E 288 11.82 6.92 16.01
CA ILE E 288 11.44 5.60 16.50
C ILE E 288 12.34 4.54 15.87
N PRO E 289 12.49 3.38 16.51
CA PRO E 289 13.14 2.25 15.83
C PRO E 289 12.32 1.84 14.61
N ASN E 290 13.03 1.40 13.57
CA ASN E 290 12.41 0.96 12.32
C ASN E 290 12.65 -0.53 12.10
N ASP E 291 12.79 -1.30 13.17
CA ASP E 291 12.99 -2.73 13.05
C ASP E 291 11.65 -3.44 12.81
N LYS E 292 10.64 -3.11 13.60
CA LYS E 292 9.35 -3.76 13.44
C LYS E 292 8.67 -3.30 12.15
N PRO E 293 7.92 -4.19 11.47
CA PRO E 293 7.28 -3.77 10.21
C PRO E 293 6.20 -2.72 10.37
N PHE E 294 5.61 -2.57 11.55
CA PHE E 294 4.51 -1.62 11.77
C PHE E 294 4.78 -0.74 12.97
N GLN E 295 4.12 0.41 12.98
CA GLN E 295 4.17 1.36 14.08
C GLN E 295 2.77 1.88 14.41
N ASN E 296 2.60 2.31 15.66
CA ASN E 296 1.38 2.95 16.14
C ASN E 296 1.69 4.31 16.78
N VAL E 297 2.80 4.94 16.40
CA VAL E 297 3.19 6.21 17.02
C VAL E 297 2.57 7.39 16.29
N ASN E 298 2.71 7.48 14.97
CA ASN E 298 2.10 8.60 14.26
C ASN E 298 1.93 8.24 12.79
N ARG E 299 1.01 8.94 12.14
CA ARG E 299 0.79 8.82 10.70
C ARG E 299 1.73 9.70 9.89
N ILE E 300 2.30 10.73 10.51
CA ILE E 300 3.23 11.64 9.86
C ILE E 300 4.62 11.07 10.10
N THR E 301 5.31 10.70 9.04
CA THR E 301 6.62 10.08 9.16
C THR E 301 7.56 10.63 8.10
N TYR E 302 8.86 10.47 8.36
CA TYR E 302 9.91 10.80 7.39
C TYR E 302 11.01 9.76 7.49
N GLY E 303 11.45 9.27 6.34
CA GLY E 303 12.53 8.30 6.29
C GLY E 303 12.02 6.87 6.25
N ALA E 304 12.90 5.97 6.70
CA ALA E 304 12.64 4.52 6.62
C ALA E 304 11.79 4.10 7.82
N CYS E 305 10.47 4.52 7.76
CA CYS E 305 9.57 4.31 8.89
C CYS E 305 8.66 3.10 8.69
N PRO E 306 8.31 2.38 9.77
CA PRO E 306 7.27 1.34 9.65
C PRO E 306 5.93 1.92 9.21
N ARG E 307 5.09 1.06 8.66
CA ARG E 307 3.79 1.49 8.20
C ARG E 307 2.92 1.76 9.42
N TYR E 308 2.12 2.83 9.34
CA TYR E 308 1.23 3.17 10.45
C TYR E 308 -0.03 2.33 10.41
N VAL E 309 -0.36 1.72 11.54
CA VAL E 309 -1.54 0.90 11.71
C VAL E 309 -2.30 1.41 12.93
N LYS E 310 -3.58 1.03 13.02
CA LYS E 310 -4.41 1.42 14.16
C LYS E 310 -4.22 0.51 15.36
N GLN E 311 -3.79 -0.74 15.14
CA GLN E 311 -3.65 -1.68 16.24
C GLN E 311 -2.60 -1.21 17.23
N ASN E 312 -2.93 -1.30 18.52
CA ASN E 312 -1.96 -0.95 19.54
C ASN E 312 -0.90 -2.03 19.67
N THR E 313 -1.27 -3.28 19.40
CA THR E 313 -0.35 -4.40 19.51
C THR E 313 -0.70 -5.47 18.50
N LEU E 314 0.33 -6.12 17.96
CA LEU E 314 0.20 -7.28 17.10
C LEU E 314 1.33 -8.20 17.50
N LYS E 315 1.00 -9.40 17.97
CA LYS E 315 2.00 -10.34 18.45
C LYS E 315 2.13 -11.50 17.47
N LEU E 316 3.35 -11.72 17.01
CA LEU E 316 3.67 -12.77 16.04
C LEU E 316 4.26 -13.93 16.81
N ALA E 317 3.64 -15.10 16.68
CA ALA E 317 4.15 -16.26 17.39
C ALA E 317 5.53 -16.60 16.88
N THR E 318 6.42 -16.93 17.80
CA THR E 318 7.77 -17.37 17.52
C THR E 318 8.02 -18.68 18.26
N GLY E 319 6.96 -19.45 18.43
CA GLY E 319 7.05 -20.68 19.17
C GLY E 319 5.83 -21.54 18.97
N MET E 320 5.77 -22.57 19.80
CA MET E 320 4.81 -23.65 19.82
C MET E 320 3.58 -23.33 20.67
N ARG E 321 2.49 -24.06 20.42
CA ARG E 321 1.35 -24.01 21.33
C ARG E 321 1.86 -24.39 22.72
N ASN E 322 1.38 -23.69 23.74
CA ASN E 322 1.95 -23.92 25.07
C ASN E 322 1.45 -25.22 25.68
N VAL E 323 0.13 -25.41 25.72
CA VAL E 323 -0.56 -26.58 26.26
C VAL E 323 0.11 -27.05 27.55
N PRO E 324 0.16 -26.23 28.61
CA PRO E 324 0.93 -26.61 29.80
C PRO E 324 0.33 -27.79 30.54
N GLU E 325 1.20 -28.51 31.26
CA GLU E 325 0.78 -29.67 32.06
C GLU E 325 -0.31 -29.31 33.05
N ILE E 335 3.46 -41.40 32.69
CA ILE E 335 4.06 -40.41 31.80
C ILE E 335 3.20 -40.32 30.52
N ALA E 336 3.31 -39.20 29.81
CA ALA E 336 2.52 -38.96 28.60
C ALA E 336 3.27 -38.02 27.68
N GLY E 337 2.91 -38.04 26.39
CA GLY E 337 3.54 -37.23 25.40
C GLY E 337 2.67 -36.10 24.87
N PHE E 338 3.00 -35.64 23.67
CA PHE E 338 2.38 -34.47 23.05
C PHE E 338 0.87 -34.59 22.85
N ILE E 339 0.31 -35.80 22.81
CA ILE E 339 -1.13 -35.93 22.60
C ILE E 339 -1.89 -35.41 23.82
N GLU E 340 -1.39 -35.66 25.03
CA GLU E 340 -2.12 -35.22 26.22
C GLU E 340 -1.70 -33.82 26.65
N ASN E 341 -0.41 -33.51 26.64
CA ASN E 341 0.04 -32.18 27.06
C ASN E 341 1.49 -31.99 26.65
N GLY E 342 2.00 -30.77 26.88
CA GLY E 342 3.41 -30.48 26.70
C GLY E 342 4.19 -30.75 27.96
N TRP E 343 5.51 -30.66 27.85
CA TRP E 343 6.41 -30.93 28.97
C TRP E 343 7.03 -29.63 29.46
N GLU E 344 6.72 -29.24 30.69
CA GLU E 344 7.23 -28.00 31.24
C GLU E 344 8.67 -28.10 31.73
N GLY E 345 9.21 -29.32 31.87
CA GLY E 345 10.55 -29.54 32.36
C GLY E 345 11.67 -29.49 31.35
N MET E 346 11.39 -29.24 30.07
CA MET E 346 12.42 -29.20 29.05
C MET E 346 13.01 -27.79 28.95
N VAL E 347 14.34 -27.72 28.92
CA VAL E 347 15.07 -26.47 28.76
C VAL E 347 16.10 -26.57 27.63
N ASP E 348 16.34 -27.78 27.11
CA ASP E 348 17.40 -28.00 26.14
C ASP E 348 16.94 -27.77 24.71
N GLY E 349 15.66 -27.98 24.45
CA GLY E 349 15.14 -27.89 23.10
C GLY E 349 13.63 -27.82 23.14
N TRP E 350 13.03 -27.88 21.95
CA TRP E 350 11.59 -27.74 21.84
C TRP E 350 10.89 -29.08 21.71
N TYR E 351 11.56 -30.08 21.13
CA TYR E 351 11.02 -31.40 20.91
C TYR E 351 11.95 -32.41 21.58
N GLY E 352 11.38 -33.51 22.05
CA GLY E 352 12.24 -34.48 22.66
C GLY E 352 11.54 -35.77 23.04
N PHE E 353 12.30 -36.60 23.75
CA PHE E 353 11.93 -37.92 24.18
C PHE E 353 12.02 -38.01 25.70
N ARG E 354 11.15 -38.82 26.27
CA ARG E 354 11.11 -39.17 27.67
C ARG E 354 10.92 -40.68 27.69
N HIS E 355 11.53 -41.39 28.63
CA HIS E 355 11.35 -42.83 28.65
C HIS E 355 11.31 -43.39 30.07
N GLN E 356 10.67 -44.56 30.16
CA GLN E 356 10.63 -45.41 31.35
C GLN E 356 11.06 -46.80 30.91
N ASN E 357 12.18 -47.29 31.45
CA ASN E 357 12.70 -48.61 31.08
C ASN E 357 13.12 -49.36 32.34
N SER E 358 13.93 -50.40 32.16
CA SER E 358 14.38 -51.27 33.25
C SER E 358 15.39 -50.60 34.17
N GLU E 359 15.98 -49.47 33.78
CA GLU E 359 16.95 -48.77 34.59
C GLU E 359 16.34 -47.63 35.39
N GLY E 360 15.30 -47.01 34.85
CA GLY E 360 14.65 -45.88 35.47
C GLY E 360 14.11 -44.97 34.39
N ARG E 361 13.81 -43.73 34.79
CA ARG E 361 13.25 -42.74 33.88
C ARG E 361 14.36 -41.86 33.32
N GLY E 362 14.06 -41.22 32.19
CA GLY E 362 15.00 -40.27 31.64
C GLY E 362 14.35 -39.40 30.60
N GLN E 363 15.12 -38.43 30.12
CA GLN E 363 14.65 -37.45 29.15
C GLN E 363 15.82 -36.91 28.35
N ALA E 364 15.61 -36.71 27.05
CA ALA E 364 16.62 -36.11 26.19
C ALA E 364 15.89 -35.36 25.08
N ALA E 365 16.42 -34.19 24.70
CA ALA E 365 15.79 -33.43 23.64
C ALA E 365 16.22 -33.89 22.26
N ASP E 366 15.31 -33.74 21.29
CA ASP E 366 15.59 -33.97 19.87
C ASP E 366 15.91 -32.61 19.27
N LEU E 367 17.18 -32.36 19.02
CA LEU E 367 17.64 -31.04 18.66
C LEU E 367 17.54 -30.75 17.17
N LYS E 368 17.47 -31.78 16.32
CA LYS E 368 17.36 -31.54 14.89
C LYS E 368 15.99 -31.01 14.50
N SER E 369 14.92 -31.54 15.11
CA SER E 369 13.60 -31.03 14.79
C SER E 369 13.36 -29.68 15.45
N THR E 370 14.01 -29.45 16.59
CA THR E 370 13.93 -28.15 17.23
C THR E 370 14.55 -27.09 16.33
N GLN E 371 15.74 -27.40 15.79
CA GLN E 371 16.37 -26.42 14.92
C GLN E 371 15.60 -26.26 13.62
N ALA E 372 15.00 -27.32 13.08
CA ALA E 372 14.22 -27.16 11.86
C ALA E 372 13.05 -26.20 12.09
N ALA E 373 12.35 -26.35 13.21
CA ALA E 373 11.26 -25.44 13.52
C ALA E 373 11.77 -24.01 13.73
N ILE E 374 12.91 -23.89 14.40
CA ILE E 374 13.47 -22.57 14.65
C ILE E 374 13.89 -21.91 13.35
N ASP E 375 14.53 -22.68 12.46
CA ASP E 375 14.93 -22.12 11.17
C ASP E 375 13.73 -21.63 10.38
N GLN E 376 12.61 -22.36 10.44
CA GLN E 376 11.41 -21.89 9.73
C GLN E 376 10.87 -20.61 10.36
N ILE E 377 10.91 -20.51 11.69
CA ILE E 377 10.46 -19.29 12.35
C ILE E 377 11.41 -18.15 12.01
N ASN E 378 12.72 -18.42 11.98
CA ASN E 378 13.69 -17.40 11.62
C ASN E 378 13.41 -16.91 10.20
N GLY E 379 12.99 -17.82 9.33
CA GLY E 379 12.61 -17.41 7.99
C GLY E 379 11.45 -16.43 8.00
N LYS E 380 10.39 -16.77 8.75
CA LYS E 380 9.26 -15.84 8.82
C LYS E 380 9.67 -14.48 9.38
N LEU E 381 10.50 -14.48 10.42
CA LEU E 381 10.92 -13.22 11.03
C LEU E 381 11.78 -12.39 10.09
N ASN E 382 12.64 -13.05 9.31
CA ASN E 382 13.50 -12.33 8.38
C ASN E 382 12.72 -11.53 7.34
N ARG E 383 11.53 -11.99 6.94
CA ARG E 383 10.79 -11.28 5.92
C ARG E 383 10.07 -10.05 6.46
N LEU E 384 10.06 -9.83 7.78
CA LEU E 384 9.34 -8.72 8.40
C LEU E 384 10.25 -7.69 9.02
N ILE E 385 11.27 -8.11 9.76
CA ILE E 385 12.13 -7.20 10.51
C ILE E 385 13.22 -6.69 9.58
N GLY E 386 13.38 -5.37 9.54
CA GLY E 386 14.39 -4.75 8.72
C GLY E 386 14.07 -4.62 7.24
N LYS E 387 12.78 -4.66 6.88
CA LYS E 387 12.35 -4.55 5.49
C LYS E 387 11.57 -3.25 5.25
N THR E 388 11.75 -2.28 6.14
CA THR E 388 11.02 -1.02 6.13
C THR E 388 11.15 -0.22 4.83
N ASN E 389 10.00 0.24 4.33
CA ASN E 389 9.95 1.05 3.11
C ASN E 389 10.25 2.51 3.47
N GLU E 390 11.01 3.19 2.62
CA GLU E 390 11.44 4.57 2.88
C GLU E 390 10.63 5.59 2.09
N LYS E 391 10.04 6.55 2.82
CA LYS E 391 9.21 7.61 2.25
C LYS E 391 9.72 8.94 2.77
N PHE E 392 9.60 10.00 1.96
CA PHE E 392 10.08 11.31 2.36
C PHE E 392 9.00 12.40 2.40
N HIS E 393 8.79 13.10 1.28
CA HIS E 393 7.77 14.15 1.22
C HIS E 393 6.41 13.52 1.00
N GLN E 394 5.43 13.93 1.81
CA GLN E 394 4.09 13.38 1.74
C GLN E 394 3.09 14.52 1.91
N ILE E 395 1.81 14.17 1.83
CA ILE E 395 0.75 15.16 2.02
C ILE E 395 0.67 15.56 3.49
N GLU E 396 0.00 16.67 3.74
CA GLU E 396 -0.25 17.08 5.11
C GLU E 396 -1.35 16.18 5.67
N LYS E 397 -1.16 15.75 6.92
CA LYS E 397 -2.09 14.85 7.58
C LYS E 397 -2.85 15.48 8.74
N GLU E 398 -2.36 16.60 9.28
CA GLU E 398 -3.01 17.34 10.35
C GLU E 398 -3.23 18.76 9.85
N PHE E 399 -4.38 19.33 10.19
CA PHE E 399 -4.76 20.66 9.73
C PHE E 399 -5.22 21.50 10.92
N SER E 400 -4.88 22.79 10.88
CA SER E 400 -5.28 23.72 11.91
C SER E 400 -6.50 24.57 11.52
N GLU E 401 -6.82 24.66 10.24
CA GLU E 401 -7.91 25.49 9.75
C GLU E 401 -8.84 24.66 8.88
N VAL E 402 -10.10 25.06 8.86
CA VAL E 402 -11.09 24.45 7.99
C VAL E 402 -10.94 25.10 6.61
N GLU E 403 -10.83 24.28 5.57
CA GLU E 403 -10.56 24.78 4.22
C GLU E 403 -11.61 24.39 3.19
N GLY E 404 -11.95 23.12 3.06
CA GLY E 404 -12.85 22.75 1.97
C GLY E 404 -12.60 21.32 1.50
N ARG E 405 -12.95 21.09 0.23
CA ARG E 405 -12.94 19.75 -0.35
C ARG E 405 -11.54 19.17 -0.50
N ILE E 406 -10.52 20.01 -0.64
CA ILE E 406 -9.17 19.48 -0.80
C ILE E 406 -8.69 18.89 0.51
N GLN E 407 -8.94 19.58 1.62
CA GLN E 407 -8.58 19.04 2.93
C GLN E 407 -9.34 17.75 3.20
N ASP E 408 -10.61 17.71 2.80
CA ASP E 408 -11.42 16.50 2.99
C ASP E 408 -10.85 15.35 2.18
N LEU E 409 -10.38 15.63 0.96
CA LEU E 409 -9.79 14.58 0.14
C LEU E 409 -8.48 14.08 0.73
N GLU E 410 -7.65 15.00 1.24
CA GLU E 410 -6.39 14.58 1.84
C GLU E 410 -6.64 13.70 3.07
N LYS E 411 -7.64 14.07 3.87
CA LYS E 411 -8.00 13.25 5.03
C LYS E 411 -8.54 11.89 4.60
N TYR E 412 -9.37 11.88 3.55
CA TYR E 412 -9.93 10.63 3.07
C TYR E 412 -8.84 9.70 2.57
N VAL E 413 -7.88 10.23 1.80
CA VAL E 413 -6.79 9.41 1.28
C VAL E 413 -5.98 8.83 2.41
N GLU E 414 -5.67 9.63 3.44
CA GLU E 414 -4.88 9.10 4.54
C GLU E 414 -5.66 8.06 5.34
N ASP E 415 -6.96 8.28 5.55
CA ASP E 415 -7.73 7.29 6.31
C ASP E 415 -7.86 6.00 5.52
N THR E 416 -7.98 6.10 4.19
CA THR E 416 -8.05 4.90 3.36
C THR E 416 -6.76 4.10 3.45
N LYS E 417 -5.63 4.80 3.35
CA LYS E 417 -4.33 4.13 3.45
C LYS E 417 -4.18 3.46 4.80
N ILE E 418 -4.59 4.13 5.88
CA ILE E 418 -4.44 3.57 7.21
C ILE E 418 -5.33 2.35 7.37
N ASP E 419 -6.58 2.42 6.91
CA ASP E 419 -7.48 1.28 7.04
C ASP E 419 -6.96 0.07 6.28
N LEU E 420 -6.42 0.30 5.08
CA LEU E 420 -5.91 -0.81 4.29
C LEU E 420 -4.64 -1.42 4.88
N TRP E 421 -3.73 -0.58 5.40
CA TRP E 421 -2.54 -1.15 6.01
C TRP E 421 -2.85 -1.83 7.34
N SER E 422 -3.84 -1.35 8.08
CA SER E 422 -4.21 -2.02 9.32
C SER E 422 -4.81 -3.39 9.00
N TYR E 423 -5.63 -3.45 7.95
CA TYR E 423 -6.16 -4.74 7.53
C TYR E 423 -5.04 -5.69 7.12
N ASN E 424 -4.09 -5.19 6.33
CA ASN E 424 -3.00 -6.04 5.88
C ASN E 424 -2.17 -6.55 7.06
N ALA E 425 -1.93 -5.68 8.05
CA ALA E 425 -1.17 -6.11 9.22
C ALA E 425 -1.91 -7.19 10.01
N GLU E 426 -3.24 -7.04 10.12
CA GLU E 426 -4.01 -8.01 10.88
C GLU E 426 -4.04 -9.35 10.18
N LEU E 427 -4.25 -9.34 8.86
CA LEU E 427 -4.32 -10.59 8.12
C LEU E 427 -2.96 -11.25 8.07
N LEU E 428 -1.90 -10.47 7.92
CA LEU E 428 -0.55 -11.02 7.85
C LEU E 428 -0.20 -11.72 9.16
N VAL E 429 -0.49 -11.09 10.29
CA VAL E 429 -0.14 -11.69 11.56
C VAL E 429 -0.98 -12.95 11.79
N ALA E 430 -2.27 -12.91 11.50
CA ALA E 430 -3.09 -14.11 11.70
C ALA E 430 -2.61 -15.28 10.81
N LEU E 431 -2.25 -14.99 9.55
CA LEU E 431 -1.78 -16.04 8.66
C LEU E 431 -0.44 -16.61 9.10
N GLU E 432 0.50 -15.75 9.49
CA GLU E 432 1.80 -16.24 9.90
C GLU E 432 1.71 -17.00 11.22
N ASN E 433 0.83 -16.58 12.13
CA ASN E 433 0.71 -17.34 13.37
C ASN E 433 0.09 -18.69 13.11
N GLN E 434 -0.88 -18.76 12.18
CA GLN E 434 -1.49 -20.04 11.86
C GLN E 434 -0.46 -20.97 11.23
N HIS E 435 0.40 -20.43 10.37
CA HIS E 435 1.40 -21.29 9.74
C HIS E 435 2.48 -21.69 10.74
N THR E 436 2.85 -20.81 11.68
CA THR E 436 3.85 -21.19 12.66
C THR E 436 3.36 -22.36 13.51
N ILE E 437 2.09 -22.29 13.92
CA ILE E 437 1.51 -23.36 14.73
C ILE E 437 1.41 -24.65 13.93
N ASP E 438 0.97 -24.55 12.67
CA ASP E 438 0.84 -25.75 11.87
C ASP E 438 2.20 -26.40 11.64
N LEU E 439 3.24 -25.58 11.48
CA LEU E 439 4.59 -26.09 11.29
C LEU E 439 5.11 -26.79 12.53
N THR E 440 4.84 -26.25 13.72
CA THR E 440 5.37 -26.91 14.89
C THR E 440 4.60 -28.19 15.19
N ASP E 441 3.32 -28.22 14.82
CA ASP E 441 2.57 -29.46 14.97
C ASP E 441 3.07 -30.48 13.95
N SER E 442 3.42 -30.00 12.75
CA SER E 442 3.97 -30.88 11.72
C SER E 442 5.29 -31.46 12.16
N GLU E 443 6.16 -30.65 12.76
CA GLU E 443 7.44 -31.16 13.22
C GLU E 443 7.25 -32.19 14.32
N MET E 444 6.27 -31.98 15.21
CA MET E 444 6.01 -32.99 16.24
C MET E 444 5.54 -34.28 15.60
N ASN E 445 4.67 -34.17 14.58
CA ASN E 445 4.14 -35.35 13.92
C ASN E 445 5.22 -36.05 13.09
N LYS E 446 6.13 -35.29 12.48
CA LYS E 446 7.21 -35.91 11.73
C LYS E 446 8.13 -36.67 12.66
N LEU E 447 8.39 -36.14 13.85
CA LEU E 447 9.24 -36.86 14.78
C LEU E 447 8.56 -38.13 15.25
N PHE E 448 7.24 -38.05 15.51
CA PHE E 448 6.51 -39.24 15.93
C PHE E 448 6.52 -40.30 14.84
N GLU E 449 6.24 -39.91 13.60
CA GLU E 449 6.25 -40.87 12.50
C GLU E 449 7.65 -41.43 12.27
N LYS E 450 8.69 -40.61 12.42
CA LYS E 450 10.05 -41.11 12.26
C LYS E 450 10.32 -42.20 13.28
N THR E 451 9.93 -41.97 14.54
CA THR E 451 10.16 -42.96 15.57
C THR E 451 9.34 -44.22 15.30
N LYS E 452 8.07 -44.05 14.90
CA LYS E 452 7.22 -45.21 14.62
C LYS E 452 7.77 -46.05 13.48
N LYS E 453 8.21 -45.41 12.39
CA LYS E 453 8.78 -46.18 11.27
C LYS E 453 10.10 -46.83 11.66
N GLN E 454 10.91 -46.16 12.49
CA GLN E 454 12.16 -46.78 12.92
C GLN E 454 11.91 -48.01 13.78
N LEU E 455 10.94 -47.94 14.69
CA LEU E 455 10.64 -49.09 15.54
C LEU E 455 9.93 -50.20 14.77
N ARG E 456 9.17 -49.84 13.73
CA ARG E 456 8.41 -50.78 12.90
C ARG E 456 7.53 -51.70 13.77
N GLU E 457 7.80 -53.01 13.78
CA GLU E 457 6.97 -53.98 14.48
C GLU E 457 7.41 -54.26 15.91
N ASN E 458 8.42 -53.56 16.42
CA ASN E 458 8.90 -53.81 17.77
C ASN E 458 8.19 -52.97 18.83
N ALA E 459 7.21 -52.15 18.43
CA ALA E 459 6.53 -51.30 19.39
C ALA E 459 5.11 -51.02 18.91
N GLU E 460 4.24 -50.68 19.86
CA GLU E 460 2.86 -50.32 19.58
C GLU E 460 2.58 -48.89 20.03
N ASP E 461 1.75 -48.19 19.26
CA ASP E 461 1.32 -46.83 19.58
C ASP E 461 0.19 -46.89 20.60
N MET E 462 0.40 -46.34 21.79
CA MET E 462 -0.58 -46.42 22.87
C MET E 462 -1.62 -45.30 22.83
N GLY E 463 -1.57 -44.39 21.86
CA GLY E 463 -2.56 -43.35 21.72
C GLY E 463 -2.33 -42.07 22.50
N ASN E 464 -1.24 -41.97 23.26
CA ASN E 464 -0.92 -40.79 24.05
C ASN E 464 0.39 -40.15 23.60
N GLY E 465 0.83 -40.44 22.38
CA GLY E 465 2.10 -39.94 21.88
C GLY E 465 3.28 -40.78 22.29
N CYS E 466 3.05 -41.94 22.89
CA CYS E 466 4.08 -42.84 23.38
C CYS E 466 4.01 -44.18 22.67
N PHE E 467 5.16 -44.85 22.64
CA PHE E 467 5.29 -46.20 22.12
C PHE E 467 5.58 -47.15 23.27
N LYS E 468 4.97 -48.33 23.22
CA LYS E 468 5.31 -49.42 24.13
C LYS E 468 6.23 -50.33 23.34
N ILE E 469 7.46 -50.48 23.81
CA ILE E 469 8.48 -51.28 23.16
C ILE E 469 8.52 -52.61 23.89
N TYR E 470 8.19 -53.68 23.17
CA TYR E 470 7.99 -54.99 23.78
C TYR E 470 9.28 -55.81 23.87
N HIS E 471 10.32 -55.20 24.43
CA HIS E 471 11.57 -55.91 24.66
C HIS E 471 12.37 -55.11 25.67
N LYS E 472 13.36 -55.77 26.26
CA LYS E 472 14.30 -55.05 27.12
C LYS E 472 15.06 -54.04 26.27
N CYS E 473 15.09 -52.80 26.73
CA CYS E 473 15.70 -51.70 26.00
C CYS E 473 16.37 -50.82 27.05
N ASP E 474 17.70 -50.87 27.09
CA ASP E 474 18.48 -50.17 28.09
C ASP E 474 18.69 -48.73 27.61
N ASN E 475 19.50 -47.95 28.34
CA ASN E 475 19.66 -46.56 27.94
C ASN E 475 20.40 -46.45 26.62
N ALA E 476 21.31 -47.38 26.32
CA ALA E 476 21.97 -47.36 25.01
C ALA E 476 20.95 -47.61 23.91
N CYS E 477 20.01 -48.53 24.15
CA CYS E 477 18.93 -48.80 23.21
C CYS E 477 18.08 -47.56 22.95
N ILE E 478 17.64 -46.88 24.02
CA ILE E 478 16.83 -45.68 23.87
C ILE E 478 17.63 -44.60 23.14
N GLY E 479 18.90 -44.43 23.51
CA GLY E 479 19.74 -43.46 22.81
C GLY E 479 19.89 -43.79 21.34
N SER E 480 19.99 -45.08 21.02
CA SER E 480 20.09 -45.51 19.63
C SER E 480 18.83 -45.13 18.88
N ILE E 481 17.68 -45.28 19.53
CA ILE E 481 16.42 -44.89 18.90
C ILE E 481 16.39 -43.38 18.67
N ARG E 482 16.77 -42.62 19.70
CA ARG E 482 16.73 -41.15 19.62
C ARG E 482 17.62 -40.60 18.52
N ASN E 483 18.82 -41.17 18.33
CA ASN E 483 19.77 -40.67 17.35
C ASN E 483 19.69 -41.37 15.99
N GLY E 484 18.67 -42.18 15.73
CA GLY E 484 18.48 -42.79 14.43
C GLY E 484 19.35 -43.97 14.08
N THR E 485 19.87 -44.70 15.06
CA THR E 485 20.74 -45.86 14.83
C THR E 485 20.14 -47.17 15.32
N TYR E 486 18.85 -47.18 15.68
CA TYR E 486 18.20 -48.39 16.18
C TYR E 486 18.21 -49.46 15.09
N ASP E 487 18.62 -50.67 15.44
CA ASP E 487 18.67 -51.79 14.50
C ASP E 487 17.40 -52.62 14.73
N HIS E 488 16.50 -52.53 13.76
CA HIS E 488 15.20 -53.21 13.83
C HIS E 488 15.30 -54.73 13.99
N ASP E 489 16.18 -55.39 13.24
CA ASP E 489 16.15 -56.85 13.22
C ASP E 489 16.64 -57.47 14.53
N VAL E 490 17.54 -56.78 15.23
CA VAL E 490 18.18 -57.34 16.42
C VAL E 490 17.15 -57.75 17.47
N TYR E 491 16.10 -56.95 17.63
CA TYR E 491 15.13 -57.21 18.68
C TYR E 491 13.82 -57.78 18.15
N ARG E 492 13.77 -58.11 16.84
CA ARG E 492 12.48 -58.46 16.25
C ARG E 492 11.90 -59.73 16.84
N ASP E 493 12.71 -60.74 17.06
CA ASP E 493 12.12 -62.00 17.51
C ASP E 493 11.63 -61.85 18.93
N GLU E 494 12.39 -61.12 19.75
CA GLU E 494 11.96 -60.96 21.13
C GLU E 494 10.67 -60.16 21.15
N ALA E 495 10.60 -59.11 20.34
CA ALA E 495 9.41 -58.28 20.36
C ALA E 495 8.21 -59.06 19.87
N LEU E 496 8.40 -59.91 18.85
CA LEU E 496 7.24 -60.64 18.36
C LEU E 496 6.78 -61.64 19.39
N ASN E 497 7.74 -62.24 20.12
CA ASN E 497 7.38 -63.16 21.19
C ASN E 497 6.52 -62.45 22.21
N ASN E 498 6.92 -61.23 22.57
CA ASN E 498 6.15 -60.49 23.55
C ASN E 498 4.83 -60.00 22.95
N ARG E 499 4.85 -59.57 21.68
CA ARG E 499 3.63 -58.98 21.13
C ARG E 499 2.54 -60.00 20.85
N PHE E 500 2.89 -61.14 20.25
CA PHE E 500 1.89 -62.10 19.79
C PHE E 500 1.95 -63.45 20.48
N GLN E 501 2.94 -63.69 21.34
CA GLN E 501 3.14 -65.00 21.96
C GLN E 501 3.27 -66.08 20.90
N ILE E 502 3.99 -65.76 19.83
CA ILE E 502 4.22 -66.67 18.70
C ILE E 502 2.88 -67.15 18.14
#